data_7H3T
# 
_entry.id   7H3T 
# 
_audit_conform.dict_name       mmcif_pdbx.dic 
_audit_conform.dict_version    5.397 
_audit_conform.dict_location   http://mmcif.pdb.org/dictionaries/ascii/mmcif_pdbx.dic 
# 
loop_
_database_2.database_id 
_database_2.database_code 
_database_2.pdbx_database_accession 
_database_2.pdbx_DOI 
PDB   7H3T         pdb_00007h3t 10.2210/pdb7h3t/pdb 
WWPDB D_1001406988 ?            ?                   
# 
loop_
_pdbx_audit_revision_history.ordinal 
_pdbx_audit_revision_history.data_content_type 
_pdbx_audit_revision_history.major_revision 
_pdbx_audit_revision_history.minor_revision 
_pdbx_audit_revision_history.revision_date 
1 'Structure model' 1 0 2024-04-24 
2 'Structure model' 1 1 2024-10-16 
# 
_pdbx_audit_revision_details.ordinal             1 
_pdbx_audit_revision_details.revision_ordinal    1 
_pdbx_audit_revision_details.data_content_type   'Structure model' 
_pdbx_audit_revision_details.provider            repository 
_pdbx_audit_revision_details.type                'Initial release' 
_pdbx_audit_revision_details.description         ? 
_pdbx_audit_revision_details.details             ? 
# 
loop_
_pdbx_audit_revision_group.ordinal 
_pdbx_audit_revision_group.revision_ordinal 
_pdbx_audit_revision_group.data_content_type 
_pdbx_audit_revision_group.group 
1 2 'Structure model' 'Database references' 
2 2 'Structure model' 'Structure summary'   
# 
loop_
_pdbx_audit_revision_category.ordinal 
_pdbx_audit_revision_category.revision_ordinal 
_pdbx_audit_revision_category.data_content_type 
_pdbx_audit_revision_category.category 
1 2 'Structure model' citation           
2 2 'Structure model' citation_author    
3 2 'Structure model' pdbx_entry_details 
# 
loop_
_pdbx_audit_revision_item.ordinal 
_pdbx_audit_revision_item.revision_ordinal 
_pdbx_audit_revision_item.data_content_type 
_pdbx_audit_revision_item.item 
1 2 'Structure model' '_citation.country'                 
2 2 'Structure model' '_citation.journal_abbrev'          
3 2 'Structure model' '_citation.journal_id_CSD'          
4 2 'Structure model' '_citation.journal_id_ISSN'         
5 2 'Structure model' '_citation.pdbx_database_id_DOI'    
6 2 'Structure model' '_citation.pdbx_database_id_PubMed' 
7 2 'Structure model' '_citation.title'                   
8 2 'Structure model' '_citation.year'                    
# 
_pdbx_database_status.entry_id                        7H3T 
_pdbx_database_status.status_code                     REL 
_pdbx_database_status.status_code_sf                  REL 
_pdbx_database_status.status_code_mr                  ? 
_pdbx_database_status.status_code_cs                  ? 
_pdbx_database_status.recvd_initial_deposition_date   2024-04-04 
_pdbx_database_status.status_code_nmr_data            ? 
_pdbx_database_status.deposit_site                    RCSB 
_pdbx_database_status.process_site                    RCSB 
_pdbx_database_status.SG_entry                        ? 
_pdbx_database_status.pdb_format_compatible           N 
_pdbx_database_status.methods_development_category    ? 
# 
_pdbx_contact_author.id                 1 
_pdbx_contact_author.email              frank.von-delft@diamond.ac.uk 
_pdbx_contact_author.name_first         Frank 
_pdbx_contact_author.name_last          'von Delft' 
_pdbx_contact_author.role               'principal investigator/group leader' 
_pdbx_contact_author.identifier_ORCID   0000-0003-0378-0017 
_pdbx_contact_author.name_mi            ? 
# 
loop_
_audit_author.name 
_audit_author.pdbx_ordinal 
'Lithgo, R.M.'        1  
'Fairhead, M.'        2  
'Koekemoer, L.'       3  
'Balcomb, B.H.'       4  
'Capkin, E.'          5  
'Chandran, A.V.'      6  
'Golding, M.'         7  
'Godoy, A.S.'         8  
'Aschenbrenner, J.C.' 9  
'Marples, P.G.'       10 
'Ni, X.'              11 
'Thompson, W.'        12 
'Tomlinson, C.W.E.'   13 
'Wild, C.'            14 
'Winokan, M.'         15 
'Xavier, M.-A.E.'     16 
'Fearon, D.'          17 
'von Delft, F.'       18 
# 
_citation.id                        primary 
_citation.title                     
;Crystallographic Fragment Screen of Coxsackievirus A16 2A Protease identifies new opportunities for the development of broad-spectrum anti-enterovirals.
;
_citation.journal_abbrev            Biorxiv 
_citation.journal_volume            ? 
_citation.page_first                ? 
_citation.page_last                 ? 
_citation.year                      2024 
_citation.journal_id_ASTM           ? 
_citation.country                   US 
_citation.journal_id_ISSN           2692-8205 
_citation.journal_id_CSD            ? 
_citation.book_publisher            ? 
_citation.pdbx_database_id_PubMed   38746446 
_citation.pdbx_database_id_DOI      10.1101/2024.04.29.591684 
# 
loop_
_citation_author.citation_id 
_citation_author.name 
_citation_author.identifier_ORCID 
_citation_author.ordinal 
primary 'Lithgo, R.M.'        0000-0002-4706-9916 1  
primary 'Tomlinson, C.W.E.'   0000-0002-1845-6028 2  
primary 'Fairhead, M.'        0000-0001-5361-3933 3  
primary 'Winokan, M.'         ?                   4  
primary 'Thompson, W.'        0000-0003-1474-7810 5  
primary 'Wild, C.'            0000-0003-0654-8141 6  
primary 'Aschenbrenner, J.C.' 0000-0002-4318-0481 7  
primary 'Balcomb, B.H.'       0000-0001-7599-8467 8  
primary 'Marples, P.G.'       0000-0002-8787-7969 9  
primary 'Chandran, A.V.'      0000-0001-9942-2614 10 
primary 'Golding, M.'         0009-0004-7472-8333 11 
primary 'Koekemoer, L.'       0000-0001-9226-9127 12 
primary 'Williams, E.P.'      0000-0002-1331-9518 13 
primary 'Wang, S.'            ?                   14 
primary 'Ni, X.'              0000-0002-7769-8297 15 
primary 'MacLean, E.'         0000-0003-1680-4292 16 
primary 'Giroud, C.'          0000-0002-1629-1581 17 
primary 'Godoy, A.S.'         0000-0002-0613-9164 18 
primary 'Xavier, M.A.'        0000-0002-1709-9479 19 
primary 'Walsh, M.'           0000-0001-5683-1151 20 
primary 'Fearon, D.'          0000-0003-3529-7863 21 
primary 'von Delft, F.'       0000-0003-0378-0017 22 
# 
loop_
_entity.id 
_entity.type 
_entity.src_method 
_entity.pdbx_description 
_entity.formula_weight 
_entity.pdbx_number_of_molecules 
_entity.pdbx_ec 
_entity.pdbx_mutation 
_entity.pdbx_fragment 
_entity.details 
1 polymer     man 'Protease 2A'                           16493.311 1   3.4.22.29 ? ? ? 
2 non-polymer man '3-(2-hydroxyethyl)pyrimidin-4(3H)-one' 140.140   1   ?         ? ? ? 
3 non-polymer syn 'ZINC ION'                              65.409    1   ?         ? ? ? 
4 non-polymer syn 'DIMETHYL SULFOXIDE'                    78.133    5   ?         ? ? ? 
5 non-polymer syn 'SULFATE ION'                           96.063    1   ?         ? ? ? 
6 water       nat water                                   18.015    234 ?         ? ? ? 
# 
_entity_name_com.entity_id   1 
_entity_name_com.name        'P2A,Picornain 2A,Protein 2A' 
# 
_entity_poly.entity_id                      1 
_entity_poly.type                           'polypeptide(L)' 
_entity_poly.nstd_linkage                   no 
_entity_poly.nstd_monomer                   no 
_entity_poly.pdbx_seq_one_letter_code       
;QEQTGGSGAIYVGNYRVVNRHLATHNDWANLVWEDSSRDLLVSSTTAQGCDTIARCDCQTGVYYCSSRRKHYPVSFSKPS
LIFVEASEYYPARYQSHLMLAVGHSEPGDCGGILRCQHGVVGIVSTGGNGLVGFADVRDLLWLDEEAMEQ
;
_entity_poly.pdbx_seq_one_letter_code_can   
;QEQTGGSGAIYVGNYRVVNRHLATHNDWANLVWEDSSRDLLVSSTTAQGCDTIARCDCQTGVYYCSSRRKHYPVSFSKPS
LIFVEASEYYPARYQSHLMLAVGHSEPGDCGGILRCQHGVVGIVSTGGNGLVGFADVRDLLWLDEEAMEQ
;
_entity_poly.pdbx_strand_id                 A 
_entity_poly.pdbx_target_identifier         ? 
# 
loop_
_pdbx_entity_nonpoly.entity_id 
_pdbx_entity_nonpoly.name 
_pdbx_entity_nonpoly.comp_id 
2 '3-(2-hydroxyethyl)pyrimidin-4(3H)-one' A1AM7 
3 'ZINC ION'                              ZN    
4 'DIMETHYL SULFOXIDE'                    DMS   
5 'SULFATE ION'                           SO4   
6 water                                   HOH   
# 
loop_
_entity_poly_seq.entity_id 
_entity_poly_seq.num 
_entity_poly_seq.mon_id 
_entity_poly_seq.hetero 
1 1   GLN n 
1 2   GLU n 
1 3   GLN n 
1 4   THR n 
1 5   GLY n 
1 6   GLY n 
1 7   SER n 
1 8   GLY n 
1 9   ALA n 
1 10  ILE n 
1 11  TYR n 
1 12  VAL n 
1 13  GLY n 
1 14  ASN n 
1 15  TYR n 
1 16  ARG n 
1 17  VAL n 
1 18  VAL n 
1 19  ASN n 
1 20  ARG n 
1 21  HIS n 
1 22  LEU n 
1 23  ALA n 
1 24  THR n 
1 25  HIS n 
1 26  ASN n 
1 27  ASP n 
1 28  TRP n 
1 29  ALA n 
1 30  ASN n 
1 31  LEU n 
1 32  VAL n 
1 33  TRP n 
1 34  GLU n 
1 35  ASP n 
1 36  SER n 
1 37  SER n 
1 38  ARG n 
1 39  ASP n 
1 40  LEU n 
1 41  LEU n 
1 42  VAL n 
1 43  SER n 
1 44  SER n 
1 45  THR n 
1 46  THR n 
1 47  ALA n 
1 48  GLN n 
1 49  GLY n 
1 50  CYS n 
1 51  ASP n 
1 52  THR n 
1 53  ILE n 
1 54  ALA n 
1 55  ARG n 
1 56  CYS n 
1 57  ASP n 
1 58  CYS n 
1 59  GLN n 
1 60  THR n 
1 61  GLY n 
1 62  VAL n 
1 63  TYR n 
1 64  TYR n 
1 65  CYS n 
1 66  SER n 
1 67  SER n 
1 68  ARG n 
1 69  ARG n 
1 70  LYS n 
1 71  HIS n 
1 72  TYR n 
1 73  PRO n 
1 74  VAL n 
1 75  SER n 
1 76  PHE n 
1 77  SER n 
1 78  LYS n 
1 79  PRO n 
1 80  SER n 
1 81  LEU n 
1 82  ILE n 
1 83  PHE n 
1 84  VAL n 
1 85  GLU n 
1 86  ALA n 
1 87  SER n 
1 88  GLU n 
1 89  TYR n 
1 90  TYR n 
1 91  PRO n 
1 92  ALA n 
1 93  ARG n 
1 94  TYR n 
1 95  GLN n 
1 96  SER n 
1 97  HIS n 
1 98  LEU n 
1 99  MET n 
1 100 LEU n 
1 101 ALA n 
1 102 VAL n 
1 103 GLY n 
1 104 HIS n 
1 105 SER n 
1 106 GLU n 
1 107 PRO n 
1 108 GLY n 
1 109 ASP n 
1 110 CYS n 
1 111 GLY n 
1 112 GLY n 
1 113 ILE n 
1 114 LEU n 
1 115 ARG n 
1 116 CYS n 
1 117 GLN n 
1 118 HIS n 
1 119 GLY n 
1 120 VAL n 
1 121 VAL n 
1 122 GLY n 
1 123 ILE n 
1 124 VAL n 
1 125 SER n 
1 126 THR n 
1 127 GLY n 
1 128 GLY n 
1 129 ASN n 
1 130 GLY n 
1 131 LEU n 
1 132 VAL n 
1 133 GLY n 
1 134 PHE n 
1 135 ALA n 
1 136 ASP n 
1 137 VAL n 
1 138 ARG n 
1 139 ASP n 
1 140 LEU n 
1 141 LEU n 
1 142 TRP n 
1 143 LEU n 
1 144 ASP n 
1 145 GLU n 
1 146 GLU n 
1 147 ALA n 
1 148 MET n 
1 149 GLU n 
1 150 GLN n 
# 
loop_
_entity_src_gen.entity_id 
_entity_src_gen.pdbx_src_id 
_entity_src_gen.pdbx_alt_source_flag 
_entity_src_gen.pdbx_seq_type 
_entity_src_gen.pdbx_beg_seq_num 
_entity_src_gen.pdbx_end_seq_num 
_entity_src_gen.gene_src_common_name 
_entity_src_gen.gene_src_genus 
_entity_src_gen.pdbx_gene_src_gene 
_entity_src_gen.gene_src_species 
_entity_src_gen.gene_src_strain 
_entity_src_gen.gene_src_tissue 
_entity_src_gen.gene_src_tissue_fraction 
_entity_src_gen.gene_src_details 
_entity_src_gen.pdbx_gene_src_fragment 
_entity_src_gen.pdbx_gene_src_scientific_name 
_entity_src_gen.pdbx_gene_src_ncbi_taxonomy_id 
_entity_src_gen.pdbx_gene_src_variant 
_entity_src_gen.pdbx_gene_src_cell_line 
_entity_src_gen.pdbx_gene_src_atcc 
_entity_src_gen.pdbx_gene_src_organ 
_entity_src_gen.pdbx_gene_src_organelle 
_entity_src_gen.pdbx_gene_src_cell 
_entity_src_gen.pdbx_gene_src_cellular_location 
_entity_src_gen.host_org_common_name 
_entity_src_gen.pdbx_host_org_scientific_name 
_entity_src_gen.pdbx_host_org_ncbi_taxonomy_id 
_entity_src_gen.host_org_genus 
_entity_src_gen.pdbx_host_org_gene 
_entity_src_gen.pdbx_host_org_organ 
_entity_src_gen.host_org_species 
_entity_src_gen.pdbx_host_org_tissue 
_entity_src_gen.pdbx_host_org_tissue_fraction 
_entity_src_gen.pdbx_host_org_strain 
_entity_src_gen.pdbx_host_org_variant 
_entity_src_gen.pdbx_host_org_cell_line 
_entity_src_gen.pdbx_host_org_atcc 
_entity_src_gen.pdbx_host_org_culture_collection 
_entity_src_gen.pdbx_host_org_cell 
_entity_src_gen.pdbx_host_org_organelle 
_entity_src_gen.pdbx_host_org_cellular_location 
_entity_src_gen.pdbx_host_org_vector_type 
_entity_src_gen.pdbx_host_org_vector 
_entity_src_gen.host_org_details 
_entity_src_gen.expression_system_id 
_entity_src_gen.plasmid_name 
_entity_src_gen.plasmid_details 
_entity_src_gen.pdbx_description 
1 1 sample 'Biological sequence' 1 150 ? ? ? ? ? ? ? ? ? 'Coxsackievirus A16' 31704 ? ? ? ? ? ? ? ? 'Escherichia coli' 562 ? ? ? ? 
? ? ? ? ? ? ? ? ? ? ? ? ? ? ? ? ? 
2 1 sample ?                     ? ?   ? ? ? ? ? ? ? ? ? 'Coxsackievirus A16' 31704 ? ? ? ? ? ? ? ? 'Escherichia coli' 562 ? ? ? ? 
? ? ? ? ? ? ? ? ? ? ? ? ? ? ? ? ? 
# 
loop_
_chem_comp.id 
_chem_comp.type 
_chem_comp.mon_nstd_flag 
_chem_comp.name 
_chem_comp.pdbx_synonyms 
_chem_comp.formula 
_chem_comp.formula_weight 
A1AM7 non-polymer         . '3-(2-hydroxyethyl)pyrimidin-4(3H)-one' ? 'C6 H8 N2 O2'    140.140 
ALA   'L-peptide linking' y ALANINE                                 ? 'C3 H7 N O2'     89.093  
ARG   'L-peptide linking' y ARGININE                                ? 'C6 H15 N4 O2 1' 175.209 
ASN   'L-peptide linking' y ASPARAGINE                              ? 'C4 H8 N2 O3'    132.118 
ASP   'L-peptide linking' y 'ASPARTIC ACID'                         ? 'C4 H7 N O4'     133.103 
CYS   'L-peptide linking' y CYSTEINE                                ? 'C3 H7 N O2 S'   121.158 
DMS   non-polymer         . 'DIMETHYL SULFOXIDE'                    ? 'C2 H6 O S'      78.133  
GLN   'L-peptide linking' y GLUTAMINE                               ? 'C5 H10 N2 O3'   146.144 
GLU   'L-peptide linking' y 'GLUTAMIC ACID'                         ? 'C5 H9 N O4'     147.129 
GLY   'peptide linking'   y GLYCINE                                 ? 'C2 H5 N O2'     75.067  
HIS   'L-peptide linking' y HISTIDINE                               ? 'C6 H10 N3 O2 1' 156.162 
HOH   non-polymer         . WATER                                   ? 'H2 O'           18.015  
ILE   'L-peptide linking' y ISOLEUCINE                              ? 'C6 H13 N O2'    131.173 
LEU   'L-peptide linking' y LEUCINE                                 ? 'C6 H13 N O2'    131.173 
LYS   'L-peptide linking' y LYSINE                                  ? 'C6 H15 N2 O2 1' 147.195 
MET   'L-peptide linking' y METHIONINE                              ? 'C5 H11 N O2 S'  149.211 
PHE   'L-peptide linking' y PHENYLALANINE                           ? 'C9 H11 N O2'    165.189 
PRO   'L-peptide linking' y PROLINE                                 ? 'C5 H9 N O2'     115.130 
SER   'L-peptide linking' y SERINE                                  ? 'C3 H7 N O3'     105.093 
SO4   non-polymer         . 'SULFATE ION'                           ? 'O4 S -2'        96.063  
THR   'L-peptide linking' y THREONINE                               ? 'C4 H9 N O3'     119.119 
TRP   'L-peptide linking' y TRYPTOPHAN                              ? 'C11 H12 N2 O2'  204.225 
TYR   'L-peptide linking' y TYROSINE                                ? 'C9 H11 N O3'    181.189 
VAL   'L-peptide linking' y VALINE                                  ? 'C5 H11 N O2'    117.146 
ZN    non-polymer         . 'ZINC ION'                              ? 'Zn 2'           65.409  
# 
loop_
_pdbx_poly_seq_scheme.asym_id 
_pdbx_poly_seq_scheme.entity_id 
_pdbx_poly_seq_scheme.seq_id 
_pdbx_poly_seq_scheme.mon_id 
_pdbx_poly_seq_scheme.ndb_seq_num 
_pdbx_poly_seq_scheme.pdb_seq_num 
_pdbx_poly_seq_scheme.auth_seq_num 
_pdbx_poly_seq_scheme.pdb_mon_id 
_pdbx_poly_seq_scheme.auth_mon_id 
_pdbx_poly_seq_scheme.pdb_strand_id 
_pdbx_poly_seq_scheme.pdb_ins_code 
_pdbx_poly_seq_scheme.hetero 
A 1 1   GLN 1   1   ?   ?   ?   A . n 
A 1 2   GLU 2   2   ?   ?   ?   A . n 
A 1 3   GLN 3   3   ?   ?   ?   A . n 
A 1 4   THR 4   4   ?   ?   ?   A . n 
A 1 5   GLY 5   5   ?   ?   ?   A . n 
A 1 6   GLY 6   6   ?   ?   ?   A . n 
A 1 7   SER 7   7   7   SER SER A . n 
A 1 8   GLY 8   8   8   GLY GLY A . n 
A 1 9   ALA 9   9   9   ALA ALA A . n 
A 1 10  ILE 10  10  10  ILE ILE A . n 
A 1 11  TYR 11  11  11  TYR TYR A . n 
A 1 12  VAL 12  12  12  VAL VAL A . n 
A 1 13  GLY 13  13  13  GLY GLY A . n 
A 1 14  ASN 14  14  14  ASN ASN A . n 
A 1 15  TYR 15  15  15  TYR TYR A . n 
A 1 16  ARG 16  16  16  ARG ARG A . n 
A 1 17  VAL 17  17  17  VAL VAL A . n 
A 1 18  VAL 18  18  18  VAL VAL A . n 
A 1 19  ASN 19  19  19  ASN ASN A . n 
A 1 20  ARG 20  20  20  ARG ARG A . n 
A 1 21  HIS 21  21  21  HIS HIS A . n 
A 1 22  LEU 22  22  22  LEU LEU A . n 
A 1 23  ALA 23  23  23  ALA ALA A . n 
A 1 24  THR 24  24  24  THR THR A . n 
A 1 25  HIS 25  25  25  HIS HIS A . n 
A 1 26  ASN 26  26  26  ASN ASN A . n 
A 1 27  ASP 27  27  27  ASP ASP A . n 
A 1 28  TRP 28  28  28  TRP TRP A . n 
A 1 29  ALA 29  29  29  ALA ALA A . n 
A 1 30  ASN 30  30  30  ASN ASN A . n 
A 1 31  LEU 31  31  31  LEU LEU A . n 
A 1 32  VAL 32  32  32  VAL VAL A . n 
A 1 33  TRP 33  33  33  TRP TRP A . n 
A 1 34  GLU 34  34  34  GLU GLU A . n 
A 1 35  ASP 35  35  35  ASP ASP A . n 
A 1 36  SER 36  36  36  SER SER A . n 
A 1 37  SER 37  37  37  SER SER A . n 
A 1 38  ARG 38  38  38  ARG ARG A . n 
A 1 39  ASP 39  39  39  ASP ASP A . n 
A 1 40  LEU 40  40  40  LEU LEU A . n 
A 1 41  LEU 41  41  41  LEU LEU A . n 
A 1 42  VAL 42  42  42  VAL VAL A . n 
A 1 43  SER 43  43  43  SER SER A . n 
A 1 44  SER 44  44  44  SER SER A . n 
A 1 45  THR 45  45  45  THR THR A . n 
A 1 46  THR 46  46  46  THR THR A . n 
A 1 47  ALA 47  47  47  ALA ALA A . n 
A 1 48  GLN 48  48  48  GLN GLN A . n 
A 1 49  GLY 49  49  49  GLY GLY A . n 
A 1 50  CYS 50  50  50  CYS CYS A . n 
A 1 51  ASP 51  51  51  ASP ASP A . n 
A 1 52  THR 52  52  52  THR THR A . n 
A 1 53  ILE 53  53  53  ILE ILE A . n 
A 1 54  ALA 54  54  54  ALA ALA A . n 
A 1 55  ARG 55  55  55  ARG ARG A . n 
A 1 56  CYS 56  56  56  CYS CYS A . n 
A 1 57  ASP 57  57  57  ASP ASP A . n 
A 1 58  CYS 58  58  58  CYS CYS A . n 
A 1 59  GLN 59  59  59  GLN GLN A . n 
A 1 60  THR 60  60  60  THR THR A . n 
A 1 61  GLY 61  61  61  GLY GLY A . n 
A 1 62  VAL 62  62  62  VAL VAL A . n 
A 1 63  TYR 63  63  63  TYR TYR A . n 
A 1 64  TYR 64  64  64  TYR TYR A . n 
A 1 65  CYS 65  65  65  CYS CYS A . n 
A 1 66  SER 66  66  66  SER SER A . n 
A 1 67  SER 67  67  67  SER SER A . n 
A 1 68  ARG 68  68  68  ARG ARG A . n 
A 1 69  ARG 69  69  69  ARG ARG A . n 
A 1 70  LYS 70  70  70  LYS LYS A . n 
A 1 71  HIS 71  71  71  HIS HIS A . n 
A 1 72  TYR 72  72  72  TYR TYR A . n 
A 1 73  PRO 73  73  73  PRO PRO A . n 
A 1 74  VAL 74  74  74  VAL VAL A . n 
A 1 75  SER 75  75  75  SER SER A . n 
A 1 76  PHE 76  76  76  PHE PHE A . n 
A 1 77  SER 77  77  77  SER SER A . n 
A 1 78  LYS 78  78  78  LYS LYS A . n 
A 1 79  PRO 79  79  79  PRO PRO A . n 
A 1 80  SER 80  80  80  SER SER A . n 
A 1 81  LEU 81  81  81  LEU LEU A . n 
A 1 82  ILE 82  82  82  ILE ILE A . n 
A 1 83  PHE 83  83  83  PHE PHE A . n 
A 1 84  VAL 84  84  84  VAL VAL A . n 
A 1 85  GLU 85  85  85  GLU GLU A . n 
A 1 86  ALA 86  86  86  ALA ALA A . n 
A 1 87  SER 87  87  87  SER SER A . n 
A 1 88  GLU 88  88  88  GLU GLU A . n 
A 1 89  TYR 89  89  89  TYR TYR A . n 
A 1 90  TYR 90  90  90  TYR TYR A . n 
A 1 91  PRO 91  91  91  PRO PRO A . n 
A 1 92  ALA 92  92  92  ALA ALA A . n 
A 1 93  ARG 93  93  93  ARG ARG A . n 
A 1 94  TYR 94  94  94  TYR TYR A . n 
A 1 95  GLN 95  95  95  GLN GLN A . n 
A 1 96  SER 96  96  96  SER SER A . n 
A 1 97  HIS 97  97  97  HIS HIS A . n 
A 1 98  LEU 98  98  98  LEU LEU A . n 
A 1 99  MET 99  99  99  MET MET A . n 
A 1 100 LEU 100 100 100 LEU LEU A . n 
A 1 101 ALA 101 101 101 ALA ALA A . n 
A 1 102 VAL 102 102 102 VAL VAL A . n 
A 1 103 GLY 103 103 103 GLY GLY A . n 
A 1 104 HIS 104 104 104 HIS HIS A . n 
A 1 105 SER 105 105 105 SER SER A . n 
A 1 106 GLU 106 106 106 GLU GLU A . n 
A 1 107 PRO 107 107 107 PRO PRO A . n 
A 1 108 GLY 108 108 108 GLY GLY A . n 
A 1 109 ASP 109 109 109 ASP ASP A . n 
A 1 110 CYS 110 110 110 CYS CYS A . n 
A 1 111 GLY 111 111 111 GLY GLY A . n 
A 1 112 GLY 112 112 112 GLY GLY A . n 
A 1 113 ILE 113 113 113 ILE ILE A . n 
A 1 114 LEU 114 114 114 LEU LEU A . n 
A 1 115 ARG 115 115 115 ARG ARG A . n 
A 1 116 CYS 116 116 116 CYS CYS A . n 
A 1 117 GLN 117 117 117 GLN GLN A . n 
A 1 118 HIS 118 118 118 HIS HIS A . n 
A 1 119 GLY 119 119 119 GLY GLY A . n 
A 1 120 VAL 120 120 120 VAL VAL A . n 
A 1 121 VAL 121 121 121 VAL VAL A . n 
A 1 122 GLY 122 122 122 GLY GLY A . n 
A 1 123 ILE 123 123 123 ILE ILE A . n 
A 1 124 VAL 124 124 124 VAL VAL A . n 
A 1 125 SER 125 125 125 SER SER A . n 
A 1 126 THR 126 126 126 THR THR A . n 
A 1 127 GLY 127 127 127 GLY GLY A . n 
A 1 128 GLY 128 128 128 GLY GLY A . n 
A 1 129 ASN 129 129 129 ASN ASN A . n 
A 1 130 GLY 130 130 130 GLY GLY A . n 
A 1 131 LEU 131 131 131 LEU LEU A . n 
A 1 132 VAL 132 132 132 VAL VAL A . n 
A 1 133 GLY 133 133 133 GLY GLY A . n 
A 1 134 PHE 134 134 134 PHE PHE A . n 
A 1 135 ALA 135 135 135 ALA ALA A . n 
A 1 136 ASP 136 136 136 ASP ASP A . n 
A 1 137 VAL 137 137 137 VAL VAL A . n 
A 1 138 ARG 138 138 138 ARG ARG A . n 
A 1 139 ASP 139 139 139 ASP ASP A . n 
A 1 140 LEU 140 140 140 LEU LEU A . n 
A 1 141 LEU 141 141 141 LEU LEU A . n 
A 1 142 TRP 142 142 142 TRP TRP A . n 
A 1 143 LEU 143 143 143 LEU LEU A . n 
A 1 144 ASP 144 144 144 ASP ASP A . n 
A 1 145 GLU 145 145 145 GLU GLU A . n 
A 1 146 GLU 146 146 146 GLU GLU A . n 
A 1 147 ALA 147 147 ?   ?   ?   A . n 
A 1 148 MET 148 148 ?   ?   ?   A . n 
A 1 149 GLU 149 149 ?   ?   ?   A . n 
A 1 150 GLN 150 150 ?   ?   ?   A . n 
# 
loop_
_pdbx_nonpoly_scheme.asym_id 
_pdbx_nonpoly_scheme.entity_id 
_pdbx_nonpoly_scheme.mon_id 
_pdbx_nonpoly_scheme.ndb_seq_num 
_pdbx_nonpoly_scheme.pdb_seq_num 
_pdbx_nonpoly_scheme.auth_seq_num 
_pdbx_nonpoly_scheme.pdb_mon_id 
_pdbx_nonpoly_scheme.auth_mon_id 
_pdbx_nonpoly_scheme.pdb_strand_id 
_pdbx_nonpoly_scheme.pdb_ins_code 
B 2 A1AM7 1   201 147 A1AM7 LIG A . 
C 3 ZN    1   202 1   ZN    ZN  A . 
D 4 DMS   1   203 -1  DMS   DMS A . 
E 4 DMS   1   204 0   DMS   DMS A . 
F 4 DMS   1   205 1   DMS   DMS A . 
G 4 DMS   1   206 3   DMS   DMS A . 
H 4 DMS   1   207 6   DMS   DMS A . 
I 5 SO4   1   208 1   SO4   SO4 A . 
J 6 HOH   1   301 238 HOH   HOH A . 
J 6 HOH   2   302 137 HOH   HOH A . 
J 6 HOH   3   303 70  HOH   HOH A . 
J 6 HOH   4   304 219 HOH   HOH A . 
J 6 HOH   5   305 215 HOH   HOH A . 
J 6 HOH   6   306 227 HOH   HOH A . 
J 6 HOH   7   307 3   HOH   HOH A . 
J 6 HOH   8   308 182 HOH   HOH A . 
J 6 HOH   9   309 94  HOH   HOH A . 
J 6 HOH   10  310 108 HOH   HOH A . 
J 6 HOH   11  311 229 HOH   HOH A . 
J 6 HOH   12  312 34  HOH   HOH A . 
J 6 HOH   13  313 46  HOH   HOH A . 
J 6 HOH   14  314 132 HOH   HOH A . 
J 6 HOH   15  315 133 HOH   HOH A . 
J 6 HOH   16  316 181 HOH   HOH A . 
J 6 HOH   17  317 103 HOH   HOH A . 
J 6 HOH   18  318 248 HOH   HOH A . 
J 6 HOH   19  319 165 HOH   HOH A . 
J 6 HOH   20  320 217 HOH   HOH A . 
J 6 HOH   21  321 220 HOH   HOH A . 
J 6 HOH   22  322 193 HOH   HOH A . 
J 6 HOH   23  323 59  HOH   HOH A . 
J 6 HOH   24  324 173 HOH   HOH A . 
J 6 HOH   25  325 4   HOH   HOH A . 
J 6 HOH   26  326 72  HOH   HOH A . 
J 6 HOH   27  327 77  HOH   HOH A . 
J 6 HOH   28  328 30  HOH   HOH A . 
J 6 HOH   29  329 100 HOH   HOH A . 
J 6 HOH   30  330 216 HOH   HOH A . 
J 6 HOH   31  331 183 HOH   HOH A . 
J 6 HOH   32  332 152 HOH   HOH A . 
J 6 HOH   33  333 68  HOH   HOH A . 
J 6 HOH   34  334 16  HOH   HOH A . 
J 6 HOH   35  335 186 HOH   HOH A . 
J 6 HOH   36  336 245 HOH   HOH A . 
J 6 HOH   37  337 116 HOH   HOH A . 
J 6 HOH   38  338 107 HOH   HOH A . 
J 6 HOH   39  339 36  HOH   HOH A . 
J 6 HOH   40  340 146 HOH   HOH A . 
J 6 HOH   41  341 7   HOH   HOH A . 
J 6 HOH   42  342 67  HOH   HOH A . 
J 6 HOH   43  343 180 HOH   HOH A . 
J 6 HOH   44  344 104 HOH   HOH A . 
J 6 HOH   45  345 60  HOH   HOH A . 
J 6 HOH   46  346 233 HOH   HOH A . 
J 6 HOH   47  347 161 HOH   HOH A . 
J 6 HOH   48  348 109 HOH   HOH A . 
J 6 HOH   49  349 79  HOH   HOH A . 
J 6 HOH   50  350 184 HOH   HOH A . 
J 6 HOH   51  351 191 HOH   HOH A . 
J 6 HOH   52  352 52  HOH   HOH A . 
J 6 HOH   53  353 249 HOH   HOH A . 
J 6 HOH   54  354 33  HOH   HOH A . 
J 6 HOH   55  355 21  HOH   HOH A . 
J 6 HOH   56  356 97  HOH   HOH A . 
J 6 HOH   57  357 5   HOH   HOH A . 
J 6 HOH   58  358 50  HOH   HOH A . 
J 6 HOH   59  359 37  HOH   HOH A . 
J 6 HOH   60  360 2   HOH   HOH A . 
J 6 HOH   61  361 147 HOH   HOH A . 
J 6 HOH   62  362 9   HOH   HOH A . 
J 6 HOH   63  363 111 HOH   HOH A . 
J 6 HOH   64  364 12  HOH   HOH A . 
J 6 HOH   65  365 25  HOH   HOH A . 
J 6 HOH   66  366 81  HOH   HOH A . 
J 6 HOH   67  367 28  HOH   HOH A . 
J 6 HOH   68  368 169 HOH   HOH A . 
J 6 HOH   69  369 204 HOH   HOH A . 
J 6 HOH   70  370 24  HOH   HOH A . 
J 6 HOH   71  371 93  HOH   HOH A . 
J 6 HOH   72  372 131 HOH   HOH A . 
J 6 HOH   73  373 234 HOH   HOH A . 
J 6 HOH   74  374 88  HOH   HOH A . 
J 6 HOH   75  375 110 HOH   HOH A . 
J 6 HOH   76  376 19  HOH   HOH A . 
J 6 HOH   77  377 62  HOH   HOH A . 
J 6 HOH   78  378 167 HOH   HOH A . 
J 6 HOH   79  379 198 HOH   HOH A . 
J 6 HOH   80  380 96  HOH   HOH A . 
J 6 HOH   81  381 55  HOH   HOH A . 
J 6 HOH   82  382 29  HOH   HOH A . 
J 6 HOH   83  383 27  HOH   HOH A . 
J 6 HOH   84  384 26  HOH   HOH A . 
J 6 HOH   85  385 178 HOH   HOH A . 
J 6 HOH   86  386 17  HOH   HOH A . 
J 6 HOH   87  387 174 HOH   HOH A . 
J 6 HOH   88  388 43  HOH   HOH A . 
J 6 HOH   89  389 71  HOH   HOH A . 
J 6 HOH   90  390 39  HOH   HOH A . 
J 6 HOH   91  391 65  HOH   HOH A . 
J 6 HOH   92  392 84  HOH   HOH A . 
J 6 HOH   93  393 45  HOH   HOH A . 
J 6 HOH   94  394 14  HOH   HOH A . 
J 6 HOH   95  395 179 HOH   HOH A . 
J 6 HOH   96  396 47  HOH   HOH A . 
J 6 HOH   97  397 95  HOH   HOH A . 
J 6 HOH   98  398 168 HOH   HOH A . 
J 6 HOH   99  399 78  HOH   HOH A . 
J 6 HOH   100 400 82  HOH   HOH A . 
J 6 HOH   101 401 144 HOH   HOH A . 
J 6 HOH   102 402 105 HOH   HOH A . 
J 6 HOH   103 403 48  HOH   HOH A . 
J 6 HOH   104 404 112 HOH   HOH A . 
J 6 HOH   105 405 150 HOH   HOH A . 
J 6 HOH   106 406 41  HOH   HOH A . 
J 6 HOH   107 407 15  HOH   HOH A . 
J 6 HOH   108 408 126 HOH   HOH A . 
J 6 HOH   109 409 31  HOH   HOH A . 
J 6 HOH   110 410 8   HOH   HOH A . 
J 6 HOH   111 411 42  HOH   HOH A . 
J 6 HOH   112 412 124 HOH   HOH A . 
J 6 HOH   113 413 176 HOH   HOH A . 
J 6 HOH   114 414 214 HOH   HOH A . 
J 6 HOH   115 415 57  HOH   HOH A . 
J 6 HOH   116 416 49  HOH   HOH A . 
J 6 HOH   117 417 177 HOH   HOH A . 
J 6 HOH   118 418 18  HOH   HOH A . 
J 6 HOH   119 419 210 HOH   HOH A . 
J 6 HOH   120 420 38  HOH   HOH A . 
J 6 HOH   121 421 121 HOH   HOH A . 
J 6 HOH   122 422 141 HOH   HOH A . 
J 6 HOH   123 423 90  HOH   HOH A . 
J 6 HOH   124 424 66  HOH   HOH A . 
J 6 HOH   125 425 136 HOH   HOH A . 
J 6 HOH   126 426 250 HOH   HOH A . 
J 6 HOH   127 427 106 HOH   HOH A . 
J 6 HOH   128 428 91  HOH   HOH A . 
J 6 HOH   129 429 195 HOH   HOH A . 
J 6 HOH   130 430 13  HOH   HOH A . 
J 6 HOH   131 431 53  HOH   HOH A . 
J 6 HOH   132 432 20  HOH   HOH A . 
J 6 HOH   133 433 58  HOH   HOH A . 
J 6 HOH   134 434 138 HOH   HOH A . 
J 6 HOH   135 435 76  HOH   HOH A . 
J 6 HOH   136 436 114 HOH   HOH A . 
J 6 HOH   137 437 113 HOH   HOH A . 
J 6 HOH   138 438 11  HOH   HOH A . 
J 6 HOH   139 439 80  HOH   HOH A . 
J 6 HOH   140 440 155 HOH   HOH A . 
J 6 HOH   141 441 51  HOH   HOH A . 
J 6 HOH   142 442 35  HOH   HOH A . 
J 6 HOH   143 443 148 HOH   HOH A . 
J 6 HOH   144 444 64  HOH   HOH A . 
J 6 HOH   145 445 224 HOH   HOH A . 
J 6 HOH   146 446 54  HOH   HOH A . 
J 6 HOH   147 447 119 HOH   HOH A . 
J 6 HOH   148 448 203 HOH   HOH A . 
J 6 HOH   149 449 69  HOH   HOH A . 
J 6 HOH   150 450 120 HOH   HOH A . 
J 6 HOH   151 451 197 HOH   HOH A . 
J 6 HOH   152 452 118 HOH   HOH A . 
J 6 HOH   153 453 128 HOH   HOH A . 
J 6 HOH   154 454 10  HOH   HOH A . 
J 6 HOH   155 455 63  HOH   HOH A . 
J 6 HOH   156 456 61  HOH   HOH A . 
J 6 HOH   157 457 123 HOH   HOH A . 
J 6 HOH   158 458 192 HOH   HOH A . 
J 6 HOH   159 459 23  HOH   HOH A . 
J 6 HOH   160 460 6   HOH   HOH A . 
J 6 HOH   161 461 156 HOH   HOH A . 
J 6 HOH   162 462 170 HOH   HOH A . 
J 6 HOH   163 463 159 HOH   HOH A . 
J 6 HOH   164 464 89  HOH   HOH A . 
J 6 HOH   165 465 213 HOH   HOH A . 
J 6 HOH   166 466 246 HOH   HOH A . 
J 6 HOH   167 467 200 HOH   HOH A . 
J 6 HOH   168 468 230 HOH   HOH A . 
J 6 HOH   169 469 102 HOH   HOH A . 
J 6 HOH   170 470 251 HOH   HOH A . 
J 6 HOH   171 471 101 HOH   HOH A . 
J 6 HOH   172 472 74  HOH   HOH A . 
J 6 HOH   173 473 226 HOH   HOH A . 
J 6 HOH   174 474 237 HOH   HOH A . 
J 6 HOH   175 475 22  HOH   HOH A . 
J 6 HOH   176 476 212 HOH   HOH A . 
J 6 HOH   177 477 117 HOH   HOH A . 
J 6 HOH   178 478 154 HOH   HOH A . 
J 6 HOH   179 479 158 HOH   HOH A . 
J 6 HOH   180 480 247 HOH   HOH A . 
J 6 HOH   181 481 231 HOH   HOH A . 
J 6 HOH   182 482 228 HOH   HOH A . 
J 6 HOH   183 483 157 HOH   HOH A . 
J 6 HOH   184 484 98  HOH   HOH A . 
J 6 HOH   185 485 163 HOH   HOH A . 
J 6 HOH   186 486 175 HOH   HOH A . 
J 6 HOH   187 487 171 HOH   HOH A . 
J 6 HOH   188 488 135 HOH   HOH A . 
J 6 HOH   189 489 240 HOH   HOH A . 
J 6 HOH   190 490 201 HOH   HOH A . 
J 6 HOH   191 491 162 HOH   HOH A . 
J 6 HOH   192 492 185 HOH   HOH A . 
J 6 HOH   193 493 87  HOH   HOH A . 
J 6 HOH   194 494 232 HOH   HOH A . 
J 6 HOH   195 495 134 HOH   HOH A . 
J 6 HOH   196 496 243 HOH   HOH A . 
J 6 HOH   197 497 83  HOH   HOH A . 
J 6 HOH   198 498 207 HOH   HOH A . 
J 6 HOH   199 499 99  HOH   HOH A . 
J 6 HOH   200 500 140 HOH   HOH A . 
J 6 HOH   201 501 239 HOH   HOH A . 
J 6 HOH   202 502 236 HOH   HOH A . 
J 6 HOH   203 503 190 HOH   HOH A . 
J 6 HOH   204 504 73  HOH   HOH A . 
J 6 HOH   205 505 172 HOH   HOH A . 
J 6 HOH   206 506 32  HOH   HOH A . 
J 6 HOH   207 507 127 HOH   HOH A . 
J 6 HOH   208 508 225 HOH   HOH A . 
J 6 HOH   209 509 122 HOH   HOH A . 
J 6 HOH   210 510 189 HOH   HOH A . 
J 6 HOH   211 511 142 HOH   HOH A . 
J 6 HOH   212 512 86  HOH   HOH A . 
J 6 HOH   213 513 218 HOH   HOH A . 
J 6 HOH   214 514 85  HOH   HOH A . 
J 6 HOH   215 515 202 HOH   HOH A . 
J 6 HOH   216 516 223 HOH   HOH A . 
J 6 HOH   217 517 206 HOH   HOH A . 
J 6 HOH   218 518 209 HOH   HOH A . 
J 6 HOH   219 519 221 HOH   HOH A . 
J 6 HOH   220 520 56  HOH   HOH A . 
J 6 HOH   221 521 208 HOH   HOH A . 
J 6 HOH   222 522 75  HOH   HOH A . 
J 6 HOH   223 523 235 HOH   HOH A . 
J 6 HOH   224 524 153 HOH   HOH A . 
J 6 HOH   225 525 160 HOH   HOH A . 
J 6 HOH   226 526 187 HOH   HOH A . 
J 6 HOH   227 527 199 HOH   HOH A . 
J 6 HOH   228 528 92  HOH   HOH A . 
J 6 HOH   229 529 125 HOH   HOH A . 
J 6 HOH   230 530 222 HOH   HOH A . 
J 6 HOH   231 531 241 HOH   HOH A . 
J 6 HOH   232 532 164 HOH   HOH A . 
J 6 HOH   233 533 242 HOH   HOH A . 
J 6 HOH   234 534 244 HOH   HOH A . 
# 
loop_
_software.classification 
_software.name 
_software.version 
_software.citation_id 
_software.pdbx_ordinal 
refinement       REFMAC  5.8.0267 ? 1 
refinement       REFMAC5 .        ? 2 
'data scaling'   Aimless .        ? 3 
phasing          PHASER  .        ? 4 
'data reduction' XDS     .        ? 5 
# 
_cell.entry_id           7H3T 
_cell.length_a           86.406 
_cell.length_b           56.566 
_cell.length_c           32.419 
_cell.angle_alpha        90.00 
_cell.angle_beta         94.84 
_cell.angle_gamma        90.00 
_cell.Z_PDB              4 
_cell.pdbx_unique_axis   ? 
# 
_symmetry.entry_id                         7H3T 
_symmetry.space_group_name_H-M             'C 1 2 1' 
_symmetry.pdbx_full_space_group_name_H-M   ? 
_symmetry.cell_setting                     ? 
_symmetry.Int_Tables_number                5 
# 
_exptl.entry_id          7H3T 
_exptl.method            'X-RAY DIFFRACTION' 
_exptl.crystals_number   1 
# 
_exptl_crystal.id                    1 
_exptl_crystal.density_meas          ? 
_exptl_crystal.density_Matthews      2.39 
_exptl_crystal.density_percent_sol   48.60 
_exptl_crystal.description           ? 
# 
_exptl_crystal_grow.crystal_id      1 
_exptl_crystal_grow.method          'VAPOR DIFFUSION, SITTING DROP' 
_exptl_crystal_grow.pH              6.05 
_exptl_crystal_grow.temp            293.15 
_exptl_crystal_grow.pdbx_details    '0.1 M MES, pH 6.05, 16 % PEG 20,000' 
_exptl_crystal_grow.temp_details    ? 
_exptl_crystal_grow.pdbx_pH_range   ? 
# 
_diffrn.id                     1 
_diffrn.ambient_temp           100 
_diffrn.crystal_id             1 
_diffrn.ambient_temp_details   ? 
# 
_diffrn_detector.detector               PIXEL 
_diffrn_detector.type                   'DECTRIS EIGER2 XE 16M' 
_diffrn_detector.pdbx_collection_date   2023-10-11 
_diffrn_detector.diffrn_id              1 
_diffrn_detector.details                ? 
# 
_diffrn_radiation.diffrn_id                        1 
_diffrn_radiation.wavelength_id                    1 
_diffrn_radiation.pdbx_diffrn_protocol             'SINGLE WAVELENGTH' 
_diffrn_radiation.pdbx_monochromatic_or_laue_m_l   ? 
_diffrn_radiation.monochromator                    ? 
_diffrn_radiation.pdbx_scattering_type             x-ray 
# 
_diffrn_radiation_wavelength.id           1 
_diffrn_radiation_wavelength.wavelength   0.94054 
_diffrn_radiation_wavelength.wt           1.0 
# 
_diffrn_source.diffrn_id                   1 
_diffrn_source.source                      SYNCHROTRON 
_diffrn_source.type                        'DIAMOND BEAMLINE I03' 
_diffrn_source.pdbx_wavelength_list        0.94054 
_diffrn_source.pdbx_synchrotron_site       Diamond 
_diffrn_source.pdbx_synchrotron_beamline   I03 
_diffrn_source.pdbx_wavelength             ? 
# 
_reflns.entry_id                     7H3T 
_reflns.pdbx_diffrn_id               1 
_reflns.pdbx_ordinal                 1 
_reflns.d_resolution_low             47.28 
_reflns.d_resolution_high            1.20 
_reflns.number_obs                   48152 
_reflns.percent_possible_obs         99.1 
_reflns.pdbx_Rmerge_I_obs            0.086 
_reflns.pdbx_netI_over_sigmaI        12.0 
_reflns.pdbx_redundancy              6.9 
_reflns.pdbx_Rrim_I_all              0.093 
_reflns.pdbx_Rpim_I_all              0.035 
_reflns.pdbx_CC_half                 0.990 
_reflns.pdbx_number_measured_all     331276 
_reflns.pdbx_chi_squared             0.75 
_reflns.observed_criterion_sigma_I   ? 
_reflns.observed_criterion_sigma_F   ? 
_reflns.number_all                   ? 
_reflns.pdbx_Rsym_value              ? 
_reflns.B_iso_Wilson_estimate        ? 
# 
_reflns_shell.pdbx_diffrn_id              1 
_reflns_shell.pdbx_ordinal                1 
_reflns_shell.d_res_high                  1.20 
_reflns_shell.d_res_low                   1.22 
_reflns_shell.number_measured_all         15614 
_reflns_shell.number_unique_obs           2259 
_reflns_shell.Rmerge_I_obs                2.741 
_reflns_shell.pdbx_chi_squared            0.29 
_reflns_shell.pdbx_redundancy             6.9 
_reflns_shell.percent_possible_obs        96.5 
_reflns_shell.pdbx_netI_over_sigmaI_obs   0.4 
_reflns_shell.pdbx_Rrim_I_all             2.963 
_reflns_shell.pdbx_Rpim_I_all             1.114 
_reflns_shell.pdbx_CC_half                0.335 
_reflns_shell.percent_possible_all        ? 
_reflns_shell.pdbx_Rsym_value             ? 
_reflns_shell.meanI_over_sigI_obs         ? 
# 
_refine.pdbx_refine_id                           'X-RAY DIFFRACTION' 
_refine.entry_id                                 7H3T 
_refine.pdbx_diffrn_id                           1 
_refine.pdbx_TLS_residual_ADP_flag               ? 
_refine.ls_number_reflns_obs                     45704 
_refine.ls_number_reflns_all                     ? 
_refine.pdbx_ls_sigma_I                          ? 
_refine.pdbx_ls_sigma_F                          ? 
_refine.pdbx_data_cutoff_high_absF               ? 
_refine.pdbx_data_cutoff_low_absF                ? 
_refine.pdbx_data_cutoff_high_rms_absF           ? 
_refine.ls_d_res_low                             47.28 
_refine.ls_d_res_high                            1.20 
_refine.ls_percent_reflns_obs                    98.73 
_refine.ls_R_factor_obs                          0.21016 
_refine.ls_R_factor_all                          ? 
_refine.ls_R_factor_R_work                       0.20880 
_refine.ls_R_factor_R_free                       0.23554 
_refine.ls_R_factor_R_free_error                 ? 
_refine.ls_R_factor_R_free_error_details         ? 
_refine.ls_percent_reflns_R_free                 4.9 
_refine.ls_number_reflns_R_free                  2352 
_refine.ls_number_parameters                     ? 
_refine.ls_number_restraints                     ? 
_refine.occupancy_min                            ? 
_refine.occupancy_max                            ? 
_refine.correlation_coeff_Fo_to_Fc               0.967 
_refine.correlation_coeff_Fo_to_Fc_free          0.957 
_refine.B_iso_mean                               19.675 
_refine.aniso_B[1][1]                            0.10 
_refine.aniso_B[2][2]                            0.12 
_refine.aniso_B[3][3]                            -0.21 
_refine.aniso_B[1][2]                            -0.00 
_refine.aniso_B[1][3]                            -0.03 
_refine.aniso_B[2][3]                            -0.00 
_refine.solvent_model_details                    MASK 
_refine.solvent_model_param_ksol                 ? 
_refine.solvent_model_param_bsol                 ? 
_refine.pdbx_solvent_vdw_probe_radii             1.20 
_refine.pdbx_solvent_ion_probe_radii             0.80 
_refine.pdbx_solvent_shrinkage_radii             0.80 
_refine.pdbx_ls_cross_valid_method               THROUGHOUT 
_refine.details                                  'HYDROGENS HAVE BEEN ADDED IN THE RIDING POSITIONS' 
_refine.pdbx_starting_model                      ? 
_refine.pdbx_method_to_determine_struct          'MOLECULAR REPLACEMENT' 
_refine.pdbx_isotropic_thermal_model             ? 
_refine.pdbx_stereochemistry_target_values       'MAXIMUM LIKELIHOOD' 
_refine.pdbx_stereochem_target_val_spec_case     ? 
_refine.pdbx_R_Free_selection_details            RANDOM 
_refine.pdbx_overall_ESU_R                       0.050 
_refine.pdbx_overall_ESU_R_Free                  0.052 
_refine.overall_SU_ML                            0.057 
_refine.pdbx_overall_phase_error                 ? 
_refine.overall_SU_B                             1.375 
_refine.overall_SU_R_Cruickshank_DPI             ? 
_refine.pdbx_overall_SU_R_free_Cruickshank_DPI   ? 
_refine.pdbx_overall_SU_R_Blow_DPI               ? 
_refine.pdbx_overall_SU_R_free_Blow_DPI          ? 
# 
_refine_hist.pdbx_refine_id                   'X-RAY DIFFRACTION' 
_refine_hist.cycle_id                         1 
_refine_hist.pdbx_number_atoms_protein        1083 
_refine_hist.pdbx_number_atoms_nucleic_acid   0 
_refine_hist.pdbx_number_atoms_ligand         36 
_refine_hist.number_atoms_solvent             234 
_refine_hist.number_atoms_total               1353 
_refine_hist.d_res_high                       1.20 
_refine_hist.d_res_low                        47.28 
# 
loop_
_refine_ls_restr.type 
_refine_ls_restr.dev_ideal 
_refine_ls_restr.dev_ideal_target 
_refine_ls_restr.weight 
_refine_ls_restr.number 
_refine_ls_restr.pdbx_refine_id 
_refine_ls_restr.pdbx_restraint_function 
r_bond_refined_d             0.012  0.013  ? 1366 'X-RAY DIFFRACTION' ? 
r_bond_other_d               0.001  0.014  ? 1120 'X-RAY DIFFRACTION' ? 
r_angle_refined_deg          1.771  1.624  ? 1745 'X-RAY DIFFRACTION' ? 
r_angle_other_deg            1.461  1.600  ? 2579 'X-RAY DIFFRACTION' ? 
r_dihedral_angle_1_deg       6.548  5.000  ? 169  'X-RAY DIFFRACTION' ? 
r_dihedral_angle_2_deg       31.733 20.423 ? 71   'X-RAY DIFFRACTION' ? 
r_dihedral_angle_3_deg       12.666 15.000 ? 187  'X-RAY DIFFRACTION' ? 
r_dihedral_angle_4_deg       23.714 15.000 ? 12   'X-RAY DIFFRACTION' ? 
r_chiral_restr               0.081  0.200  ? 152  'X-RAY DIFFRACTION' ? 
r_gen_planes_refined         0.010  0.020  ? 1606 'X-RAY DIFFRACTION' ? 
r_gen_planes_other           0.002  0.020  ? 326  'X-RAY DIFFRACTION' ? 
r_nbd_refined                ?      ?      ? ?    'X-RAY DIFFRACTION' ? 
r_nbd_other                  ?      ?      ? ?    'X-RAY DIFFRACTION' ? 
r_nbtor_refined              ?      ?      ? ?    'X-RAY DIFFRACTION' ? 
r_nbtor_other                ?      ?      ? ?    'X-RAY DIFFRACTION' ? 
r_xyhbond_nbd_refined        ?      ?      ? ?    'X-RAY DIFFRACTION' ? 
r_xyhbond_nbd_other          ?      ?      ? ?    'X-RAY DIFFRACTION' ? 
r_metal_ion_refined          ?      ?      ? ?    'X-RAY DIFFRACTION' ? 
r_metal_ion_other            ?      ?      ? ?    'X-RAY DIFFRACTION' ? 
r_symmetry_vdw_refined       ?      ?      ? ?    'X-RAY DIFFRACTION' ? 
r_symmetry_vdw_other         ?      ?      ? ?    'X-RAY DIFFRACTION' ? 
r_symmetry_hbond_refined     ?      ?      ? ?    'X-RAY DIFFRACTION' ? 
r_symmetry_hbond_other       ?      ?      ? ?    'X-RAY DIFFRACTION' ? 
r_symmetry_metal_ion_refined ?      ?      ? ?    'X-RAY DIFFRACTION' ? 
r_symmetry_metal_ion_other   ?      ?      ? ?    'X-RAY DIFFRACTION' ? 
r_mcbond_it                  1.666  1.839  ? 689  'X-RAY DIFFRACTION' ? 
r_mcbond_other               1.675  1.800  ? 669  'X-RAY DIFFRACTION' ? 
r_mcangle_it                 2.573  2.704  ? 819  'X-RAY DIFFRACTION' ? 
r_mcangle_other              2.578  2.715  ? 818  'X-RAY DIFFRACTION' ? 
r_scbond_it                  2.080  2.066  ? 675  'X-RAY DIFFRACTION' ? 
r_scbond_other               2.081  2.035  ? 674  'X-RAY DIFFRACTION' ? 
r_scangle_it                 ?      ?      ? ?    'X-RAY DIFFRACTION' ? 
r_scangle_other              3.016  2.989  ? 921  'X-RAY DIFFRACTION' ? 
r_long_range_B_refined       5.883  24.305 ? 1548 'X-RAY DIFFRACTION' ? 
r_long_range_B_other         5.881  24.332 ? 1549 'X-RAY DIFFRACTION' ? 
r_rigid_bond_restr           ?      ?      ? ?    'X-RAY DIFFRACTION' ? 
r_sphericity_free            ?      ?      ? ?    'X-RAY DIFFRACTION' ? 
r_sphericity_bonded          ?      ?      ? ?    'X-RAY DIFFRACTION' ? 
# 
_refine_ls_shell.pdbx_refine_id                   'X-RAY DIFFRACTION' 
_refine_ls_shell.pdbx_total_number_of_bins_used   20 
_refine_ls_shell.d_res_high                       1.199 
_refine_ls_shell.d_res_low                        1.231 
_refine_ls_shell.number_reflns_R_work             3263 
_refine_ls_shell.R_factor_R_work                  0.373 
_refine_ls_shell.percent_reflns_obs               95.00 
_refine_ls_shell.R_factor_R_free                  0.376 
_refine_ls_shell.R_factor_R_free_error            ? 
_refine_ls_shell.percent_reflns_R_free            ? 
_refine_ls_shell.number_reflns_R_free             155 
_refine_ls_shell.number_reflns_all                ? 
_refine_ls_shell.R_factor_all                     ? 
# 
_struct.entry_id                  7H3T 
_struct.title                     
;Group deposition for crystallographic fragment screening of Coxsackievirus A16 (G-10) 2A protease -- Crystal structure of Coxsackievirus A16 (G-10) 2A protease in complex with Z1154747269 (A71EV2A-x0488)
;
_struct.pdbx_model_details        ? 
_struct.pdbx_CASP_flag            ? 
_struct.pdbx_model_type_details   ? 
# 
_struct_keywords.entry_id        7H3T 
_struct_keywords.pdbx_keywords   HYDROLASE 
_struct_keywords.text            
;Diamond Light Source, I03, ASAP, Coxsackievirus A16, crystallographic fragment screening, PanDDA, Pandda2, XChemExplorer, viral protein, HYDROLASE
;
# 
loop_
_struct_asym.id 
_struct_asym.pdbx_blank_PDB_chainid_flag 
_struct_asym.pdbx_modified 
_struct_asym.entity_id 
_struct_asym.details 
A N N 1 ? 
B N N 2 ? 
C N N 3 ? 
D N N 4 ? 
E N N 4 ? 
F N N 4 ? 
G N N 4 ? 
H N N 4 ? 
I N N 5 ? 
J N N 6 ? 
# 
_struct_ref.id                         1 
_struct_ref.db_name                    UNP 
_struct_ref.db_code                    POLG_CX16G 
_struct_ref.pdbx_db_accession          Q65900 
_struct_ref.pdbx_db_isoform            ? 
_struct_ref.entity_id                  1 
_struct_ref.pdbx_seq_one_letter_code   
;SGAIYVGNYRVVNRHLATHNDWANLVWEDSSRDLLVSSTTAQGCDTIARCDCQTGVYYCSSRRKHYPVSFSKPSLIFVEA
SEYYPARYQSHLMLAVGHSEPGDCGGILRCQHGVVGIVSTGGNGLVGFADVRDLLWLDEEAMEQ
;
_struct_ref.pdbx_align_begin           869 
# 
_struct_ref_seq.align_id                      1 
_struct_ref_seq.ref_id                        1 
_struct_ref_seq.pdbx_PDB_id_code              7H3T 
_struct_ref_seq.pdbx_strand_id                A 
_struct_ref_seq.seq_align_beg                 7 
_struct_ref_seq.pdbx_seq_align_beg_ins_code   ? 
_struct_ref_seq.seq_align_end                 150 
_struct_ref_seq.pdbx_seq_align_end_ins_code   ? 
_struct_ref_seq.pdbx_db_accession             Q65900 
_struct_ref_seq.db_align_beg                  869 
_struct_ref_seq.pdbx_db_align_beg_ins_code    ? 
_struct_ref_seq.db_align_end                  1012 
_struct_ref_seq.pdbx_db_align_end_ins_code    ? 
_struct_ref_seq.pdbx_auth_seq_align_beg       7 
_struct_ref_seq.pdbx_auth_seq_align_end       150 
# 
loop_
_struct_ref_seq_dif.align_id 
_struct_ref_seq_dif.pdbx_pdb_id_code 
_struct_ref_seq_dif.mon_id 
_struct_ref_seq_dif.pdbx_pdb_strand_id 
_struct_ref_seq_dif.seq_num 
_struct_ref_seq_dif.pdbx_pdb_ins_code 
_struct_ref_seq_dif.pdbx_seq_db_name 
_struct_ref_seq_dif.pdbx_seq_db_accession_code 
_struct_ref_seq_dif.db_mon_id 
_struct_ref_seq_dif.pdbx_seq_db_seq_num 
_struct_ref_seq_dif.details 
_struct_ref_seq_dif.pdbx_auth_seq_num 
_struct_ref_seq_dif.pdbx_ordinal 
1 7H3T GLN A 1 ? UNP Q65900 ? ? 'expression tag' 1 1 
1 7H3T GLU A 2 ? UNP Q65900 ? ? 'expression tag' 2 2 
1 7H3T GLN A 3 ? UNP Q65900 ? ? 'expression tag' 3 3 
1 7H3T THR A 4 ? UNP Q65900 ? ? 'expression tag' 4 4 
1 7H3T GLY A 5 ? UNP Q65900 ? ? 'expression tag' 5 5 
1 7H3T GLY A 6 ? UNP Q65900 ? ? 'expression tag' 6 6 
# 
_pdbx_struct_assembly.id                   1 
_pdbx_struct_assembly.details              author_and_software_defined_assembly 
_pdbx_struct_assembly.method_details       PISA 
_pdbx_struct_assembly.oligomeric_details   monomeric 
_pdbx_struct_assembly.oligomeric_count     1 
# 
loop_
_pdbx_struct_assembly_prop.biol_id 
_pdbx_struct_assembly_prop.type 
_pdbx_struct_assembly_prop.value 
_pdbx_struct_assembly_prop.details 
1 'ABSA (A^2)' 990  ? 
1 MORE         -4   ? 
1 'SSA (A^2)'  7520 ? 
# 
_pdbx_struct_assembly_gen.assembly_id       1 
_pdbx_struct_assembly_gen.oper_expression   1 
_pdbx_struct_assembly_gen.asym_id_list      A,B,C,D,E,F,G,H,I,J 
# 
_pdbx_struct_oper_list.id                   1 
_pdbx_struct_oper_list.type                 'identity operation' 
_pdbx_struct_oper_list.name                 1_555 
_pdbx_struct_oper_list.symmetry_operation   x,y,z 
_pdbx_struct_oper_list.matrix[1][1]         1.0000000000 
_pdbx_struct_oper_list.matrix[1][2]         0.0000000000 
_pdbx_struct_oper_list.matrix[1][3]         0.0000000000 
_pdbx_struct_oper_list.vector[1]            0.0000000000 
_pdbx_struct_oper_list.matrix[2][1]         0.0000000000 
_pdbx_struct_oper_list.matrix[2][2]         1.0000000000 
_pdbx_struct_oper_list.matrix[2][3]         0.0000000000 
_pdbx_struct_oper_list.vector[2]            0.0000000000 
_pdbx_struct_oper_list.matrix[3][1]         0.0000000000 
_pdbx_struct_oper_list.matrix[3][2]         0.0000000000 
_pdbx_struct_oper_list.matrix[3][3]         1.0000000000 
_pdbx_struct_oper_list.vector[3]            0.0000000000 
# 
loop_
_struct_conf.conf_type_id 
_struct_conf.id 
_struct_conf.pdbx_PDB_helix_id 
_struct_conf.beg_label_comp_id 
_struct_conf.beg_label_asym_id 
_struct_conf.beg_label_seq_id 
_struct_conf.pdbx_beg_PDB_ins_code 
_struct_conf.end_label_comp_id 
_struct_conf.end_label_asym_id 
_struct_conf.end_label_seq_id 
_struct_conf.pdbx_end_PDB_ins_code 
_struct_conf.beg_auth_comp_id 
_struct_conf.beg_auth_asym_id 
_struct_conf.beg_auth_seq_id 
_struct_conf.end_auth_comp_id 
_struct_conf.end_auth_asym_id 
_struct_conf.end_auth_seq_id 
_struct_conf.pdbx_PDB_helix_class 
_struct_conf.details 
_struct_conf.pdbx_PDB_helix_length 
HELX_P HELX_P1 AA1 HIS A 21  ? ALA A 23  ? HIS A 21  ALA A 23  5 ? 3 
HELX_P HELX_P2 AA2 THR A 24  ? ASN A 30  ? THR A 24  ASN A 30  1 ? 7 
HELX_P HELX_P3 AA3 SER A 36  ? ARG A 38  ? SER A 36  ARG A 38  5 ? 3 
HELX_P HELX_P4 AA4 SER A 66  ? ARG A 69  ? SER A 66  ARG A 69  5 ? 4 
HELX_P HELX_P5 AA5 GLU A 106 ? CYS A 110 ? GLU A 106 CYS A 110 5 ? 5 
HELX_P HELX_P6 AA6 LEU A 140 ? GLU A 145 ? LEU A 140 GLU A 145 5 ? 6 
# 
_struct_conf_type.id          HELX_P 
_struct_conf_type.criteria    ? 
_struct_conf_type.reference   ? 
# 
loop_
_struct_conn.id 
_struct_conn.conn_type_id 
_struct_conn.pdbx_leaving_atom_flag 
_struct_conn.pdbx_PDB_id 
_struct_conn.ptnr1_label_asym_id 
_struct_conn.ptnr1_label_comp_id 
_struct_conn.ptnr1_label_seq_id 
_struct_conn.ptnr1_label_atom_id 
_struct_conn.pdbx_ptnr1_label_alt_id 
_struct_conn.pdbx_ptnr1_PDB_ins_code 
_struct_conn.pdbx_ptnr1_standard_comp_id 
_struct_conn.ptnr1_symmetry 
_struct_conn.ptnr2_label_asym_id 
_struct_conn.ptnr2_label_comp_id 
_struct_conn.ptnr2_label_seq_id 
_struct_conn.ptnr2_label_atom_id 
_struct_conn.pdbx_ptnr2_label_alt_id 
_struct_conn.pdbx_ptnr2_PDB_ins_code 
_struct_conn.ptnr1_auth_asym_id 
_struct_conn.ptnr1_auth_comp_id 
_struct_conn.ptnr1_auth_seq_id 
_struct_conn.ptnr2_auth_asym_id 
_struct_conn.ptnr2_auth_comp_id 
_struct_conn.ptnr2_auth_seq_id 
_struct_conn.ptnr2_symmetry 
_struct_conn.pdbx_ptnr3_label_atom_id 
_struct_conn.pdbx_ptnr3_label_seq_id 
_struct_conn.pdbx_ptnr3_label_comp_id 
_struct_conn.pdbx_ptnr3_label_asym_id 
_struct_conn.pdbx_ptnr3_label_alt_id 
_struct_conn.pdbx_ptnr3_PDB_ins_code 
_struct_conn.details 
_struct_conn.pdbx_dist_value 
_struct_conn.pdbx_value_order 
_struct_conn.pdbx_role 
metalc1 metalc ? ? A CYS 56  SG  ? ? ? 1_555 C ZN . ZN ? ? A CYS 56  A ZN 202 1_555 ? ? ? ? ? ? ? 2.356 ? ? 
metalc2 metalc ? ? A CYS 58  SG  ? ? ? 1_555 C ZN . ZN ? ? A CYS 58  A ZN 202 1_555 ? ? ? ? ? ? ? 2.311 ? ? 
metalc3 metalc ? ? A CYS 116 SG  ? ? ? 1_555 C ZN . ZN ? ? A CYS 116 A ZN 202 1_555 ? ? ? ? ? ? ? 2.271 ? ? 
metalc4 metalc ? ? A HIS 118 ND1 ? ? ? 1_555 C ZN . ZN ? ? A HIS 118 A ZN 202 1_555 ? ? ? ? ? ? ? 2.100 ? ? 
# 
_struct_conn_type.id          metalc 
_struct_conn_type.criteria    ? 
_struct_conn_type.reference   ? 
# 
loop_
_pdbx_struct_conn_angle.id 
_pdbx_struct_conn_angle.ptnr1_label_atom_id 
_pdbx_struct_conn_angle.ptnr1_label_alt_id 
_pdbx_struct_conn_angle.ptnr1_label_asym_id 
_pdbx_struct_conn_angle.ptnr1_label_comp_id 
_pdbx_struct_conn_angle.ptnr1_label_seq_id 
_pdbx_struct_conn_angle.ptnr1_auth_atom_id 
_pdbx_struct_conn_angle.ptnr1_auth_asym_id 
_pdbx_struct_conn_angle.ptnr1_auth_comp_id 
_pdbx_struct_conn_angle.ptnr1_auth_seq_id 
_pdbx_struct_conn_angle.ptnr1_PDB_ins_code 
_pdbx_struct_conn_angle.ptnr1_symmetry 
_pdbx_struct_conn_angle.ptnr2_label_atom_id 
_pdbx_struct_conn_angle.ptnr2_label_alt_id 
_pdbx_struct_conn_angle.ptnr2_label_asym_id 
_pdbx_struct_conn_angle.ptnr2_label_comp_id 
_pdbx_struct_conn_angle.ptnr2_label_seq_id 
_pdbx_struct_conn_angle.ptnr2_auth_atom_id 
_pdbx_struct_conn_angle.ptnr2_auth_asym_id 
_pdbx_struct_conn_angle.ptnr2_auth_comp_id 
_pdbx_struct_conn_angle.ptnr2_auth_seq_id 
_pdbx_struct_conn_angle.ptnr2_PDB_ins_code 
_pdbx_struct_conn_angle.ptnr2_symmetry 
_pdbx_struct_conn_angle.ptnr3_label_atom_id 
_pdbx_struct_conn_angle.ptnr3_label_alt_id 
_pdbx_struct_conn_angle.ptnr3_label_asym_id 
_pdbx_struct_conn_angle.ptnr3_label_comp_id 
_pdbx_struct_conn_angle.ptnr3_label_seq_id 
_pdbx_struct_conn_angle.ptnr3_auth_atom_id 
_pdbx_struct_conn_angle.ptnr3_auth_asym_id 
_pdbx_struct_conn_angle.ptnr3_auth_comp_id 
_pdbx_struct_conn_angle.ptnr3_auth_seq_id 
_pdbx_struct_conn_angle.ptnr3_PDB_ins_code 
_pdbx_struct_conn_angle.ptnr3_symmetry 
_pdbx_struct_conn_angle.value 
_pdbx_struct_conn_angle.value_esd 
1 SG ? A CYS 56  ? A CYS 56  ? 1_555 ZN ? C ZN . ? A ZN 202 ? 1_555 SG  ? A CYS 58  ? A CYS 58  ? 1_555 109.1 ? 
2 SG ? A CYS 56  ? A CYS 56  ? 1_555 ZN ? C ZN . ? A ZN 202 ? 1_555 SG  ? A CYS 116 ? A CYS 116 ? 1_555 106.2 ? 
3 SG ? A CYS 58  ? A CYS 58  ? 1_555 ZN ? C ZN . ? A ZN 202 ? 1_555 SG  ? A CYS 116 ? A CYS 116 ? 1_555 117.5 ? 
4 SG ? A CYS 56  ? A CYS 56  ? 1_555 ZN ? C ZN . ? A ZN 202 ? 1_555 ND1 ? A HIS 118 ? A HIS 118 ? 1_555 105.6 ? 
5 SG ? A CYS 58  ? A CYS 58  ? 1_555 ZN ? C ZN . ? A ZN 202 ? 1_555 ND1 ? A HIS 118 ? A HIS 118 ? 1_555 101.5 ? 
6 SG ? A CYS 116 ? A CYS 116 ? 1_555 ZN ? C ZN . ? A ZN 202 ? 1_555 ND1 ? A HIS 118 ? A HIS 118 ? 1_555 116.3 ? 
# 
loop_
_struct_sheet.id 
_struct_sheet.type 
_struct_sheet.number_strands 
_struct_sheet.details 
AA1 ? 4 ? 
AA2 ? 7 ? 
# 
loop_
_struct_sheet_order.sheet_id 
_struct_sheet_order.range_id_1 
_struct_sheet_order.range_id_2 
_struct_sheet_order.offset 
_struct_sheet_order.sense 
AA1 1 2 ? anti-parallel 
AA1 2 3 ? anti-parallel 
AA1 3 4 ? anti-parallel 
AA2 1 2 ? anti-parallel 
AA2 2 3 ? anti-parallel 
AA2 3 4 ? anti-parallel 
AA2 4 5 ? anti-parallel 
AA2 5 6 ? anti-parallel 
AA2 6 7 ? anti-parallel 
# 
loop_
_struct_sheet_range.sheet_id 
_struct_sheet_range.id 
_struct_sheet_range.beg_label_comp_id 
_struct_sheet_range.beg_label_asym_id 
_struct_sheet_range.beg_label_seq_id 
_struct_sheet_range.pdbx_beg_PDB_ins_code 
_struct_sheet_range.end_label_comp_id 
_struct_sheet_range.end_label_asym_id 
_struct_sheet_range.end_label_seq_id 
_struct_sheet_range.pdbx_end_PDB_ins_code 
_struct_sheet_range.beg_auth_comp_id 
_struct_sheet_range.beg_auth_asym_id 
_struct_sheet_range.beg_auth_seq_id 
_struct_sheet_range.end_auth_comp_id 
_struct_sheet_range.end_auth_asym_id 
_struct_sheet_range.end_auth_seq_id 
AA1 1 ILE A 10  ? VAL A 12  ? ILE A 10  VAL A 12  
AA1 2 TYR A 15  ? ASN A 19  ? TYR A 15  ASN A 19  
AA1 3 LEU A 40  ? SER A 44  ? LEU A 40  SER A 44  
AA1 4 LEU A 31  ? ASP A 35  ? LEU A 31  ASP A 35  
AA2 1 LYS A 70  ? SER A 75  ? LYS A 70  SER A 75  
AA2 2 THR A 60  ? CYS A 65  ? THR A 60  CYS A 65  
AA2 3 ILE A 113 ? CYS A 116 ? ILE A 113 CYS A 116 
AA2 4 GLY A 119 ? THR A 126 ? GLY A 119 THR A 126 
AA2 5 LEU A 131 ? ASP A 136 ? LEU A 131 ASP A 136 
AA2 6 ARG A 93  ? VAL A 102 ? ARG A 93  VAL A 102 
AA2 7 SER A 80  ? VAL A 84  ? SER A 80  VAL A 84  
# 
loop_
_pdbx_struct_sheet_hbond.sheet_id 
_pdbx_struct_sheet_hbond.range_id_1 
_pdbx_struct_sheet_hbond.range_id_2 
_pdbx_struct_sheet_hbond.range_1_label_atom_id 
_pdbx_struct_sheet_hbond.range_1_label_comp_id 
_pdbx_struct_sheet_hbond.range_1_label_asym_id 
_pdbx_struct_sheet_hbond.range_1_label_seq_id 
_pdbx_struct_sheet_hbond.range_1_PDB_ins_code 
_pdbx_struct_sheet_hbond.range_1_auth_atom_id 
_pdbx_struct_sheet_hbond.range_1_auth_comp_id 
_pdbx_struct_sheet_hbond.range_1_auth_asym_id 
_pdbx_struct_sheet_hbond.range_1_auth_seq_id 
_pdbx_struct_sheet_hbond.range_2_label_atom_id 
_pdbx_struct_sheet_hbond.range_2_label_comp_id 
_pdbx_struct_sheet_hbond.range_2_label_asym_id 
_pdbx_struct_sheet_hbond.range_2_label_seq_id 
_pdbx_struct_sheet_hbond.range_2_PDB_ins_code 
_pdbx_struct_sheet_hbond.range_2_auth_atom_id 
_pdbx_struct_sheet_hbond.range_2_auth_comp_id 
_pdbx_struct_sheet_hbond.range_2_auth_asym_id 
_pdbx_struct_sheet_hbond.range_2_auth_seq_id 
AA1 1 2 N ILE A 10  ? N ILE A 10  O VAL A 17  ? O VAL A 17  
AA1 2 3 N VAL A 18  ? N VAL A 18  O LEU A 41  ? O LEU A 41  
AA1 3 4 O VAL A 42  ? O VAL A 42  N TRP A 33  ? N TRP A 33  
AA2 1 2 O LYS A 70  ? O LYS A 70  N CYS A 65  ? N CYS A 65  
AA2 2 3 N VAL A 62  ? N VAL A 62  O ARG A 115 ? O ARG A 115 
AA2 3 4 N LEU A 114 ? N LEU A 114 O VAL A 121 ? O VAL A 121 
AA2 4 5 N SER A 125 ? N SER A 125 O GLY A 133 ? O GLY A 133 
AA2 5 6 O VAL A 132 ? O VAL A 132 N ALA A 101 ? N ALA A 101 
AA2 6 7 O ARG A 93  ? O ARG A 93  N VAL A 84  ? N VAL A 84  
# 
_pdbx_entry_details.entry_id                   7H3T 
_pdbx_entry_details.compound_details           ? 
_pdbx_entry_details.source_details             ? 
_pdbx_entry_details.nonpolymer_details         ? 
_pdbx_entry_details.sequence_details           ? 
_pdbx_entry_details.has_ligand_of_interest     ? 
_pdbx_entry_details.has_protein_modification   N 
# 
loop_
_pdbx_validate_close_contact.id 
_pdbx_validate_close_contact.PDB_model_num 
_pdbx_validate_close_contact.auth_atom_id_1 
_pdbx_validate_close_contact.auth_asym_id_1 
_pdbx_validate_close_contact.auth_comp_id_1 
_pdbx_validate_close_contact.auth_seq_id_1 
_pdbx_validate_close_contact.PDB_ins_code_1 
_pdbx_validate_close_contact.label_alt_id_1 
_pdbx_validate_close_contact.auth_atom_id_2 
_pdbx_validate_close_contact.auth_asym_id_2 
_pdbx_validate_close_contact.auth_comp_id_2 
_pdbx_validate_close_contact.auth_seq_id_2 
_pdbx_validate_close_contact.PDB_ins_code_2 
_pdbx_validate_close_contact.label_alt_id_2 
_pdbx_validate_close_contact.dist 
1 1 O A HOH 318 ? ? O A HOH 461 ? ? 2.14 
2 1 O A HOH 307 ? ? O A HOH 487 ? ? 2.18 
3 1 O A HOH 404 ? ? O A HOH 517 ? ? 2.18 
# 
_pdbx_validate_rmsd_angle.id                         1 
_pdbx_validate_rmsd_angle.PDB_model_num              1 
_pdbx_validate_rmsd_angle.auth_atom_id_1             NE 
_pdbx_validate_rmsd_angle.auth_asym_id_1             A 
_pdbx_validate_rmsd_angle.auth_comp_id_1             ARG 
_pdbx_validate_rmsd_angle.auth_seq_id_1              20 
_pdbx_validate_rmsd_angle.PDB_ins_code_1             ? 
_pdbx_validate_rmsd_angle.label_alt_id_1             ? 
_pdbx_validate_rmsd_angle.auth_atom_id_2             CZ 
_pdbx_validate_rmsd_angle.auth_asym_id_2             A 
_pdbx_validate_rmsd_angle.auth_comp_id_2             ARG 
_pdbx_validate_rmsd_angle.auth_seq_id_2              20 
_pdbx_validate_rmsd_angle.PDB_ins_code_2             ? 
_pdbx_validate_rmsd_angle.label_alt_id_2             ? 
_pdbx_validate_rmsd_angle.auth_atom_id_3             NH1 
_pdbx_validate_rmsd_angle.auth_asym_id_3             A 
_pdbx_validate_rmsd_angle.auth_comp_id_3             ARG 
_pdbx_validate_rmsd_angle.auth_seq_id_3              20 
_pdbx_validate_rmsd_angle.PDB_ins_code_3             ? 
_pdbx_validate_rmsd_angle.label_alt_id_3             ? 
_pdbx_validate_rmsd_angle.angle_value                123.51 
_pdbx_validate_rmsd_angle.angle_target_value         120.30 
_pdbx_validate_rmsd_angle.angle_deviation            3.21 
_pdbx_validate_rmsd_angle.angle_standard_deviation   0.50 
_pdbx_validate_rmsd_angle.linker_flag                N 
# 
_pdbx_validate_torsion.id              1 
_pdbx_validate_torsion.PDB_model_num   1 
_pdbx_validate_torsion.auth_comp_id    ASN 
_pdbx_validate_torsion.auth_asym_id    A 
_pdbx_validate_torsion.auth_seq_id     14 
_pdbx_validate_torsion.PDB_ins_code    ? 
_pdbx_validate_torsion.label_alt_id    ? 
_pdbx_validate_torsion.phi             -108.80 
_pdbx_validate_torsion.psi             41.89 
# 
_pdbx_distant_solvent_atoms.id                                1 
_pdbx_distant_solvent_atoms.PDB_model_num                     1 
_pdbx_distant_solvent_atoms.auth_atom_id                      O 
_pdbx_distant_solvent_atoms.label_alt_id                      ? 
_pdbx_distant_solvent_atoms.auth_asym_id                      A 
_pdbx_distant_solvent_atoms.auth_comp_id                      HOH 
_pdbx_distant_solvent_atoms.auth_seq_id                       534 
_pdbx_distant_solvent_atoms.PDB_ins_code                      ? 
_pdbx_distant_solvent_atoms.neighbor_macromolecule_distance   7.66 
_pdbx_distant_solvent_atoms.neighbor_ligand_distance          . 
# 
loop_
_pdbx_unobs_or_zero_occ_residues.id 
_pdbx_unobs_or_zero_occ_residues.PDB_model_num 
_pdbx_unobs_or_zero_occ_residues.polymer_flag 
_pdbx_unobs_or_zero_occ_residues.occupancy_flag 
_pdbx_unobs_or_zero_occ_residues.auth_asym_id 
_pdbx_unobs_or_zero_occ_residues.auth_comp_id 
_pdbx_unobs_or_zero_occ_residues.auth_seq_id 
_pdbx_unobs_or_zero_occ_residues.PDB_ins_code 
_pdbx_unobs_or_zero_occ_residues.label_asym_id 
_pdbx_unobs_or_zero_occ_residues.label_comp_id 
_pdbx_unobs_or_zero_occ_residues.label_seq_id 
1  1 Y 1 A GLN 1   ? A GLN 1   
2  1 Y 1 A GLU 2   ? A GLU 2   
3  1 Y 1 A GLN 3   ? A GLN 3   
4  1 Y 1 A THR 4   ? A THR 4   
5  1 Y 1 A GLY 5   ? A GLY 5   
6  1 Y 1 A GLY 6   ? A GLY 6   
7  1 Y 1 A ALA 147 ? A ALA 147 
8  1 Y 1 A MET 148 ? A MET 148 
9  1 Y 1 A GLU 149 ? A GLU 149 
10 1 Y 1 A GLN 150 ? A GLN 150 
# 
loop_
_chem_comp_atom.comp_id 
_chem_comp_atom.atom_id 
_chem_comp_atom.type_symbol 
_chem_comp_atom.pdbx_aromatic_flag 
_chem_comp_atom.pdbx_stereo_config 
_chem_comp_atom.pdbx_ordinal 
A1AM7 N1   N  N N 1   
A1AM7 C4   C  N N 2   
A1AM7 C5   C  N N 3   
A1AM7 N    N  N N 4   
A1AM7 C    C  N N 5   
A1AM7 O    O  N N 6   
A1AM7 C1   C  N N 7   
A1AM7 C2   C  N N 8   
A1AM7 C3   C  N N 9   
A1AM7 O1   O  N N 10  
A1AM7 H7   H  N N 11  
A1AM7 H2   H  N N 12  
A1AM7 H1   H  N N 13  
A1AM7 H    H  N N 14  
A1AM7 H4   H  N N 15  
A1AM7 H3   H  N N 16  
A1AM7 H5   H  N N 17  
A1AM7 H6   H  N N 18  
ALA   N    N  N N 19  
ALA   CA   C  N S 20  
ALA   C    C  N N 21  
ALA   O    O  N N 22  
ALA   CB   C  N N 23  
ALA   OXT  O  N N 24  
ALA   H    H  N N 25  
ALA   H2   H  N N 26  
ALA   HA   H  N N 27  
ALA   HB1  H  N N 28  
ALA   HB2  H  N N 29  
ALA   HB3  H  N N 30  
ALA   HXT  H  N N 31  
ARG   N    N  N N 32  
ARG   CA   C  N S 33  
ARG   C    C  N N 34  
ARG   O    O  N N 35  
ARG   CB   C  N N 36  
ARG   CG   C  N N 37  
ARG   CD   C  N N 38  
ARG   NE   N  N N 39  
ARG   CZ   C  N N 40  
ARG   NH1  N  N N 41  
ARG   NH2  N  N N 42  
ARG   OXT  O  N N 43  
ARG   H    H  N N 44  
ARG   H2   H  N N 45  
ARG   HA   H  N N 46  
ARG   HB2  H  N N 47  
ARG   HB3  H  N N 48  
ARG   HG2  H  N N 49  
ARG   HG3  H  N N 50  
ARG   HD2  H  N N 51  
ARG   HD3  H  N N 52  
ARG   HE   H  N N 53  
ARG   HH11 H  N N 54  
ARG   HH12 H  N N 55  
ARG   HH21 H  N N 56  
ARG   HH22 H  N N 57  
ARG   HXT  H  N N 58  
ASN   N    N  N N 59  
ASN   CA   C  N S 60  
ASN   C    C  N N 61  
ASN   O    O  N N 62  
ASN   CB   C  N N 63  
ASN   CG   C  N N 64  
ASN   OD1  O  N N 65  
ASN   ND2  N  N N 66  
ASN   OXT  O  N N 67  
ASN   H    H  N N 68  
ASN   H2   H  N N 69  
ASN   HA   H  N N 70  
ASN   HB2  H  N N 71  
ASN   HB3  H  N N 72  
ASN   HD21 H  N N 73  
ASN   HD22 H  N N 74  
ASN   HXT  H  N N 75  
ASP   N    N  N N 76  
ASP   CA   C  N S 77  
ASP   C    C  N N 78  
ASP   O    O  N N 79  
ASP   CB   C  N N 80  
ASP   CG   C  N N 81  
ASP   OD1  O  N N 82  
ASP   OD2  O  N N 83  
ASP   OXT  O  N N 84  
ASP   H    H  N N 85  
ASP   H2   H  N N 86  
ASP   HA   H  N N 87  
ASP   HB2  H  N N 88  
ASP   HB3  H  N N 89  
ASP   HD2  H  N N 90  
ASP   HXT  H  N N 91  
CYS   N    N  N N 92  
CYS   CA   C  N R 93  
CYS   C    C  N N 94  
CYS   O    O  N N 95  
CYS   CB   C  N N 96  
CYS   SG   S  N N 97  
CYS   OXT  O  N N 98  
CYS   H    H  N N 99  
CYS   H2   H  N N 100 
CYS   HA   H  N N 101 
CYS   HB2  H  N N 102 
CYS   HB3  H  N N 103 
CYS   HG   H  N N 104 
CYS   HXT  H  N N 105 
DMS   S    S  N N 106 
DMS   O    O  N N 107 
DMS   C1   C  N N 108 
DMS   C2   C  N N 109 
DMS   H11  H  N N 110 
DMS   H12  H  N N 111 
DMS   H13  H  N N 112 
DMS   H21  H  N N 113 
DMS   H22  H  N N 114 
DMS   H23  H  N N 115 
GLN   N    N  N N 116 
GLN   CA   C  N S 117 
GLN   C    C  N N 118 
GLN   O    O  N N 119 
GLN   CB   C  N N 120 
GLN   CG   C  N N 121 
GLN   CD   C  N N 122 
GLN   OE1  O  N N 123 
GLN   NE2  N  N N 124 
GLN   OXT  O  N N 125 
GLN   H    H  N N 126 
GLN   H2   H  N N 127 
GLN   HA   H  N N 128 
GLN   HB2  H  N N 129 
GLN   HB3  H  N N 130 
GLN   HG2  H  N N 131 
GLN   HG3  H  N N 132 
GLN   HE21 H  N N 133 
GLN   HE22 H  N N 134 
GLN   HXT  H  N N 135 
GLU   N    N  N N 136 
GLU   CA   C  N S 137 
GLU   C    C  N N 138 
GLU   O    O  N N 139 
GLU   CB   C  N N 140 
GLU   CG   C  N N 141 
GLU   CD   C  N N 142 
GLU   OE1  O  N N 143 
GLU   OE2  O  N N 144 
GLU   OXT  O  N N 145 
GLU   H    H  N N 146 
GLU   H2   H  N N 147 
GLU   HA   H  N N 148 
GLU   HB2  H  N N 149 
GLU   HB3  H  N N 150 
GLU   HG2  H  N N 151 
GLU   HG3  H  N N 152 
GLU   HE2  H  N N 153 
GLU   HXT  H  N N 154 
GLY   N    N  N N 155 
GLY   CA   C  N N 156 
GLY   C    C  N N 157 
GLY   O    O  N N 158 
GLY   OXT  O  N N 159 
GLY   H    H  N N 160 
GLY   H2   H  N N 161 
GLY   HA2  H  N N 162 
GLY   HA3  H  N N 163 
GLY   HXT  H  N N 164 
HIS   N    N  N N 165 
HIS   CA   C  N S 166 
HIS   C    C  N N 167 
HIS   O    O  N N 168 
HIS   CB   C  N N 169 
HIS   CG   C  Y N 170 
HIS   ND1  N  Y N 171 
HIS   CD2  C  Y N 172 
HIS   CE1  C  Y N 173 
HIS   NE2  N  Y N 174 
HIS   OXT  O  N N 175 
HIS   H    H  N N 176 
HIS   H2   H  N N 177 
HIS   HA   H  N N 178 
HIS   HB2  H  N N 179 
HIS   HB3  H  N N 180 
HIS   HD1  H  N N 181 
HIS   HD2  H  N N 182 
HIS   HE1  H  N N 183 
HIS   HE2  H  N N 184 
HIS   HXT  H  N N 185 
HOH   O    O  N N 186 
HOH   H1   H  N N 187 
HOH   H2   H  N N 188 
ILE   N    N  N N 189 
ILE   CA   C  N S 190 
ILE   C    C  N N 191 
ILE   O    O  N N 192 
ILE   CB   C  N S 193 
ILE   CG1  C  N N 194 
ILE   CG2  C  N N 195 
ILE   CD1  C  N N 196 
ILE   OXT  O  N N 197 
ILE   H    H  N N 198 
ILE   H2   H  N N 199 
ILE   HA   H  N N 200 
ILE   HB   H  N N 201 
ILE   HG12 H  N N 202 
ILE   HG13 H  N N 203 
ILE   HG21 H  N N 204 
ILE   HG22 H  N N 205 
ILE   HG23 H  N N 206 
ILE   HD11 H  N N 207 
ILE   HD12 H  N N 208 
ILE   HD13 H  N N 209 
ILE   HXT  H  N N 210 
LEU   N    N  N N 211 
LEU   CA   C  N S 212 
LEU   C    C  N N 213 
LEU   O    O  N N 214 
LEU   CB   C  N N 215 
LEU   CG   C  N N 216 
LEU   CD1  C  N N 217 
LEU   CD2  C  N N 218 
LEU   OXT  O  N N 219 
LEU   H    H  N N 220 
LEU   H2   H  N N 221 
LEU   HA   H  N N 222 
LEU   HB2  H  N N 223 
LEU   HB3  H  N N 224 
LEU   HG   H  N N 225 
LEU   HD11 H  N N 226 
LEU   HD12 H  N N 227 
LEU   HD13 H  N N 228 
LEU   HD21 H  N N 229 
LEU   HD22 H  N N 230 
LEU   HD23 H  N N 231 
LEU   HXT  H  N N 232 
LYS   N    N  N N 233 
LYS   CA   C  N S 234 
LYS   C    C  N N 235 
LYS   O    O  N N 236 
LYS   CB   C  N N 237 
LYS   CG   C  N N 238 
LYS   CD   C  N N 239 
LYS   CE   C  N N 240 
LYS   NZ   N  N N 241 
LYS   OXT  O  N N 242 
LYS   H    H  N N 243 
LYS   H2   H  N N 244 
LYS   HA   H  N N 245 
LYS   HB2  H  N N 246 
LYS   HB3  H  N N 247 
LYS   HG2  H  N N 248 
LYS   HG3  H  N N 249 
LYS   HD2  H  N N 250 
LYS   HD3  H  N N 251 
LYS   HE2  H  N N 252 
LYS   HE3  H  N N 253 
LYS   HZ1  H  N N 254 
LYS   HZ2  H  N N 255 
LYS   HZ3  H  N N 256 
LYS   HXT  H  N N 257 
MET   N    N  N N 258 
MET   CA   C  N S 259 
MET   C    C  N N 260 
MET   O    O  N N 261 
MET   CB   C  N N 262 
MET   CG   C  N N 263 
MET   SD   S  N N 264 
MET   CE   C  N N 265 
MET   OXT  O  N N 266 
MET   H    H  N N 267 
MET   H2   H  N N 268 
MET   HA   H  N N 269 
MET   HB2  H  N N 270 
MET   HB3  H  N N 271 
MET   HG2  H  N N 272 
MET   HG3  H  N N 273 
MET   HE1  H  N N 274 
MET   HE2  H  N N 275 
MET   HE3  H  N N 276 
MET   HXT  H  N N 277 
PHE   N    N  N N 278 
PHE   CA   C  N S 279 
PHE   C    C  N N 280 
PHE   O    O  N N 281 
PHE   CB   C  N N 282 
PHE   CG   C  Y N 283 
PHE   CD1  C  Y N 284 
PHE   CD2  C  Y N 285 
PHE   CE1  C  Y N 286 
PHE   CE2  C  Y N 287 
PHE   CZ   C  Y N 288 
PHE   OXT  O  N N 289 
PHE   H    H  N N 290 
PHE   H2   H  N N 291 
PHE   HA   H  N N 292 
PHE   HB2  H  N N 293 
PHE   HB3  H  N N 294 
PHE   HD1  H  N N 295 
PHE   HD2  H  N N 296 
PHE   HE1  H  N N 297 
PHE   HE2  H  N N 298 
PHE   HZ   H  N N 299 
PHE   HXT  H  N N 300 
PRO   N    N  N N 301 
PRO   CA   C  N S 302 
PRO   C    C  N N 303 
PRO   O    O  N N 304 
PRO   CB   C  N N 305 
PRO   CG   C  N N 306 
PRO   CD   C  N N 307 
PRO   OXT  O  N N 308 
PRO   H    H  N N 309 
PRO   HA   H  N N 310 
PRO   HB2  H  N N 311 
PRO   HB3  H  N N 312 
PRO   HG2  H  N N 313 
PRO   HG3  H  N N 314 
PRO   HD2  H  N N 315 
PRO   HD3  H  N N 316 
PRO   HXT  H  N N 317 
SER   N    N  N N 318 
SER   CA   C  N S 319 
SER   C    C  N N 320 
SER   O    O  N N 321 
SER   CB   C  N N 322 
SER   OG   O  N N 323 
SER   OXT  O  N N 324 
SER   H    H  N N 325 
SER   H2   H  N N 326 
SER   HA   H  N N 327 
SER   HB2  H  N N 328 
SER   HB3  H  N N 329 
SER   HG   H  N N 330 
SER   HXT  H  N N 331 
SO4   S    S  N N 332 
SO4   O1   O  N N 333 
SO4   O2   O  N N 334 
SO4   O3   O  N N 335 
SO4   O4   O  N N 336 
THR   N    N  N N 337 
THR   CA   C  N S 338 
THR   C    C  N N 339 
THR   O    O  N N 340 
THR   CB   C  N R 341 
THR   OG1  O  N N 342 
THR   CG2  C  N N 343 
THR   OXT  O  N N 344 
THR   H    H  N N 345 
THR   H2   H  N N 346 
THR   HA   H  N N 347 
THR   HB   H  N N 348 
THR   HG1  H  N N 349 
THR   HG21 H  N N 350 
THR   HG22 H  N N 351 
THR   HG23 H  N N 352 
THR   HXT  H  N N 353 
TRP   N    N  N N 354 
TRP   CA   C  N S 355 
TRP   C    C  N N 356 
TRP   O    O  N N 357 
TRP   CB   C  N N 358 
TRP   CG   C  Y N 359 
TRP   CD1  C  Y N 360 
TRP   CD2  C  Y N 361 
TRP   NE1  N  Y N 362 
TRP   CE2  C  Y N 363 
TRP   CE3  C  Y N 364 
TRP   CZ2  C  Y N 365 
TRP   CZ3  C  Y N 366 
TRP   CH2  C  Y N 367 
TRP   OXT  O  N N 368 
TRP   H    H  N N 369 
TRP   H2   H  N N 370 
TRP   HA   H  N N 371 
TRP   HB2  H  N N 372 
TRP   HB3  H  N N 373 
TRP   HD1  H  N N 374 
TRP   HE1  H  N N 375 
TRP   HE3  H  N N 376 
TRP   HZ2  H  N N 377 
TRP   HZ3  H  N N 378 
TRP   HH2  H  N N 379 
TRP   HXT  H  N N 380 
TYR   N    N  N N 381 
TYR   CA   C  N S 382 
TYR   C    C  N N 383 
TYR   O    O  N N 384 
TYR   CB   C  N N 385 
TYR   CG   C  Y N 386 
TYR   CD1  C  Y N 387 
TYR   CD2  C  Y N 388 
TYR   CE1  C  Y N 389 
TYR   CE2  C  Y N 390 
TYR   CZ   C  Y N 391 
TYR   OH   O  N N 392 
TYR   OXT  O  N N 393 
TYR   H    H  N N 394 
TYR   H2   H  N N 395 
TYR   HA   H  N N 396 
TYR   HB2  H  N N 397 
TYR   HB3  H  N N 398 
TYR   HD1  H  N N 399 
TYR   HD2  H  N N 400 
TYR   HE1  H  N N 401 
TYR   HE2  H  N N 402 
TYR   HH   H  N N 403 
TYR   HXT  H  N N 404 
VAL   N    N  N N 405 
VAL   CA   C  N S 406 
VAL   C    C  N N 407 
VAL   O    O  N N 408 
VAL   CB   C  N N 409 
VAL   CG1  C  N N 410 
VAL   CG2  C  N N 411 
VAL   OXT  O  N N 412 
VAL   H    H  N N 413 
VAL   H2   H  N N 414 
VAL   HA   H  N N 415 
VAL   HB   H  N N 416 
VAL   HG11 H  N N 417 
VAL   HG12 H  N N 418 
VAL   HG13 H  N N 419 
VAL   HG21 H  N N 420 
VAL   HG22 H  N N 421 
VAL   HG23 H  N N 422 
VAL   HXT  H  N N 423 
ZN    ZN   ZN N N 424 
# 
loop_
_chem_comp_bond.comp_id 
_chem_comp_bond.atom_id_1 
_chem_comp_bond.atom_id_2 
_chem_comp_bond.value_order 
_chem_comp_bond.pdbx_aromatic_flag 
_chem_comp_bond.pdbx_stereo_config 
_chem_comp_bond.pdbx_ordinal 
A1AM7 O   C    sing N N 1   
A1AM7 C   C1   sing N N 2   
A1AM7 C1  N    sing N N 3   
A1AM7 N   C2   sing N N 4   
A1AM7 C2  N1   doub N N 5   
A1AM7 N1  C3   sing N N 6   
A1AM7 C3  C4   doub N N 7   
A1AM7 C4  C5   sing N N 8   
A1AM7 N   C5   sing N N 9   
A1AM7 C5  O1   doub N N 10  
A1AM7 C4  H7   sing N N 11  
A1AM7 C   H2   sing N N 12  
A1AM7 C   H1   sing N N 13  
A1AM7 O   H    sing N N 14  
A1AM7 C1  H4   sing N N 15  
A1AM7 C1  H3   sing N N 16  
A1AM7 C2  H5   sing N N 17  
A1AM7 C3  H6   sing N N 18  
ALA   N   CA   sing N N 19  
ALA   N   H    sing N N 20  
ALA   N   H2   sing N N 21  
ALA   CA  C    sing N N 22  
ALA   CA  CB   sing N N 23  
ALA   CA  HA   sing N N 24  
ALA   C   O    doub N N 25  
ALA   C   OXT  sing N N 26  
ALA   CB  HB1  sing N N 27  
ALA   CB  HB2  sing N N 28  
ALA   CB  HB3  sing N N 29  
ALA   OXT HXT  sing N N 30  
ARG   N   CA   sing N N 31  
ARG   N   H    sing N N 32  
ARG   N   H2   sing N N 33  
ARG   CA  C    sing N N 34  
ARG   CA  CB   sing N N 35  
ARG   CA  HA   sing N N 36  
ARG   C   O    doub N N 37  
ARG   C   OXT  sing N N 38  
ARG   CB  CG   sing N N 39  
ARG   CB  HB2  sing N N 40  
ARG   CB  HB3  sing N N 41  
ARG   CG  CD   sing N N 42  
ARG   CG  HG2  sing N N 43  
ARG   CG  HG3  sing N N 44  
ARG   CD  NE   sing N N 45  
ARG   CD  HD2  sing N N 46  
ARG   CD  HD3  sing N N 47  
ARG   NE  CZ   sing N N 48  
ARG   NE  HE   sing N N 49  
ARG   CZ  NH1  sing N N 50  
ARG   CZ  NH2  doub N N 51  
ARG   NH1 HH11 sing N N 52  
ARG   NH1 HH12 sing N N 53  
ARG   NH2 HH21 sing N N 54  
ARG   NH2 HH22 sing N N 55  
ARG   OXT HXT  sing N N 56  
ASN   N   CA   sing N N 57  
ASN   N   H    sing N N 58  
ASN   N   H2   sing N N 59  
ASN   CA  C    sing N N 60  
ASN   CA  CB   sing N N 61  
ASN   CA  HA   sing N N 62  
ASN   C   O    doub N N 63  
ASN   C   OXT  sing N N 64  
ASN   CB  CG   sing N N 65  
ASN   CB  HB2  sing N N 66  
ASN   CB  HB3  sing N N 67  
ASN   CG  OD1  doub N N 68  
ASN   CG  ND2  sing N N 69  
ASN   ND2 HD21 sing N N 70  
ASN   ND2 HD22 sing N N 71  
ASN   OXT HXT  sing N N 72  
ASP   N   CA   sing N N 73  
ASP   N   H    sing N N 74  
ASP   N   H2   sing N N 75  
ASP   CA  C    sing N N 76  
ASP   CA  CB   sing N N 77  
ASP   CA  HA   sing N N 78  
ASP   C   O    doub N N 79  
ASP   C   OXT  sing N N 80  
ASP   CB  CG   sing N N 81  
ASP   CB  HB2  sing N N 82  
ASP   CB  HB3  sing N N 83  
ASP   CG  OD1  doub N N 84  
ASP   CG  OD2  sing N N 85  
ASP   OD2 HD2  sing N N 86  
ASP   OXT HXT  sing N N 87  
CYS   N   CA   sing N N 88  
CYS   N   H    sing N N 89  
CYS   N   H2   sing N N 90  
CYS   CA  C    sing N N 91  
CYS   CA  CB   sing N N 92  
CYS   CA  HA   sing N N 93  
CYS   C   O    doub N N 94  
CYS   C   OXT  sing N N 95  
CYS   CB  SG   sing N N 96  
CYS   CB  HB2  sing N N 97  
CYS   CB  HB3  sing N N 98  
CYS   SG  HG   sing N N 99  
CYS   OXT HXT  sing N N 100 
DMS   S   O    doub N N 101 
DMS   S   C1   sing N N 102 
DMS   S   C2   sing N N 103 
DMS   C1  H11  sing N N 104 
DMS   C1  H12  sing N N 105 
DMS   C1  H13  sing N N 106 
DMS   C2  H21  sing N N 107 
DMS   C2  H22  sing N N 108 
DMS   C2  H23  sing N N 109 
GLN   N   CA   sing N N 110 
GLN   N   H    sing N N 111 
GLN   N   H2   sing N N 112 
GLN   CA  C    sing N N 113 
GLN   CA  CB   sing N N 114 
GLN   CA  HA   sing N N 115 
GLN   C   O    doub N N 116 
GLN   C   OXT  sing N N 117 
GLN   CB  CG   sing N N 118 
GLN   CB  HB2  sing N N 119 
GLN   CB  HB3  sing N N 120 
GLN   CG  CD   sing N N 121 
GLN   CG  HG2  sing N N 122 
GLN   CG  HG3  sing N N 123 
GLN   CD  OE1  doub N N 124 
GLN   CD  NE2  sing N N 125 
GLN   NE2 HE21 sing N N 126 
GLN   NE2 HE22 sing N N 127 
GLN   OXT HXT  sing N N 128 
GLU   N   CA   sing N N 129 
GLU   N   H    sing N N 130 
GLU   N   H2   sing N N 131 
GLU   CA  C    sing N N 132 
GLU   CA  CB   sing N N 133 
GLU   CA  HA   sing N N 134 
GLU   C   O    doub N N 135 
GLU   C   OXT  sing N N 136 
GLU   CB  CG   sing N N 137 
GLU   CB  HB2  sing N N 138 
GLU   CB  HB3  sing N N 139 
GLU   CG  CD   sing N N 140 
GLU   CG  HG2  sing N N 141 
GLU   CG  HG3  sing N N 142 
GLU   CD  OE1  doub N N 143 
GLU   CD  OE2  sing N N 144 
GLU   OE2 HE2  sing N N 145 
GLU   OXT HXT  sing N N 146 
GLY   N   CA   sing N N 147 
GLY   N   H    sing N N 148 
GLY   N   H2   sing N N 149 
GLY   CA  C    sing N N 150 
GLY   CA  HA2  sing N N 151 
GLY   CA  HA3  sing N N 152 
GLY   C   O    doub N N 153 
GLY   C   OXT  sing N N 154 
GLY   OXT HXT  sing N N 155 
HIS   N   CA   sing N N 156 
HIS   N   H    sing N N 157 
HIS   N   H2   sing N N 158 
HIS   CA  C    sing N N 159 
HIS   CA  CB   sing N N 160 
HIS   CA  HA   sing N N 161 
HIS   C   O    doub N N 162 
HIS   C   OXT  sing N N 163 
HIS   CB  CG   sing N N 164 
HIS   CB  HB2  sing N N 165 
HIS   CB  HB3  sing N N 166 
HIS   CG  ND1  sing Y N 167 
HIS   CG  CD2  doub Y N 168 
HIS   ND1 CE1  doub Y N 169 
HIS   ND1 HD1  sing N N 170 
HIS   CD2 NE2  sing Y N 171 
HIS   CD2 HD2  sing N N 172 
HIS   CE1 NE2  sing Y N 173 
HIS   CE1 HE1  sing N N 174 
HIS   NE2 HE2  sing N N 175 
HIS   OXT HXT  sing N N 176 
HOH   O   H1   sing N N 177 
HOH   O   H2   sing N N 178 
ILE   N   CA   sing N N 179 
ILE   N   H    sing N N 180 
ILE   N   H2   sing N N 181 
ILE   CA  C    sing N N 182 
ILE   CA  CB   sing N N 183 
ILE   CA  HA   sing N N 184 
ILE   C   O    doub N N 185 
ILE   C   OXT  sing N N 186 
ILE   CB  CG1  sing N N 187 
ILE   CB  CG2  sing N N 188 
ILE   CB  HB   sing N N 189 
ILE   CG1 CD1  sing N N 190 
ILE   CG1 HG12 sing N N 191 
ILE   CG1 HG13 sing N N 192 
ILE   CG2 HG21 sing N N 193 
ILE   CG2 HG22 sing N N 194 
ILE   CG2 HG23 sing N N 195 
ILE   CD1 HD11 sing N N 196 
ILE   CD1 HD12 sing N N 197 
ILE   CD1 HD13 sing N N 198 
ILE   OXT HXT  sing N N 199 
LEU   N   CA   sing N N 200 
LEU   N   H    sing N N 201 
LEU   N   H2   sing N N 202 
LEU   CA  C    sing N N 203 
LEU   CA  CB   sing N N 204 
LEU   CA  HA   sing N N 205 
LEU   C   O    doub N N 206 
LEU   C   OXT  sing N N 207 
LEU   CB  CG   sing N N 208 
LEU   CB  HB2  sing N N 209 
LEU   CB  HB3  sing N N 210 
LEU   CG  CD1  sing N N 211 
LEU   CG  CD2  sing N N 212 
LEU   CG  HG   sing N N 213 
LEU   CD1 HD11 sing N N 214 
LEU   CD1 HD12 sing N N 215 
LEU   CD1 HD13 sing N N 216 
LEU   CD2 HD21 sing N N 217 
LEU   CD2 HD22 sing N N 218 
LEU   CD2 HD23 sing N N 219 
LEU   OXT HXT  sing N N 220 
LYS   N   CA   sing N N 221 
LYS   N   H    sing N N 222 
LYS   N   H2   sing N N 223 
LYS   CA  C    sing N N 224 
LYS   CA  CB   sing N N 225 
LYS   CA  HA   sing N N 226 
LYS   C   O    doub N N 227 
LYS   C   OXT  sing N N 228 
LYS   CB  CG   sing N N 229 
LYS   CB  HB2  sing N N 230 
LYS   CB  HB3  sing N N 231 
LYS   CG  CD   sing N N 232 
LYS   CG  HG2  sing N N 233 
LYS   CG  HG3  sing N N 234 
LYS   CD  CE   sing N N 235 
LYS   CD  HD2  sing N N 236 
LYS   CD  HD3  sing N N 237 
LYS   CE  NZ   sing N N 238 
LYS   CE  HE2  sing N N 239 
LYS   CE  HE3  sing N N 240 
LYS   NZ  HZ1  sing N N 241 
LYS   NZ  HZ2  sing N N 242 
LYS   NZ  HZ3  sing N N 243 
LYS   OXT HXT  sing N N 244 
MET   N   CA   sing N N 245 
MET   N   H    sing N N 246 
MET   N   H2   sing N N 247 
MET   CA  C    sing N N 248 
MET   CA  CB   sing N N 249 
MET   CA  HA   sing N N 250 
MET   C   O    doub N N 251 
MET   C   OXT  sing N N 252 
MET   CB  CG   sing N N 253 
MET   CB  HB2  sing N N 254 
MET   CB  HB3  sing N N 255 
MET   CG  SD   sing N N 256 
MET   CG  HG2  sing N N 257 
MET   CG  HG3  sing N N 258 
MET   SD  CE   sing N N 259 
MET   CE  HE1  sing N N 260 
MET   CE  HE2  sing N N 261 
MET   CE  HE3  sing N N 262 
MET   OXT HXT  sing N N 263 
PHE   N   CA   sing N N 264 
PHE   N   H    sing N N 265 
PHE   N   H2   sing N N 266 
PHE   CA  C    sing N N 267 
PHE   CA  CB   sing N N 268 
PHE   CA  HA   sing N N 269 
PHE   C   O    doub N N 270 
PHE   C   OXT  sing N N 271 
PHE   CB  CG   sing N N 272 
PHE   CB  HB2  sing N N 273 
PHE   CB  HB3  sing N N 274 
PHE   CG  CD1  doub Y N 275 
PHE   CG  CD2  sing Y N 276 
PHE   CD1 CE1  sing Y N 277 
PHE   CD1 HD1  sing N N 278 
PHE   CD2 CE2  doub Y N 279 
PHE   CD2 HD2  sing N N 280 
PHE   CE1 CZ   doub Y N 281 
PHE   CE1 HE1  sing N N 282 
PHE   CE2 CZ   sing Y N 283 
PHE   CE2 HE2  sing N N 284 
PHE   CZ  HZ   sing N N 285 
PHE   OXT HXT  sing N N 286 
PRO   N   CA   sing N N 287 
PRO   N   CD   sing N N 288 
PRO   N   H    sing N N 289 
PRO   CA  C    sing N N 290 
PRO   CA  CB   sing N N 291 
PRO   CA  HA   sing N N 292 
PRO   C   O    doub N N 293 
PRO   C   OXT  sing N N 294 
PRO   CB  CG   sing N N 295 
PRO   CB  HB2  sing N N 296 
PRO   CB  HB3  sing N N 297 
PRO   CG  CD   sing N N 298 
PRO   CG  HG2  sing N N 299 
PRO   CG  HG3  sing N N 300 
PRO   CD  HD2  sing N N 301 
PRO   CD  HD3  sing N N 302 
PRO   OXT HXT  sing N N 303 
SER   N   CA   sing N N 304 
SER   N   H    sing N N 305 
SER   N   H2   sing N N 306 
SER   CA  C    sing N N 307 
SER   CA  CB   sing N N 308 
SER   CA  HA   sing N N 309 
SER   C   O    doub N N 310 
SER   C   OXT  sing N N 311 
SER   CB  OG   sing N N 312 
SER   CB  HB2  sing N N 313 
SER   CB  HB3  sing N N 314 
SER   OG  HG   sing N N 315 
SER   OXT HXT  sing N N 316 
SO4   S   O1   doub N N 317 
SO4   S   O2   doub N N 318 
SO4   S   O3   sing N N 319 
SO4   S   O4   sing N N 320 
THR   N   CA   sing N N 321 
THR   N   H    sing N N 322 
THR   N   H2   sing N N 323 
THR   CA  C    sing N N 324 
THR   CA  CB   sing N N 325 
THR   CA  HA   sing N N 326 
THR   C   O    doub N N 327 
THR   C   OXT  sing N N 328 
THR   CB  OG1  sing N N 329 
THR   CB  CG2  sing N N 330 
THR   CB  HB   sing N N 331 
THR   OG1 HG1  sing N N 332 
THR   CG2 HG21 sing N N 333 
THR   CG2 HG22 sing N N 334 
THR   CG2 HG23 sing N N 335 
THR   OXT HXT  sing N N 336 
TRP   N   CA   sing N N 337 
TRP   N   H    sing N N 338 
TRP   N   H2   sing N N 339 
TRP   CA  C    sing N N 340 
TRP   CA  CB   sing N N 341 
TRP   CA  HA   sing N N 342 
TRP   C   O    doub N N 343 
TRP   C   OXT  sing N N 344 
TRP   CB  CG   sing N N 345 
TRP   CB  HB2  sing N N 346 
TRP   CB  HB3  sing N N 347 
TRP   CG  CD1  doub Y N 348 
TRP   CG  CD2  sing Y N 349 
TRP   CD1 NE1  sing Y N 350 
TRP   CD1 HD1  sing N N 351 
TRP   CD2 CE2  doub Y N 352 
TRP   CD2 CE3  sing Y N 353 
TRP   NE1 CE2  sing Y N 354 
TRP   NE1 HE1  sing N N 355 
TRP   CE2 CZ2  sing Y N 356 
TRP   CE3 CZ3  doub Y N 357 
TRP   CE3 HE3  sing N N 358 
TRP   CZ2 CH2  doub Y N 359 
TRP   CZ2 HZ2  sing N N 360 
TRP   CZ3 CH2  sing Y N 361 
TRP   CZ3 HZ3  sing N N 362 
TRP   CH2 HH2  sing N N 363 
TRP   OXT HXT  sing N N 364 
TYR   N   CA   sing N N 365 
TYR   N   H    sing N N 366 
TYR   N   H2   sing N N 367 
TYR   CA  C    sing N N 368 
TYR   CA  CB   sing N N 369 
TYR   CA  HA   sing N N 370 
TYR   C   O    doub N N 371 
TYR   C   OXT  sing N N 372 
TYR   CB  CG   sing N N 373 
TYR   CB  HB2  sing N N 374 
TYR   CB  HB3  sing N N 375 
TYR   CG  CD1  doub Y N 376 
TYR   CG  CD2  sing Y N 377 
TYR   CD1 CE1  sing Y N 378 
TYR   CD1 HD1  sing N N 379 
TYR   CD2 CE2  doub Y N 380 
TYR   CD2 HD2  sing N N 381 
TYR   CE1 CZ   doub Y N 382 
TYR   CE1 HE1  sing N N 383 
TYR   CE2 CZ   sing Y N 384 
TYR   CE2 HE2  sing N N 385 
TYR   CZ  OH   sing N N 386 
TYR   OH  HH   sing N N 387 
TYR   OXT HXT  sing N N 388 
VAL   N   CA   sing N N 389 
VAL   N   H    sing N N 390 
VAL   N   H2   sing N N 391 
VAL   CA  C    sing N N 392 
VAL   CA  CB   sing N N 393 
VAL   CA  HA   sing N N 394 
VAL   C   O    doub N N 395 
VAL   C   OXT  sing N N 396 
VAL   CB  CG1  sing N N 397 
VAL   CB  CG2  sing N N 398 
VAL   CB  HB   sing N N 399 
VAL   CG1 HG11 sing N N 400 
VAL   CG1 HG12 sing N N 401 
VAL   CG1 HG13 sing N N 402 
VAL   CG2 HG21 sing N N 403 
VAL   CG2 HG22 sing N N 404 
VAL   CG2 HG23 sing N N 405 
VAL   OXT HXT  sing N N 406 
# 
_pdbx_audit_support.funding_organization   
'National Institutes of Health/National Institute Of Allergy and Infectious Diseases (NIH/NIAID)' 
_pdbx_audit_support.country                'United States' 
_pdbx_audit_support.grant_number           U19AI171399 
_pdbx_audit_support.ordinal                1 
# 
_pdbx_deposit_group.group_id            G_1002288 
_pdbx_deposit_group.group_description   'Crystallographic fragment screening of Coxsackievirus A16 (G-10) 2A protease' 
_pdbx_deposit_group.group_title         
'Group deposition for crystallographic fragment screening of Coxsackievirus A16 (G-10) 2A protease' 
_pdbx_deposit_group.group_type          'changed state' 
# 
_atom_sites.entry_id                    7H3T 
_atom_sites.fract_transf_matrix[1][1]   -0.00705251 
_atom_sites.fract_transf_matrix[1][2]   -0.00822868 
_atom_sites.fract_transf_matrix[1][3]   0.00417681 
_atom_sites.fract_transf_matrix[2][1]   -0.01323200 
_atom_sites.fract_transf_matrix[2][2]   0.00633340 
_atom_sites.fract_transf_matrix[2][3]   -0.00986478 
_atom_sites.fract_transf_matrix[3][1]   0.00663495 
_atom_sites.fract_transf_matrix[3][2]   -0.02060606 
_atom_sites.fract_transf_matrix[3][3]   -0.02212925 
_atom_sites.fract_transf_vector[1]      0.185767 
_atom_sites.fract_transf_vector[2]      0.125061 
_atom_sites.fract_transf_vector[3]      0.446820 
# 
loop_
_atom_type.symbol 
C  
N  
O  
S  
ZN 
# 
loop_
_atom_site.group_PDB 
_atom_site.id 
_atom_site.type_symbol 
_atom_site.label_atom_id 
_atom_site.label_alt_id 
_atom_site.label_comp_id 
_atom_site.label_asym_id 
_atom_site.label_entity_id 
_atom_site.label_seq_id 
_atom_site.pdbx_PDB_ins_code 
_atom_site.Cartn_x 
_atom_site.Cartn_y 
_atom_site.Cartn_z 
_atom_site.occupancy 
_atom_site.B_iso_or_equiv 
_atom_site.pdbx_formal_charge 
_atom_site.auth_seq_id 
_atom_site.auth_comp_id 
_atom_site.auth_asym_id 
_atom_site.auth_atom_id 
_atom_site.pdbx_PDB_model_num 
ATOM   1    N  N   . SER   A 1 7   ? 0.380   -9.240  -5.683  1.00 20.51  ? 7   SER   A N   1 
ATOM   2    C  CA  . SER   A 1 7   ? -0.600  -9.424  -4.607  1.00 19.24  ? 7   SER   A CA  1 
ATOM   3    C  C   . SER   A 1 7   ? 0.013   -9.174  -3.232  1.00 18.31  ? 7   SER   A C   1 
ATOM   4    O  O   . SER   A 1 7   ? 1.275   -9.136  -3.105  1.00 20.05  ? 7   SER   A O   1 
ATOM   5    C  CB  . SER   A 1 7   ? -1.189  -10.824 -4.668  1.00 22.20  ? 7   SER   A CB  1 
ATOM   6    O  OG  . SER   A 1 7   ? -0.135  -11.761 -4.602  1.00 25.26  ? 7   SER   A OG  1 
ATOM   7    N  N   . GLY   A 1 8   ? -0.850  -9.008  -2.249  1.00 17.06  ? 8   GLY   A N   1 
ATOM   8    C  CA  . GLY   A 1 8   ? -0.413  -8.785  -0.872  1.00 17.18  ? 8   GLY   A CA  1 
ATOM   9    C  C   . GLY   A 1 8   ? -1.385  -7.966  -0.075  1.00 14.79  ? 8   GLY   A C   1 
ATOM   10   O  O   . GLY   A 1 8   ? -2.098  -7.122  -0.605  1.00 17.57  ? 8   GLY   A O   1 
ATOM   11   N  N   . ALA   A 1 9   ? -1.387  -8.173  1.230   1.00 15.25  ? 9   ALA   A N   1 
ATOM   12   C  CA  . ALA   A 1 9   ? -2.216  -7.404  2.154   1.00 14.61  ? 9   ALA   A CA  1 
ATOM   13   C  C   . ALA   A 1 9   ? -1.457  -7.066  3.418   1.00 14.16  ? 9   ALA   A C   1 
ATOM   14   O  O   . ALA   A 1 9   ? -0.469  -7.749  3.726   1.00 16.00  ? 9   ALA   A O   1 
ATOM   15   C  CB  . ALA   A 1 9   ? -3.467  -8.186  2.500   1.00 14.78  ? 9   ALA   A CB  1 
ATOM   16   N  N   . ILE   A 1 10  ? -2.048  -6.162  4.159   1.00 14.76  ? 10  ILE   A N   1 
ATOM   17   C  CA  . ILE   A 1 10  ? -1.648  -5.840  5.559   1.00 16.64  ? 10  ILE   A CA  1 
ATOM   18   C  C   . ILE   A 1 10  ? -2.756  -6.426  6.414   1.00 18.83  ? 10  ILE   A C   1 
ATOM   19   O  O   . ILE   A 1 10  ? -3.940  -6.119  6.140   1.00 19.78  ? 10  ILE   A O   1 
ATOM   20   C  CB  . ILE   A 1 10  ? -1.482  -4.325  5.833   1.00 15.78  ? 10  ILE   A CB  1 
ATOM   21   C  CG1 . ILE   A 1 10  ? -0.576  -3.630  4.802   1.00 16.10  ? 10  ILE   A CG1 1 
ATOM   22   C  CG2 . ILE   A 1 10  ? -0.955  -4.109  7.254   1.00 15.73  ? 10  ILE   A CG2 1 
ATOM   23   C  CD1 . ILE   A 1 10  ? -0.656  -2.129  4.811   1.00 14.95  ? 10  ILE   A CD1 1 
ATOM   24   N  N   . TYR   A 1 11  ? -2.372  -7.119  7.487   1.00 21.39  ? 11  TYR   A N   1 
ATOM   25   C  CA  . TYR   A 1 11  ? -3.309  -7.712  8.474   1.00 23.26  ? 11  TYR   A CA  1 
ATOM   26   C  C   . TYR   A 1 11  ? -3.047  -7.068  9.827   1.00 22.02  ? 11  TYR   A C   1 
ATOM   27   O  O   . TYR   A 1 11  ? -2.034  -7.501  10.461  1.00 24.86  ? 11  TYR   A O   1 
ATOM   28   C  CB  . TYR   A 1 11  ? -3.141  -9.223  8.501   1.00 24.32  ? 11  TYR   A CB  1 
ATOM   29   C  CG  . TYR   A 1 11  ? -3.574  -9.846  7.209   1.00 22.70  ? 11  TYR   A CG  1 
ATOM   30   C  CD1 . TYR   A 1 11  ? -4.920  -10.029 6.939   1.00 22.81  ? 11  TYR   A CD1 1 
ATOM   31   C  CD2 . TYR   A 1 11  ? -2.660  -10.211 6.263   1.00 23.65  ? 11  TYR   A CD2 1 
ATOM   32   C  CE1 . TYR   A 1 11  ? -5.333  -10.577 5.740   1.00 19.48  ? 11  TYR   A CE1 1 
ATOM   33   C  CE2 . TYR   A 1 11  ? -3.047  -10.757 5.052   1.00 23.78  ? 11  TYR   A CE2 1 
ATOM   34   C  CZ  . TYR   A 1 11  ? -4.397  -10.935 4.791   1.00 21.68  ? 11  TYR   A CZ  1 
ATOM   35   O  OH  . TYR   A 1 11  ? -4.740  -11.489 3.604   1.00 23.20  ? 11  TYR   A OH  1 
ATOM   36   N  N   . VAL   A 1 12  ? -3.848  -6.083  10.166  1.00 20.74  ? 12  VAL   A N   1 
ATOM   37   C  CA  . VAL   A 1 12  ? -3.751  -5.313  11.440  1.00 23.69  ? 12  VAL   A CA  1 
ATOM   38   C  C   . VAL   A 1 12  ? -5.083  -5.391  12.197  1.00 26.43  ? 12  VAL   A C   1 
ATOM   39   O  O   . VAL   A 1 12  ? -6.137  -4.899  11.709  1.00 26.55  ? 12  VAL   A O   1 
ATOM   40   C  CB  . VAL   A 1 12  ? -3.296  -3.856  11.205  1.00 23.72  ? 12  VAL   A CB  1 
ATOM   41   C  CG1 . VAL   A 1 12  ? -4.193  -3.055  10.294  1.00 22.61  ? 12  VAL   A CG1 1 
ATOM   42   C  CG2 . VAL   A 1 12  ? -3.123  -3.133  12.524  1.00 24.24  ? 12  VAL   A CG2 1 
ATOM   43   N  N   . GLY   A 1 13  ? -4.999  -5.883  13.435  1.00 29.56  ? 13  GLY   A N   1 
ATOM   44   C  CA  . GLY   A 1 13  ? -6.186  -6.253  14.211  1.00 29.17  ? 13  GLY   A CA  1 
ATOM   45   C  C   . GLY   A 1 13  ? -7.080  -7.169  13.388  1.00 23.79  ? 13  GLY   A C   1 
ATOM   46   O  O   . GLY   A 1 13  ? -6.565  -8.240  12.970  1.00 24.50  ? 13  GLY   A O   1 
ATOM   47   N  N   . ASN   A 1 14  ? -8.328  -6.744  13.237  1.00 29.65  ? 14  ASN   A N   1 
ATOM   48   C  CA  . ASN   A 1 14  ? -9.413  -7.426  12.490  1.00 30.92  ? 14  ASN   A CA  1 
ATOM   49   C  C   . ASN   A 1 14  ? -9.667  -6.606  11.220  1.00 34.49  ? 14  ASN   A C   1 
ATOM   50   O  O   . ASN   A 1 14  ? -10.842 -6.322  10.865  1.00 30.60  ? 14  ASN   A O   1 
ATOM   51   C  CB  . ASN   A 1 14  ? -10.643 -7.648  13.384  1.00 34.39  ? 14  ASN   A CB  1 
ATOM   52   C  CG  . ASN   A 1 14  ? -10.415 -8.755  14.401  1.00 33.53  ? 14  ASN   A CG  1 
ATOM   53   O  OD1 . ASN   A 1 14  ? -10.692 -9.926  14.146  1.00 38.95  ? 14  ASN   A OD1 1 
ATOM   54   N  ND2 . ASN   A 1 14  ? -9.836  -8.408  15.536  1.00 28.85  ? 14  ASN   A ND2 1 
ATOM   55   N  N   . TYR   A 1 15  ? -8.572  -6.158  10.593  1.00 29.03  ? 15  TYR   A N   1 
ATOM   56   C  CA  . TYR   A 1 15  ? -8.631  -5.423  9.308   1.00 25.27  ? 15  TYR   A CA  1 
ATOM   57   C  C   . TYR   A 1 15  ? -7.664  -6.071  8.328   1.00 22.22  ? 15  TYR   A C   1 
ATOM   58   O  O   . TYR   A 1 15  ? -6.581  -6.586  8.669   1.00 22.83  ? 15  TYR   A O   1 
ATOM   59   C  CB  . TYR   A 1 15  ? -8.293  -3.945  9.440   1.00 26.67  ? 15  TYR   A CB  1 
ATOM   60   C  CG  . TYR   A 1 15  ? -9.194  -3.138  10.327  1.00 26.93  ? 15  TYR   A CG  1 
ATOM   61   C  CD1 . TYR   A 1 15  ? -10.552 -3.038  10.063  1.00 29.36  ? 15  TYR   A CD1 1 
ATOM   62   C  CD2 . TYR   A 1 15  ? -8.690  -2.433  11.414  1.00 30.00  ? 15  TYR   A CD2 1 
ATOM   63   C  CE1 . TYR   A 1 15  ? -11.387 -2.271  10.852  1.00 31.69  ? 15  TYR   A CE1 1 
ATOM   64   C  CE2 . TYR   A 1 15  ? -9.515  -1.656  12.211  1.00 29.83  ? 15  TYR   A CE2 1 
ATOM   65   C  CZ  . TYR   A 1 15  ? -10.870 -1.574  11.929  1.00 31.17  ? 15  TYR   A CZ  1 
ATOM   66   O  OH  . TYR   A 1 15  ? -11.695 -0.813  12.702  1.00 37.10  ? 15  TYR   A OH  1 
ATOM   67   N  N   . ARG   A 1 16  ? -8.098  -6.054  7.066   1.00 20.82  ? 16  ARG   A N   1 
ATOM   68   C  CA  . ARG   A 1 16  ? -7.303  -6.517  5.923   1.00 19.24  ? 16  ARG   A CA  1 
ATOM   69   C  C   . ARG   A 1 16  ? -7.191  -5.321  4.992   1.00 18.68  ? 16  ARG   A C   1 
ATOM   70   O  O   . ARG   A 1 16  ? -8.246  -4.779  4.594   1.00 18.39  ? 16  ARG   A O   1 
ATOM   71   C  CB  . ARG   A 1 16  ? -7.970  -7.703  5.225   1.00 20.39  ? 16  ARG   A CB  1 
ATOM   72   C  CG  . ARG   A 1 16  ? -7.359  -8.081  3.886   1.00 19.72  ? 16  ARG   A CG  1 
ATOM   73   C  CD  . ARG   A 1 16  ? -8.004  -9.354  3.351   1.00 20.09  ? 16  ARG   A CD  1 
ATOM   74   N  NE  . ARG   A 1 16  ? -8.271  -9.352  1.915   1.00 18.16  ? 16  ARG   A NE  1 
ATOM   75   C  CZ  . ARG   A 1 16  ? -7.463  -9.752  0.967   1.00 17.60  ? 16  ARG   A CZ  1 
ATOM   76   N  NH1 . ARG   A 1 16  ? -6.238  -10.190 1.229   1.00 20.03  ? 16  ARG   A NH1 1 
ATOM   77   N  NH2 . ARG   A 1 16  ? -7.865  -9.674  -0.288  1.00 19.16  ? 16  ARG   A NH2 1 
ATOM   78   N  N   . VAL   A 1 17  ? -5.955  -4.868  4.723   1.00 15.14  ? 17  VAL   A N   1 
ATOM   79   C  CA  . VAL   A 1 17  ? -5.713  -3.699  3.857   1.00 13.92  ? 17  VAL   A CA  1 
ATOM   80   C  C   . VAL   A 1 17  ? -5.128  -4.221  2.551   1.00 12.61  ? 17  VAL   A C   1 
ATOM   81   O  O   . VAL   A 1 17  ? -4.069  -4.858  2.562   1.00 12.98  ? 17  VAL   A O   1 
ATOM   82   C  CB  . VAL   A 1 17  ? -4.728  -2.706  4.496   1.00 13.16  ? 17  VAL   A CB  1 
ATOM   83   C  CG1 . VAL   A 1 17  ? -4.723  -1.472  3.642   1.00 15.47  ? 17  VAL   A CG1 1 
ATOM   84   C  CG2 . VAL   A 1 17  ? -5.071  -2.430  5.945   1.00 14.45  ? 17  VAL   A CG2 1 
ATOM   85   N  N   . VAL   A 1 18  ? -5.830  -3.929  1.459   1.00 11.81  ? 18  VAL   A N   1 
ATOM   86   C  CA  . VAL   A 1 18  ? -5.452  -4.388  0.119   1.00 11.45  ? 18  VAL   A CA  1 
ATOM   87   C  C   . VAL   A 1 18  ? -5.483  -3.228  -0.844  1.00 10.89  ? 18  VAL   A C   1 
ATOM   88   O  O   . VAL   A 1 18  ? -6.141  -2.221  -0.629  1.00 12.68  ? 18  VAL   A O   1 
ATOM   89   C  CB  . VAL   A 1 18  ? -6.339  -5.528  -0.398  1.00 12.52  ? 18  VAL   A CB  1 
ATOM   90   C  CG1 . VAL   A 1 18  ? -6.024  -6.777  0.386   1.00 14.04  ? 18  VAL   A CG1 1 
ATOM   91   C  CG2 . VAL   A 1 18  ? -7.831  -5.184  -0.423  1.00 13.15  ? 18  VAL   A CG2 1 
ATOM   92   N  N   . ASN   A 1 19  ? -4.807  -3.444  -1.954  1.00 11.07  ? 19  ASN   A N   1 
ATOM   93   C  CA  . ASN   A 1 19  ? -5.021  -2.514  -3.078  1.00 11.31  ? 19  ASN   A CA  1 
ATOM   94   C  C   . ASN   A 1 19  ? -6.492  -2.580  -3.511  1.00 11.42  ? 19  ASN   A C   1 
ATOM   95   O  O   . ASN   A 1 19  ? -7.010  -3.693  -3.749  1.00 11.64  ? 19  ASN   A O   1 
ATOM   96   C  CB  . ASN   A 1 19  ? -4.167  -2.890  -4.292  1.00 11.53  ? 19  ASN   A CB  1 
ATOM   97   C  CG  . ASN   A 1 19  ? -2.682  -2.813  -4.026  1.00 11.37  ? 19  ASN   A CG  1 
ATOM   98   O  OD1 . ASN   A 1 19  ? -2.074  -3.802  -3.633  1.00 12.13  ? 19  ASN   A OD1 1 
ATOM   99   N  ND2 . ASN   A 1 19  ? -2.110  -1.638  -4.196  1.00 12.59  ? 19  ASN   A ND2 1 
ATOM   100  N  N   . ARG   A 1 20  ? -7.135  -1.430  -3.647  1.00 11.30  ? 20  ARG   A N   1 
ATOM   101  C  CA  . ARG   A 1 20  ? -8.563  -1.438  -4.065  1.00 12.32  ? 20  ARG   A CA  1 
ATOM   102  C  C   . ARG   A 1 20  ? -8.733  -2.253  -5.351  1.00 13.25  ? 20  ARG   A C   1 
ATOM   103  O  O   . ARG   A 1 20  ? -9.717  -3.014  -5.470  1.00 12.92  ? 20  ARG   A O   1 
ATOM   104  C  CB  . ARG   A 1 20  ? -9.057  -0.009  -4.266  1.00 12.97  ? 20  ARG   A CB  1 
ATOM   105  C  CG  . ARG   A 1 20  ? -10.583 0.108   -4.390  1.00 13.96  ? 20  ARG   A CG  1 
ATOM   106  C  CD  . ARG   A 1 20  ? -10.999 1.545   -4.613  1.00 15.32  ? 20  ARG   A CD  1 
ATOM   107  N  NE  . ARG   A 1 20  ? -12.430 1.751   -4.880  1.00 16.80  ? 20  ARG   A NE  1 
ATOM   108  C  CZ  . ARG   A 1 20  ? -13.089 1.539   -6.025  1.00 16.46  ? 20  ARG   A CZ  1 
ATOM   109  N  NH1 . ARG   A 1 20  ? -12.528 1.032   -7.103  1.00 18.37  ? 20  ARG   A NH1 1 
ATOM   110  N  NH2 . ARG   A 1 20  ? -14.375 1.886   -6.083  1.00 19.18  ? 20  ARG   A NH2 1 
ATOM   111  N  N   . HIS   A 1 21  ? -7.805  -2.171  -6.298  1.00 12.46  ? 21  HIS   A N   1 
ATOM   112  C  CA  . HIS   A 1 21  ? -7.987  -2.817  -7.614  1.00 12.64  ? 21  HIS   A CA  1 
ATOM   113  C  C   . HIS   A 1 21  ? -7.848  -4.322  -7.509  1.00 13.16  ? 21  HIS   A C   1 
ATOM   114  O  O   . HIS   A 1 21  ? -8.212  -4.984  -8.481  1.00 14.89  ? 21  HIS   A O   1 
ATOM   115  C  CB  . HIS   A 1 21  ? -7.115  -2.202  -8.709  1.00 13.87  ? 21  HIS   A CB  1 
ATOM   116  C  CG  . HIS   A 1 21  ? -5.669  -2.547  -8.600  1.00 14.08  ? 21  HIS   A CG  1 
ATOM   117  N  ND1 . HIS   A 1 21  ? -4.808  -1.791  -7.846  1.00 13.58  ? 21  HIS   A ND1 1 
ATOM   118  C  CD2 . HIS   A 1 21  ? -4.923  -3.547  -9.138  1.00 12.98  ? 21  HIS   A CD2 1 
ATOM   119  C  CE1 . HIS   A 1 21  ? -3.606  -2.293  -7.944  1.00 14.05  ? 21  HIS   A CE1 1 
ATOM   120  N  NE2 . HIS   A 1 21  ? -3.617  -3.338  -8.740  1.00 14.82  ? 21  HIS   A NE2 1 
ATOM   121  N  N   . LEU   A 1 22  ? -7.354  -4.877  -6.426  1.00 11.37  ? 22  LEU   A N   1 
ATOM   122  C  CA  . LEU   A 1 22  ? -7.210  -6.320  -6.165  1.00 13.52  ? 22  LEU   A CA  1 
ATOM   123  C  C   . LEU   A 1 22  ? -8.226  -6.796  -5.142  1.00 13.05  ? 22  LEU   A C   1 
ATOM   124  O  O   . LEU   A 1 22  ? -8.171  -7.999  -4.792  1.00 14.44  ? 22  LEU   A O   1 
ATOM   125  C  CB  . LEU   A 1 22  ? -5.766  -6.579  -5.695  1.00 14.00  ? 22  LEU   A CB  1 
ATOM   126  C  CG  . LEU   A 1 22  ? -4.711  -6.239  -6.726  1.00 13.69  ? 22  LEU   A CG  1 
ATOM   127  C  CD1 . LEU   A 1 22  ? -3.310  -6.584  -6.213  1.00 15.26  ? 22  LEU   A CD1 1 
ATOM   128  C  CD2 . LEU   A 1 22  ? -4.980  -6.994  -8.080  1.00 13.68  ? 22  LEU   A CD2 1 
ATOM   129  N  N   . ALA   A 1 23  ? -9.110  -5.943  -4.650  1.00 13.26  ? 23  ALA   A N   1 
ATOM   130  C  CA  . ALA   A 1 23  ? -10.098 -6.370  -3.637  1.00 13.30  ? 23  ALA   A CA  1 
ATOM   131  C  C   . ALA   A 1 23  ? -10.999 -7.480  -4.209  1.00 14.09  ? 23  ALA   A C   1 
ATOM   132  O  O   . ALA   A 1 23  ? -11.376 -7.407  -5.406  1.00 14.45  ? 23  ALA   A O   1 
ATOM   133  C  CB  . ALA   A 1 23  ? -10.917 -5.200  -3.149  1.00 13.67  ? 23  ALA   A CB  1 
ATOM   134  N  N   . THR   A 1 24  ? -11.338 -8.446  -3.396  1.00 14.08  ? 24  THR   A N   1 
ATOM   135  C  CA  . THR   A 1 24  ? -12.203 -9.572  -3.818  1.00 15.68  ? 24  THR   A CA  1 
ATOM   136  C  C   . THR   A 1 24  ? -13.667 -9.256  -3.568  1.00 15.99  ? 24  THR   A C   1 
ATOM   137  O  O   . THR   A 1 24  ? -14.005 -8.274  -2.929  1.00 14.80  ? 24  THR   A O   1 
ATOM   138  C  CB  . THR   A 1 24  ? -11.769 -10.840 -3.075  1.00 15.66  ? 24  THR   A CB  1 
ATOM   139  O  OG1 . THR   A 1 24  ? -12.035 -10.616 -1.696  1.00 17.64  ? 24  THR   A OG1 1 
ATOM   140  C  CG2 . THR   A 1 24  ? -10.306 -11.152 -3.328  1.00 16.69  ? 24  THR   A CG2 1 
ATOM   141  N  N   . HIS   A 1 25  ? -14.571 -10.107 -4.065  1.00 17.20  ? 25  HIS   A N   1 
ATOM   142  C  CA  . HIS   A 1 25  ? -15.992 -9.964  -3.678  1.00 17.11  ? 25  HIS   A CA  1 
ATOM   143  C  C   . HIS   A 1 25  ? -16.109 -10.051 -2.159  1.00 15.94  ? 25  HIS   A C   1 
ATOM   144  O  O   . HIS   A 1 25  ? -16.886 -9.311  -1.603  1.00 16.38  ? 25  HIS   A O   1 
ATOM   145  C  CB  . HIS   A 1 25  ? -16.896 -10.989 -4.396  1.00 20.02  ? 25  HIS   A CB  1 
ATOM   146  C  CG  . HIS   A 1 25  ? -18.211 -11.167 -3.701  1.00 20.81  ? 25  HIS   A CG  1 
ATOM   147  N  ND1 . HIS   A 1 25  ? -19.295 -10.396 -3.972  1.00 22.60  ? 25  HIS   A ND1 1 
ATOM   148  C  CD2 . HIS   A 1 25  ? -18.576 -11.984 -2.667  1.00 23.53  ? 25  HIS   A CD2 1 
ATOM   149  C  CE1 . HIS   A 1 25  ? -20.313 -10.773 -3.228  1.00 21.88  ? 25  HIS   A CE1 1 
ATOM   150  N  NE2 . HIS   A 1 25  ? -19.887 -11.721 -2.380  1.00 24.33  ? 25  HIS   A NE2 1 
ATOM   151  N  N   . ASN   A 1 26  ? -15.395 -10.976 -1.507  1.00 16.79  ? 26  ASN   A N   1 
ATOM   152  C  CA  . ASN   A 1 26  ? -15.499 -11.123 -0.042  1.00 18.79  ? 26  ASN   A CA  1 
ATOM   153  C  C   . ASN   A 1 26  ? -15.049 -9.815  0.633   1.00 16.15  ? 26  ASN   A C   1 
ATOM   154  O  O   . ASN   A 1 26  ? -15.664 -9.309  1.603   1.00 16.96  ? 26  ASN   A O   1 
ATOM   155  C  CB  . ASN   A 1 26  ? -14.690 -12.306 0.476   1.00 21.88  ? 26  ASN   A CB  1 
ATOM   156  C  CG  . ASN   A 1 26  ? -14.828 -12.415 1.981   1.00 28.57  ? 26  ASN   A CG  1 
ATOM   157  O  OD1 . ASN   A 1 26  ? -15.873 -12.848 2.477   1.00 30.47  ? 26  ASN   A OD1 1 
ATOM   158  N  ND2 . ASN   A 1 26  ? -13.842 -11.913 2.715   1.00 26.90  ? 26  ASN   A ND2 1 
ATOM   159  N  N   . ASP   A 1 27  ? -14.002 -9.182  0.089   1.00 16.46  ? 27  ASP   A N   1 
ATOM   160  C  CA  . ASP   A 1 27  ? -13.596 -7.865  0.641   1.00 15.75  ? 27  ASP   A CA  1 
ATOM   161  C  C   . ASP   A 1 27  ? -14.716 -6.820  0.566   1.00 14.72  ? 27  ASP   A C   1 
ATOM   162  O  O   . ASP   A 1 27  ? -14.989 -6.111  1.556   1.00 15.37  ? 27  ASP   A O   1 
ATOM   163  C  CB  . ASP   A 1 27  ? -12.363 -7.281  -0.056  1.00 15.70  ? 27  ASP   A CB  1 
ATOM   164  C  CG  . ASP   A 1 27  ? -11.056 -7.991  0.228   1.00 17.85  ? 27  ASP   A CG  1 
ATOM   165  O  OD1 . ASP   A 1 27  ? -10.853 -8.373  1.382   1.00 18.49  ? 27  ASP   A OD1 1 
ATOM   166  O  OD2 . ASP   A 1 27  ? -10.276 -8.209  -0.706  1.00 16.13  ? 27  ASP   A OD2 1 
ATOM   167  N  N   . TRP   A 1 28  ? -15.349 -6.664  -0.597  1.00 14.32  ? 28  TRP   A N   1 
ATOM   168  C  CA  . TRP   A 1 28  ? -16.459 -5.711  -0.805  1.00 15.53  ? 28  TRP   A CA  1 
ATOM   169  C  C   . TRP   A 1 28  ? -17.681 -6.094  0.040   1.00 14.63  ? 28  TRP   A C   1 
ATOM   170  O  O   . TRP   A 1 28  ? -18.360 -5.189  0.461   1.00 15.44  ? 28  TRP   A O   1 
ATOM   171  C  CB  . TRP   A 1 28  ? -16.825 -5.690  -2.290  1.00 14.15  ? 28  TRP   A CB  1 
ATOM   172  C  CG  . TRP   A 1 28  ? -15.898 -4.855  -3.126  1.00 13.10  ? 28  TRP   A CG  1 
ATOM   173  C  CD1 . TRP   A 1 28  ? -14.903 -5.273  -3.972  1.00 14.70  ? 28  TRP   A CD1 1 
ATOM   174  C  CD2 . TRP   A 1 28  ? -15.899 -3.422  -3.187  1.00 13.28  ? 28  TRP   A CD2 1 
ATOM   175  N  NE1 . TRP   A 1 28  ? -14.314 -4.183  -4.569  1.00 13.65  ? 28  TRP   A NE1 1 
ATOM   176  C  CE2 . TRP   A 1 28  ? -14.908 -3.037  -4.105  1.00 12.72  ? 28  TRP   A CE2 1 
ATOM   177  C  CE3 . TRP   A 1 28  ? -16.646 -2.414  -2.559  1.00 12.96  ? 28  TRP   A CE3 1 
ATOM   178  C  CZ2 . TRP   A 1 28  ? -14.660 -1.687  -4.387  1.00 13.54  ? 28  TRP   A CZ2 1 
ATOM   179  C  CZ3 . TRP   A 1 28  ? -16.392 -1.098  -2.840  1.00 15.52  ? 28  TRP   A CZ3 1 
ATOM   180  C  CH2 . TRP   A 1 28  ? -15.403 -0.733  -3.745  1.00 13.74  ? 28  TRP   A CH2 1 
ATOM   181  N  N   . ALA   A 1 29  ? -17.896 -7.397  0.277   1.00 15.38  ? 29  ALA   A N   1 
ATOM   182  C  CA  . ALA   A 1 29  ? -19.032 -7.897  1.104   1.00 16.83  ? 29  ALA   A CA  1 
ATOM   183  C  C   . ALA   A 1 29  ? -18.789 -7.629  2.591   1.00 18.93  ? 29  ALA   A C   1 
ATOM   184  O  O   . ALA   A 1 29  ? -19.740 -7.788  3.408   1.00 20.53  ? 29  ALA   A O   1 
ATOM   185  C  CB  . ALA   A 1 29  ? -19.276 -9.351  0.816   1.00 17.15  ? 29  ALA   A CB  1 
ATOM   186  N  N   . ASN   A 1 30  ? -17.544 -7.289  2.951   1.00 21.08  ? 30  ASN   A N   1 
ATOM   187  C  CA  . ASN   A 1 30  ? -17.144 -7.058  4.364   1.00 21.69  ? 30  ASN   A CA  1 
ATOM   188  C  C   . ASN   A 1 30  ? -16.429 -5.715  4.424   1.00 21.02  ? 30  ASN   A C   1 
ATOM   189  O  O   . ASN   A 1 30  ? -15.462 -5.565  5.219   1.00 22.58  ? 30  ASN   A O   1 
ATOM   190  C  CB  . ASN   A 1 30  ? -16.311 -8.225  4.867   1.00 22.97  ? 30  ASN   A CB  1 
ATOM   191  C  CG  . ASN   A 1 30  ? -17.144 -9.479  5.024   1.00 26.63  ? 30  ASN   A CG  1 
ATOM   192  O  OD1 . ASN   A 1 30  ? -17.896 -9.614  5.988   1.00 29.58  ? 30  ASN   A OD1 1 
ATOM   193  N  ND2 . ASN   A 1 30  ? -16.992 -10.404 4.101   1.00 25.29  ? 30  ASN   A ND2 1 
ATOM   194  N  N   . LEU   A 1 31  ? -16.883 -4.743  3.653   1.00 21.38  ? 31  LEU   A N   1 
ATOM   195  C  CA  . LEU   A 1 31  ? -16.177 -3.465  3.467   1.00 21.60  ? 31  LEU   A CA  1 
ATOM   196  C  C   . LEU   A 1 31  ? -16.147 -2.696  4.786   1.00 22.90  ? 31  LEU   A C   1 
ATOM   197  O  O   . LEU   A 1 31  ? -17.204 -2.534  5.428   1.00 22.66  ? 31  LEU   A O   1 
ATOM   198  C  CB  . LEU   A 1 31  ? -16.902 -2.661  2.401   1.00 20.12  ? 31  LEU   A CB  1 
ATOM   199  C  CG  . LEU   A 1 31  ? -16.216 -1.354  2.040   1.00 18.58  ? 31  LEU   A CG  1 
ATOM   200  C  CD1 . LEU   A 1 31  ? -14.812 -1.591  1.518   1.00 19.29  ? 31  LEU   A CD1 1 
ATOM   201  C  CD2 . LEU   A 1 31  ? -17.025 -0.584  1.047   1.00 19.83  ? 31  LEU   A CD2 1 
ATOM   202  N  N   . VAL   A 1 32  ? -14.976 -2.164  5.154   1.00 22.41  ? 32  VAL   A N   1 
ATOM   203  C  CA  . VAL   A 1 32  ? -14.829 -1.132  6.218   1.00 21.86  ? 32  VAL   A CA  1 
ATOM   204  C  C   . VAL   A 1 32  ? -14.691 0.254   5.570   1.00 20.51  ? 32  VAL   A C   1 
ATOM   205  O  O   . VAL   A 1 32  ? -15.383 1.241   5.946   1.00 23.09  ? 32  VAL   A O   1 
ATOM   206  C  CB  . VAL   A 1 32  ? -13.635 -1.523  7.099   1.00 24.36  ? 32  VAL   A CB  1 
ATOM   207  C  CG1 . VAL   A 1 32  ? -13.330 -0.472  8.146   1.00 25.11  ? 32  VAL   A CG1 1 
ATOM   208  C  CG2 . VAL   A 1 32  ? -13.791 -2.906  7.693   1.00 24.71  ? 32  VAL   A CG2 1 
ATOM   209  N  N   . TRP   A 1 33  ? -13.827 0.394   4.557   1.00 17.76  ? 33  TRP   A N   1 
ATOM   210  C  CA  . TRP   A 1 33  ? -13.507 1.721   3.998   1.00 18.74  ? 33  TRP   A CA  1 
ATOM   211  C  C   . TRP   A 1 33  ? -12.795 1.504   2.665   1.00 16.38  ? 33  TRP   A C   1 
ATOM   212  O  O   . TRP   A 1 33  ? -12.037 0.510   2.584   1.00 17.39  ? 33  TRP   A O   1 
ATOM   213  C  CB  . TRP   A 1 33  ? -12.670 2.540   5.012   1.00 21.77  ? 33  TRP   A CB  1 
ATOM   214  C  CG  . TRP   A 1 33  ? -12.011 3.747   4.432   1.00 22.14  ? 33  TRP   A CG  1 
ATOM   215  C  CD1 . TRP   A 1 33  ? -12.532 5.000   4.304   1.00 23.89  ? 33  TRP   A CD1 1 
ATOM   216  C  CD2 . TRP   A 1 33  ? -10.657 3.838   3.928   1.00 21.24  ? 33  TRP   A CD2 1 
ATOM   217  N  NE1 . TRP   A 1 33  ? -11.625 5.852   3.720   1.00 25.62  ? 33  TRP   A NE1 1 
ATOM   218  C  CE2 . TRP   A 1 33  ? -10.460 5.166   3.494   1.00 23.33  ? 33  TRP   A CE2 1 
ATOM   219  C  CE3 . TRP   A 1 33  ? -9.609  2.924   3.795   1.00 20.11  ? 33  TRP   A CE3 1 
ATOM   220  C  CZ2 . TRP   A 1 33  ? -9.246  5.614   2.974   1.00 24.62  ? 33  TRP   A CZ2 1 
ATOM   221  C  CZ3 . TRP   A 1 33  ? -8.399  3.368   3.284   1.00 21.22  ? 33  TRP   A CZ3 1 
ATOM   222  C  CH2 . TRP   A 1 33  ? -8.245  4.679   2.849   1.00 21.14  ? 33  TRP   A CH2 1 
ATOM   223  N  N   . GLU   A 1 34  ? -13.043 2.343   1.681   1.00 17.78  ? 34  GLU   A N   1 
ATOM   224  C  CA  . GLU   A 1 34  ? -12.304 2.260   0.403   1.00 18.14  ? 34  GLU   A CA  1 
ATOM   225  C  C   . GLU   A 1 34  ? -12.132 3.654   -0.186  1.00 19.76  ? 34  GLU   A C   1 
ATOM   226  O  O   . GLU   A 1 34  ? -12.988 4.570   0.080   1.00 21.85  ? 34  GLU   A O   1 
ATOM   227  C  CB  . GLU   A 1 34  ? -12.945 1.283   -0.592  1.00 18.56  ? 34  GLU   A CB  1 
ATOM   228  C  CG  . GLU   A 1 34  ? -14.392 1.613   -0.955  1.00 18.85  ? 34  GLU   A CG  1 
ATOM   229  C  CD  . GLU   A 1 34  ? -14.647 2.759   -1.924  1.00 19.23  ? 34  GLU   A CD  1 
ATOM   230  O  OE1 . GLU   A 1 34  ? -15.773 3.315   -1.862  1.00 22.44  ? 34  GLU   A OE1 1 
ATOM   231  O  OE2 . GLU   A 1 34  ? -13.811 3.041   -2.788  1.00 20.71  ? 34  GLU   A OE2 1 
ATOM   232  N  N   . ASP   A 1 35  ? -11.055 3.880   -0.920  1.00 19.07  ? 35  ASP   A N   1 
ATOM   233  C  CA  . ASP   A 1 35  ? -10.756 5.181   -1.565  1.00 17.79  ? 35  ASP   A CA  1 
ATOM   234  C  C   . ASP   A 1 35  ? -10.026 4.882   -2.872  1.00 19.49  ? 35  ASP   A C   1 
ATOM   235  O  O   . ASP   A 1 35  ? -8.877  4.431   -2.825  1.00 17.51  ? 35  ASP   A O   1 
ATOM   236  C  CB  . ASP   A 1 35  ? -9.976  6.072   -0.586  1.00 19.33  ? 35  ASP   A CB  1 
ATOM   237  C  CG  . ASP   A 1 35  ? -9.585  7.425   -1.131  1.00 19.89  ? 35  ASP   A CG  1 
ATOM   238  O  OD1 . ASP   A 1 35  ? -9.266  7.548   -2.337  1.00 23.06  ? 35  ASP   A OD1 1 
ATOM   239  O  OD2 . ASP   A 1 35  ? -9.578  8.353   -0.303  1.00 29.52  ? 35  ASP   A OD2 1 
ATOM   240  N  N   A SER   A 1 36  ? -10.688 5.100   -4.009  0.25 17.70  ? 36  SER   A N   1 
ATOM   241  N  N   B SER   A 1 36  ? -10.682 5.089   -4.019  0.25 18.60  ? 36  SER   A N   1 
ATOM   242  C  CA  A SER   A 1 36  ? -10.128 4.883   -5.364  0.25 18.33  ? 36  SER   A CA  1 
ATOM   243  C  CA  B SER   A 1 36  ? -10.106 4.870   -5.370  0.25 19.93  ? 36  SER   A CA  1 
ATOM   244  C  C   A SER   A 1 36  ? -8.901  5.777   -5.562  0.25 18.76  ? 36  SER   A C   1 
ATOM   245  C  C   B SER   A 1 36  ? -8.890  5.777   -5.564  0.25 19.64  ? 36  SER   A C   1 
ATOM   246  O  O   A SER   A 1 36  ? -7.924  5.298   -6.142  0.25 18.40  ? 36  SER   A O   1 
ATOM   247  O  O   B SER   A 1 36  ? -7.910  5.311   -6.149  0.25 19.24  ? 36  SER   A O   1 
ATOM   248  C  CB  A SER   A 1 36  ? -11.156 5.143   -6.431  0.25 17.64  ? 36  SER   A CB  1 
ATOM   249  C  CB  B SER   A 1 36  ? -11.121 5.104   -6.458  0.25 20.19  ? 36  SER   A CB  1 
ATOM   250  O  OG  A SER   A 1 36  ? -10.576 5.062   -7.714  0.25 17.36  ? 36  SER   A OG  1 
ATOM   251  O  OG  B SER   A 1 36  ? -12.111 6.020   -6.015  0.25 22.84  ? 36  SER   A OG  1 
ATOM   252  N  N   . SER   A 1 37  ? -8.964  7.028   -5.093  1.00 19.79  ? 37  SER   A N   1 
ATOM   253  C  CA  . SER   A 1 37  ? -7.861  8.014   -5.261  1.00 20.59  ? 37  SER   A CA  1 
ATOM   254  C  C   . SER   A 1 37  ? -6.583  7.494   -4.593  1.00 20.57  ? 37  SER   A C   1 
ATOM   255  O  O   . SER   A 1 37  ? -5.496  7.802   -5.117  1.00 20.98  ? 37  SER   A O   1 
ATOM   256  C  CB  . SER   A 1 37  ? -8.202  9.388   -4.745  1.00 20.72  ? 37  SER   A CB  1 
ATOM   257  O  OG  . SER   A 1 37  ? -8.260  9.425   -3.339  1.00 26.06  ? 37  SER   A OG  1 
ATOM   258  N  N   . ARG   A 1 38  ? -6.716  6.684   -3.550  1.00 17.92  ? 38  ARG   A N   1 
ATOM   259  C  CA  . ARG   A 1 38  ? -5.546  6.110   -2.812  1.00 16.65  ? 38  ARG   A CA  1 
ATOM   260  C  C   . ARG   A 1 38  ? -5.228  4.676   -3.247  1.00 16.98  ? 38  ARG   A C   1 
ATOM   261  O  O   . ARG   A 1 38  ? -4.214  4.125   -2.772  1.00 16.31  ? 38  ARG   A O   1 
ATOM   262  C  CB  . ARG   A 1 38  ? -5.836  6.144   -1.318  1.00 17.86  ? 38  ARG   A CB  1 
ATOM   263  C  CG  . ARG   A 1 38  ? -6.047  7.540   -0.752  1.00 19.63  ? 38  ARG   A CG  1 
ATOM   264  C  CD  . ARG   A 1 38  ? -6.243  7.453   0.721   1.00 19.65  ? 38  ARG   A CD  1 
ATOM   265  N  NE  . ARG   A 1 38  ? -5.102  6.953   1.495   1.00 18.16  ? 38  ARG   A NE  1 
ATOM   266  C  CZ  . ARG   A 1 38  ? -4.777  7.371   2.729   1.00 18.80  ? 38  ARG   A CZ  1 
ATOM   267  N  NH1 . ARG   A 1 38  ? -5.548  8.249   3.355   1.00 19.30  ? 38  ARG   A NH1 1 
ATOM   268  N  NH2 . ARG   A 1 38  ? -3.719  6.882   3.374   1.00 17.99  ? 38  ARG   A NH2 1 
ATOM   269  N  N   . ASP   A 1 39  ? -6.068  4.058   -4.069  1.00 16.05  ? 39  ASP   A N   1 
ATOM   270  C  CA  . ASP   A 1 39  ? -5.959  2.624   -4.423  1.00 13.93  ? 39  ASP   A CA  1 
ATOM   271  C  C   . ASP   A 1 39  ? -6.009  1.764   -3.168  1.00 13.18  ? 39  ASP   A C   1 
ATOM   272  O  O   . ASP   A 1 39  ? -5.282  0.808   -3.133  1.00 12.88  ? 39  ASP   A O   1 
ATOM   273  C  CB  . ASP   A 1 39  ? -4.699  2.322   -5.262  1.00 14.05  ? 39  ASP   A CB  1 
ATOM   274  C  CG  . ASP   A 1 39  ? -4.629  0.892   -5.781  1.00 14.90  ? 39  ASP   A CG  1 
ATOM   275  O  OD1 . ASP   A 1 39  ? -5.696  0.314   -6.071  1.00 13.94  ? 39  ASP   A OD1 1 
ATOM   276  O  OD2 . ASP   A 1 39  ? -3.542  0.321   -5.854  1.00 14.65  ? 39  ASP   A OD2 1 
ATOM   277  N  N   . LEU   A 1 40  ? -6.822  2.109   -2.157  1.00 12.82  ? 40  LEU   A N   1 
ATOM   278  C  CA  . LEU   A 1 40  ? -6.891  1.294   -0.943  1.00 12.57  ? 40  LEU   A CA  1 
ATOM   279  C  C   . LEU   A 1 40  ? -8.317  0.810   -0.696  1.00 12.00  ? 40  LEU   A C   1 
ATOM   280  O  O   . LEU   A 1 40  ? -9.273  1.588   -0.935  1.00 14.63  ? 40  LEU   A O   1 
ATOM   281  C  CB  . LEU   A 1 40  ? -6.398  2.085   0.271   1.00 12.73  ? 40  LEU   A CB  1 
ATOM   282  C  CG  . LEU   A 1 40  ? -4.890  2.364   0.356   1.00 12.90  ? 40  LEU   A CG  1 
ATOM   283  C  CD1 . LEU   A 1 40  ? -4.559  3.119   1.646   1.00 13.87  ? 40  LEU   A CD1 1 
ATOM   284  C  CD2 . LEU   A 1 40  ? -4.105  1.080   0.367   1.00 12.85  ? 40  LEU   A CD2 1 
ATOM   285  N  N   . LEU   A 1 41  ? -8.372  -0.353  -0.092  1.00 11.92  ? 41  LEU   A N   1 
ATOM   286  C  CA  . LEU   A 1 41  ? -9.633  -0.901  0.439   1.00 13.05  ? 41  LEU   A CA  1 
ATOM   287  C  C   . LEU   A 1 41  ? -9.304  -1.684  1.703   1.00 12.87  ? 41  LEU   A C   1 
ATOM   288  O  O   . LEU   A 1 41  ? -8.286  -2.425  1.751   1.00 13.28  ? 41  LEU   A O   1 
ATOM   289  C  CB  . LEU   A 1 41  ? -10.323 -1.752  -0.639  1.00 13.93  ? 41  LEU   A CB  1 
ATOM   290  C  CG  . LEU   A 1 41  ? -11.689 -2.329  -0.229  1.00 13.69  ? 41  LEU   A CG  1 
ATOM   291  C  CD1 . LEU   A 1 41  ? -12.626 -2.459  -1.399  1.00 13.52  ? 41  LEU   A CD1 1 
ATOM   292  C  CD2 . LEU   A 1 41  ? -11.545 -3.666  0.469   1.00 13.83  ? 41  LEU   A CD2 1 
ATOM   293  N  N   . VAL   A 1 42  ? -10.152 -1.464  2.708   1.00 14.10  ? 42  VAL   A N   1 
ATOM   294  C  CA  . VAL   A 1 42  ? -10.041 -2.201  3.983   1.00 15.15  ? 42  VAL   A CA  1 
ATOM   295  C  C   . VAL   A 1 42  ? -11.331 -3.006  4.188   1.00 15.61  ? 42  VAL   A C   1 
ATOM   296  O  O   . VAL   A 1 42  ? -12.403 -2.388  4.081   1.00 17.64  ? 42  VAL   A O   1 
ATOM   297  C  CB  . VAL   A 1 42  ? -9.756  -1.249  5.159   1.00 15.83  ? 42  VAL   A CB  1 
ATOM   298  C  CG1 . VAL   A 1 42  ? -9.622  -2.047  6.429   1.00 18.30  ? 42  VAL   A CG1 1 
ATOM   299  C  CG2 . VAL   A 1 42  ? -8.498  -0.418  4.883   1.00 14.56  ? 42  VAL   A CG2 1 
ATOM   300  N  N   . SER   A 1 43  ? -11.177 -4.270  4.532   1.00 16.56  ? 43  SER   A N   1 
ATOM   301  C  CA  . SER   A 1 43  ? -12.273 -5.226  4.886   1.00 18.69  ? 43  SER   A CA  1 
ATOM   302  C  C   . SER   A 1 43  ? -11.997 -5.816  6.289   1.00 24.38  ? 43  SER   A C   1 
ATOM   303  O  O   . SER   A 1 43  ? -10.864 -5.624  6.850   1.00 21.51  ? 43  SER   A O   1 
ATOM   304  C  CB  . SER   A 1 43  ? -12.406 -6.293  3.814   1.00 18.53  ? 43  SER   A CB  1 
ATOM   305  O  OG  . SER   A 1 43  ? -11.241 -7.083  3.733   1.00 18.95  ? 43  SER   A OG  1 
ATOM   306  N  N   A SER   A 1 44  ? -12.985 -6.525  6.844   0.25 23.54  ? 44  SER   A N   1 
ATOM   307  N  N   B SER   A 1 44  ? -12.984 -6.531  6.841   0.25 22.73  ? 44  SER   A N   1 
ATOM   308  C  CA  A SER   A 1 44  ? -12.939 -7.157  8.191   0.25 25.24  ? 44  SER   A CA  1 
ATOM   309  C  CA  B SER   A 1 44  ? -12.945 -7.157  8.192   0.25 23.90  ? 44  SER   A CA  1 
ATOM   310  C  C   A SER   A 1 44  ? -12.427 -8.594  8.095   0.25 26.88  ? 44  SER   A C   1 
ATOM   311  C  C   B SER   A 1 44  ? -12.449 -8.601  8.104   0.25 26.10  ? 44  SER   A C   1 
ATOM   312  O  O   A SER   A 1 44  ? -12.702 -9.249  7.076   0.25 28.19  ? 44  SER   A O   1 
ATOM   313  O  O   B SER   A 1 44  ? -12.751 -9.265  7.098   0.25 27.37  ? 44  SER   A O   1 
ATOM   314  C  CB  A SER   A 1 44  ? -14.287 -7.143  8.833   0.25 25.55  ? 44  SER   A CB  1 
ATOM   315  C  CB  B SER   A 1 44  ? -14.289 -7.100  8.849   0.25 23.40  ? 44  SER   A CB  1 
ATOM   316  O  OG  A SER   A 1 44  ? -15.185 -7.947  8.084   0.25 25.03  ? 44  SER   A OG  1 
ATOM   317  O  OG  B SER   A 1 44  ? -14.791 -5.771  8.852   0.25 20.99  ? 44  SER   A OG  1 
ATOM   318  N  N   . THR   A 1 45  ? -11.761 -9.071  9.151   1.00 27.03  ? 45  THR   A N   1 
ATOM   319  C  CA  . THR   A 1 45  ? -11.204 -10.443 9.237   1.00 30.75  ? 45  THR   A CA  1 
ATOM   320  C  C   . THR   A 1 45  ? -11.798 -11.149 10.466  1.00 34.22  ? 45  THR   A C   1 
ATOM   321  O  O   . THR   A 1 45  ? -12.228 -10.462 11.388  1.00 31.77  ? 45  THR   A O   1 
ATOM   322  C  CB  . THR   A 1 45  ? -9.677  -10.411 9.340   1.00 33.21  ? 45  THR   A CB  1 
ATOM   323  O  OG1 . THR   A 1 45  ? -9.372  -9.796  10.587  1.00 35.76  ? 45  THR   A OG1 1 
ATOM   324  C  CG2 . THR   A 1 45  ? -9.029  -9.616  8.229   1.00 33.94  ? 45  THR   A CG2 1 
ATOM   325  N  N   . THR   A 1 46  ? -11.796 -12.474 10.496  1.00 38.76  ? 46  THR   A N   1 
ATOM   326  C  CA  . THR   A 1 46  ? -12.273 -13.192 11.705  1.00 41.45  ? 46  THR   A CA  1 
ATOM   327  C  C   . THR   A 1 46  ? -11.078 -13.287 12.669  1.00 42.53  ? 46  THR   A C   1 
ATOM   328  O  O   . THR   A 1 46  ? -11.245 -12.883 13.827  1.00 44.13  ? 46  THR   A O   1 
ATOM   329  C  CB  . THR   A 1 46  ? -13.030 -14.466 11.307  1.00 41.53  ? 46  THR   A CB  1 
ATOM   330  O  OG1 . THR   A 1 46  ? -12.241 -15.267 10.428  1.00 44.65  ? 46  THR   A OG1 1 
ATOM   331  C  CG2 . THR   A 1 46  ? -14.338 -14.134 10.620  1.00 44.94  ? 46  THR   A CG2 1 
ATOM   332  N  N   . ALA   A 1 47  ? -9.909  -13.717 12.181  1.00 41.25  ? 47  ALA   A N   1 
ATOM   333  C  CA  . ALA   A 1 47  ? -8.657  -13.863 12.965  1.00 39.00  ? 47  ALA   A CA  1 
ATOM   334  C  C   . ALA   A 1 47  ? -7.882  -12.538 13.001  1.00 37.22  ? 47  ALA   A C   1 
ATOM   335  O  O   . ALA   A 1 47  ? -7.896  -11.817 11.974  1.00 36.03  ? 47  ALA   A O   1 
ATOM   336  C  CB  . ALA   A 1 47  ? -7.813  -14.961 12.374  1.00 40.57  ? 47  ALA   A CB  1 
ATOM   337  N  N   . GLN   A 1 48  ? -7.202  -12.259 14.125  1.00 30.91  ? 48  GLN   A N   1 
ATOM   338  C  CA  . GLN   A 1 48  ? -6.297  -11.089 14.319  1.00 30.21  ? 48  GLN   A CA  1 
ATOM   339  C  C   . GLN   A 1 48  ? -5.001  -11.248 13.510  1.00 26.51  ? 48  GLN   A C   1 
ATOM   340  O  O   . GLN   A 1 48  ? -4.517  -12.384 13.306  1.00 27.23  ? 48  GLN   A O   1 
ATOM   341  C  CB  . GLN   A 1 48  ? -6.016  -10.883 15.811  1.00 33.10  ? 48  GLN   A CB  1 
ATOM   342  C  CG  . GLN   A 1 48  ? -7.253  -10.412 16.560  1.00 36.29  ? 48  GLN   A CG  1 
ATOM   343  C  CD  . GLN   A 1 48  ? -6.962  -9.396  17.631  1.00 47.33  ? 48  GLN   A CD  1 
ATOM   344  O  OE1 . GLN   A 1 48  ? -6.535  -9.738  18.730  1.00 51.84  ? 48  GLN   A OE1 1 
ATOM   345  N  NE2 . GLN   A 1 48  ? -7.215  -8.131  17.322  1.00 50.24  ? 48  GLN   A NE2 1 
ATOM   346  N  N   . GLY   A 1 49  ? -4.461  -10.107 13.051  1.00 30.47  ? 49  GLY   A N   1 
ATOM   347  C  CA  . GLY   A 1 49  ? -3.331  -10.082 12.099  1.00 30.48  ? 49  GLY   A CA  1 
ATOM   348  C  C   . GLY   A 1 49  ? -1.987  -9.915  12.787  1.00 28.25  ? 49  GLY   A C   1 
ATOM   349  O  O   . GLY   A 1 49  ? -1.983  -9.451  13.951  1.00 27.70  ? 49  GLY   A O   1 
ATOM   350  N  N   . CYS   A 1 50  ? -0.886  -10.270 12.103  1.00 25.76  ? 50  CYS   A N   1 
ATOM   351  C  CA  . CYS   A 1 50  ? 0.484   -10.246 12.682  1.00 23.59  ? 50  CYS   A CA  1 
ATOM   352  C  C   . CYS   A 1 50  ? 1.199   -8.903  12.432  1.00 25.66  ? 50  CYS   A C   1 
ATOM   353  O  O   . CYS   A 1 50  ? 2.319   -8.773  12.971  1.00 25.25  ? 50  CYS   A O   1 
ATOM   354  C  CB  . CYS   A 1 50  ? 1.377   -11.368 12.135  1.00 24.17  ? 50  CYS   A CB  1 
ATOM   355  S  SG  . CYS   A 1 50  ? 0.957   -13.067 12.648  1.00 29.34  ? 50  CYS   A SG  1 
ATOM   356  N  N   . ASP   A 1 51  ? 0.645   -7.967  11.647  1.00 24.64  ? 51  ASP   A N   1 
ATOM   357  C  CA  . ASP   A 1 51  ? 1.362   -6.697  11.284  1.00 23.05  ? 51  ASP   A CA  1 
ATOM   358  C  C   . ASP   A 1 51  ? 1.032   -5.533  12.221  1.00 22.55  ? 51  ASP   A C   1 
ATOM   359  O  O   . ASP   A 1 51  ? -0.083  -5.449  12.723  1.00 26.03  ? 51  ASP   A O   1 
ATOM   360  C  CB  . ASP   A 1 51  ? 1.073   -6.254  9.845   1.00 21.82  ? 51  ASP   A CB  1 
ATOM   361  C  CG  . ASP   A 1 51  ? 1.361   -7.311  8.826   1.00 24.85  ? 51  ASP   A CG  1 
ATOM   362  O  OD1 . ASP   A 1 51  ? 2.455   -7.922  8.876   1.00 27.68  ? 51  ASP   A OD1 1 
ATOM   363  O  OD2 . ASP   A 1 51  ? 0.492   -7.482  7.945   1.00 25.39  ? 51  ASP   A OD2 1 
ATOM   364  N  N   . THR   A 1 52  ? 2.019   -4.641  12.422  1.00 22.34  ? 52  THR   A N   1 
ATOM   365  C  CA  . THR   A 1 52  ? 1.968   -3.365  13.178  1.00 23.06  ? 52  THR   A CA  1 
ATOM   366  C  C   . THR   A 1 52  ? 2.139   -2.186  12.206  1.00 17.53  ? 52  THR   A C   1 
ATOM   367  O  O   . THR   A 1 52  ? 3.037   -2.248  11.351  1.00 18.81  ? 52  THR   A O   1 
ATOM   368  C  CB  . THR   A 1 52  ? 3.101   -3.303  14.223  1.00 26.19  ? 52  THR   A CB  1 
ATOM   369  O  OG1 . THR   A 1 52  ? 2.915   -4.396  15.131  1.00 28.67  ? 52  THR   A OG1 1 
ATOM   370  C  CG2 . THR   A 1 52  ? 3.147   -2.004  14.999  1.00 27.47  ? 52  THR   A CG2 1 
ATOM   371  N  N   . ILE   A 1 53  ? 1.318   -1.171  12.321  1.00 16.71  ? 53  ILE   A N   1 
ATOM   372  C  CA  . ILE   A 1 53  ? 1.379   0.010   11.429  1.00 16.30  ? 53  ILE   A CA  1 
ATOM   373  C  C   . ILE   A 1 53  ? 2.386   1.003   11.982  1.00 16.56  ? 53  ILE   A C   1 
ATOM   374  O  O   . ILE   A 1 53  ? 2.313   1.360   13.184  1.00 16.27  ? 53  ILE   A O   1 
ATOM   375  C  CB  . ILE   A 1 53  ? 0.016   0.662   11.168  1.00 16.64  ? 53  ILE   A CB  1 
ATOM   376  C  CG1 . ILE   A 1 53  ? -1.033  -0.398  10.769  1.00 16.83  ? 53  ILE   A CG1 1 
ATOM   377  C  CG2 . ILE   A 1 53  ? 0.135   1.763   10.149  1.00 15.51  ? 53  ILE   A CG2 1 
ATOM   378  C  CD1 . ILE   A 1 53  ? -0.695  -1.136  9.498   1.00 16.58  ? 53  ILE   A CD1 1 
ATOM   379  N  N   . ALA   A 1 54  ? 3.297   1.468   11.141  1.00 15.26  ? 54  ALA   A N   1 
ATOM   380  C  CA  . ALA   A 1 54  ? 4.227   2.566   11.476  1.00 15.18  ? 54  ALA   A CA  1 
ATOM   381  C  C   . ALA   A 1 54  ? 3.436   3.843   11.744  1.00 13.38  ? 54  ALA   A C   1 
ATOM   382  O  O   . ALA   A 1 54  ? 2.495   4.164   10.977  1.00 13.75  ? 54  ALA   A O   1 
ATOM   383  C  CB  . ALA   A 1 54  ? 5.158   2.783   10.301  1.00 13.83  ? 54  ALA   A CB  1 
ATOM   384  N  N   . ARG   A 1 55  ? 3.860   4.621   12.764  1.00 14.61  ? 55  ARG   A N   1 
ATOM   385  C  CA  . ARG   A 1 55  ? 3.293   5.954   13.041  1.00 14.88  ? 55  ARG   A CA  1 
ATOM   386  C  C   . ARG   A 1 55  ? 4.469   6.905   13.130  1.00 14.38  ? 55  ARG   A C   1 
ATOM   387  O  O   . ARG   A 1 55  ? 5.105   6.964   14.187  1.00 17.16  ? 55  ARG   A O   1 
ATOM   388  C  CB  . ARG   A 1 55  ? 2.405   5.960   14.292  1.00 16.74  ? 55  ARG   A CB  1 
ATOM   389  C  CG  . ARG   A 1 55  ? 1.264   4.941   14.236  1.00 18.19  ? 55  ARG   A CG  1 
ATOM   390  C  CD  . ARG   A 1 55  ? 0.188   5.233   13.210  1.00 18.29  ? 55  ARG   A CD  1 
ATOM   391  N  NE  . ARG   A 1 55  ? -0.828  4.155   13.240  1.00 20.62  ? 55  ARG   A NE  1 
ATOM   392  C  CZ  . ARG   A 1 55  ? -1.709  3.948   12.270  1.00 19.34  ? 55  ARG   A CZ  1 
ATOM   393  N  NH1 . ARG   A 1 55  ? -1.714  4.718   11.212  1.00 17.55  ? 55  ARG   A NH1 1 
ATOM   394  N  NH2 . ARG   A 1 55  ? -2.583  2.950   12.359  1.00 23.30  ? 55  ARG   A NH2 1 
ATOM   395  N  N   . CYS   A 1 56  ? 4.756   7.600   12.039  1.00 13.05  ? 56  CYS   A N   1 
ATOM   396  C  CA  . CYS   A 1 56  ? 6.077   8.216   11.833  1.00 13.85  ? 56  CYS   A CA  1 
ATOM   397  C  C   . CYS   A 1 56  ? 6.112   8.968   10.504  1.00 13.98  ? 56  CYS   A C   1 
ATOM   398  O  O   . CYS   A 1 56  ? 5.152   8.915   9.688   1.00 15.17  ? 56  CYS   A O   1 
ATOM   399  C  CB  . CYS   A 1 56  ? 7.165   7.137   11.814  1.00 12.35  ? 56  CYS   A CB  1 
ATOM   400  S  SG  . CYS   A 1 56  ? 7.145   6.153   10.278  1.00 13.42  ? 56  CYS   A SG  1 
ATOM   401  N  N   A ASP   A 1 57  ? 7.197   9.707   10.261  0.25 15.58  ? 57  ASP   A N   1 
ATOM   402  N  N   B ASP   A 1 57  ? 7.270   9.603   10.306  0.25 15.71  ? 57  ASP   A N   1 
ATOM   403  C  CA  A ASP   A 1 57  ? 7.467   10.374  8.960   0.25 15.75  ? 57  ASP   A CA  1 
ATOM   404  C  CA  B ASP   A 1 57  ? 7.647   10.507  9.193   0.25 15.95  ? 57  ASP   A CA  1 
ATOM   405  C  C   A ASP   A 1 57  ? 8.816   9.892   8.413   0.25 15.63  ? 57  ASP   A C   1 
ATOM   406  C  C   B ASP   A 1 57  ? 8.806   9.895   8.386   0.25 15.65  ? 57  ASP   A C   1 
ATOM   407  O  O   A ASP   A 1 57  ? 9.526   10.680  7.805   0.25 16.08  ? 57  ASP   A O   1 
ATOM   408  O  O   B ASP   A 1 57  ? 9.373   10.607  7.541   0.25 15.71  ? 57  ASP   A O   1 
ATOM   409  C  CB  A ASP   A 1 57  ? 7.412   11.902  9.062   0.25 16.37  ? 57  ASP   A CB  1 
ATOM   410  C  CB  B ASP   A 1 57  ? 8.044   11.872  9.768   0.25 16.78  ? 57  ASP   A CB  1 
ATOM   411  C  CG  A ASP   A 1 57  ? 8.556   12.526  9.840   0.25 17.07  ? 57  ASP   A CG  1 
ATOM   412  C  CG  B ASP   A 1 57  ? 7.991   13.014  8.771   0.25 17.78  ? 57  ASP   A CG  1 
ATOM   413  O  OD1 A ASP   A 1 57  ? 9.334   11.777  10.440  0.25 16.86  ? 57  ASP   A OD1 1 
ATOM   414  O  OD1 B ASP   A 1 57  ? 7.123   12.971  7.888   0.25 19.19  ? 57  ASP   A OD1 1 
ATOM   415  O  OD2 A ASP   A 1 57  ? 8.620   13.776  9.868   0.25 19.75  ? 57  ASP   A OD2 1 
ATOM   416  O  OD2 B ASP   A 1 57  ? 8.825   13.940  8.886   0.25 17.94  ? 57  ASP   A OD2 1 
ATOM   417  N  N   . CYS   A 1 58  ? 9.136   8.621   8.608   1.00 15.63  ? 58  CYS   A N   1 
ATOM   418  C  CA  . CYS   A 1 58  ? 10.298  7.991   7.925   1.00 13.21  ? 58  CYS   A CA  1 
ATOM   419  C  C   . CYS   A 1 58  ? 10.164  8.143   6.411   1.00 12.40  ? 58  CYS   A C   1 
ATOM   420  O  O   . CYS   A 1 58  ? 9.044   8.086   5.843   1.00 12.84  ? 58  CYS   A O   1 
ATOM   421  C  CB  . CYS   A 1 58  ? 10.445  6.506   8.196   1.00 15.06  ? 58  CYS   A CB  1 
ATOM   422  S  SG  . CYS   A 1 58  ? 10.927  6.105   9.892   1.00 14.65  ? 58  CYS   A SG  1 
ATOM   423  N  N   . GLN   A 1 59  ? 11.317  8.299   5.781   1.00 13.05  ? 59  GLN   A N   1 
ATOM   424  C  CA  . GLN   A 1 59  ? 11.527  8.296   4.327   1.00 13.37  ? 59  GLN   A CA  1 
ATOM   425  C  C   . GLN   A 1 59  ? 12.618  7.305   3.971   1.00 11.75  ? 59  GLN   A C   1 
ATOM   426  O  O   . GLN   A 1 59  ? 13.039  7.330   2.825   1.00 13.52  ? 59  GLN   A O   1 
ATOM   427  C  CB  . GLN   A 1 59  ? 11.934  9.690   3.835   1.00 15.00  ? 59  GLN   A CB  1 
ATOM   428  C  CG  . GLN   A 1 59  ? 10.800  10.683  3.807   1.00 16.29  ? 59  GLN   A CG  1 
ATOM   429  C  CD  . GLN   A 1 59  ? 11.172  11.978  3.121   1.00 16.06  ? 59  GLN   A CD  1 
ATOM   430  O  OE1 . GLN   A 1 59  ? 11.427  12.962  3.799   1.00 20.23  ? 59  GLN   A OE1 1 
ATOM   431  N  NE2 . GLN   A 1 59  ? 11.319  11.976  1.806   1.00 17.99  ? 59  GLN   A NE2 1 
ATOM   432  N  N   . THR   A 1 60  ? 12.904  6.348   4.838   1.00 12.20  ? 60  THR   A N   1 
ATOM   433  C  CA  . THR   A 1 60  ? 13.726  5.190   4.457   1.00 12.45  ? 60  THR   A CA  1 
ATOM   434  C  C   . THR   A 1 60  ? 13.089  3.917   4.995   1.00 11.75  ? 60  THR   A C   1 
ATOM   435  O  O   . THR   A 1 60  ? 12.486  3.913   6.087   1.00 12.83  ? 60  THR   A O   1 
ATOM   436  C  CB  . THR   A 1 60  ? 15.166  5.323   4.920   1.00 14.72  ? 60  THR   A CB  1 
ATOM   437  O  OG1 . THR   A 1 60  ? 15.135  5.237   6.325   1.00 20.19  ? 60  THR   A OG1 1 
ATOM   438  C  CG2 . THR   A 1 60  ? 15.852  6.565   4.403   1.00 15.39  ? 60  THR   A CG2 1 
ATOM   439  N  N   . GLY   A 1 61  ? 13.143  2.881   4.199   1.00 11.30  ? 61  GLY   A N   1 
ATOM   440  C  CA  . GLY   A 1 61  ? 12.577  1.605   4.620   1.00 10.65  ? 61  GLY   A CA  1 
ATOM   441  C  C   . GLY   A 1 61  ? 12.996  0.513   3.670   1.00 10.05  ? 61  GLY   A C   1 
ATOM   442  O  O   . GLY   A 1 61  ? 13.961  0.671   2.914   1.00 11.32  ? 61  GLY   A O   1 
ATOM   443  N  N   . VAL   A 1 62  ? 12.241  -0.565  3.682   1.00 8.45   ? 62  VAL   A N   1 
ATOM   444  C  CA  . VAL   A 1 62  ? 12.517  -1.765  2.851   1.00 9.31   ? 62  VAL   A CA  1 
ATOM   445  C  C   . VAL   A 1 62  ? 11.210  -2.221  2.263   1.00 10.02  ? 62  VAL   A C   1 
ATOM   446  O  O   . VAL   A 1 62  ? 10.225  -2.352  2.996   1.00 10.93  ? 62  VAL   A O   1 
ATOM   447  C  CB  . VAL   A 1 62  ? 13.188  -2.871  3.682   1.00 10.90  ? 62  VAL   A CB  1 
ATOM   448  C  CG1 . VAL   A 1 62  ? 13.318  -4.156  2.884   1.00 12.18  ? 62  VAL   A CG1 1 
ATOM   449  C  CG2 . VAL   A 1 62  ? 14.545  -2.434  4.200   1.00 10.45  ? 62  VAL   A CG2 1 
ATOM   450  N  N   . TYR   A 1 63  ? 11.184  -2.582  0.986   1.00 9.85   ? 63  TYR   A N   1 
ATOM   451  C  CA  . TYR   A 1 63  ? 9.932   -3.104  0.388   1.00 9.41   ? 63  TYR   A CA  1 
ATOM   452  C  C   . TYR   A 1 63  ? 10.170  -4.458  -0.244  1.00 10.59  ? 63  TYR   A C   1 
ATOM   453  O  O   . TYR   A 1 63  ? 11.290  -4.749  -0.700  1.00 10.60  ? 63  TYR   A O   1 
ATOM   454  C  CB  . TYR   A 1 63  ? 9.285   -2.138  -0.617  1.00 10.53  ? 63  TYR   A CB  1 
ATOM   455  C  CG  . TYR   A 1 63  ? 9.856   -2.184  -2.019  1.00 10.12  ? 63  TYR   A CG  1 
ATOM   456  C  CD1 . TYR   A 1 63  ? 11.069  -1.579  -2.320  1.00 10.87  ? 63  TYR   A CD1 1 
ATOM   457  C  CD2 . TYR   A 1 63  ? 9.156   -2.766  -3.053  1.00 11.21  ? 63  TYR   A CD2 1 
ATOM   458  C  CE1 . TYR   A 1 63  ? 11.563  -1.574  -3.621  1.00 12.07  ? 63  TYR   A CE1 1 
ATOM   459  C  CE2 . TYR   A 1 63  ? 9.661   -2.816  -4.335  1.00 11.80  ? 63  TYR   A CE2 1 
ATOM   460  C  CZ  . TYR   A 1 63  ? 10.858  -2.197  -4.620  1.00 10.97  ? 63  TYR   A CZ  1 
ATOM   461  O  OH  . TYR   A 1 63  ? 11.329  -2.231  -5.911  1.00 13.46  ? 63  TYR   A OH  1 
ATOM   462  N  N   . TYR   A 1 64  ? 9.111   -5.218  -0.361  1.00 10.57  ? 64  TYR   A N   1 
ATOM   463  C  CA  . TYR   A 1 64  ? 9.136   -6.526  -1.004  1.00 11.80  ? 64  TYR   A CA  1 
ATOM   464  C  C   . TYR   A 1 64  ? 8.682   -6.374  -2.444  1.00 12.05  ? 64  TYR   A C   1 
ATOM   465  O  O   . TYR   A 1 64  ? 7.610   -5.877  -2.749  1.00 11.83  ? 64  TYR   A O   1 
ATOM   466  C  CB  . TYR   A 1 64  ? 8.240   -7.537  -0.303  1.00 12.37  ? 64  TYR   A CB  1 
ATOM   467  C  CG  . TYR   A 1 64  ? 8.316   -8.861  -0.983  1.00 14.89  ? 64  TYR   A CG  1 
ATOM   468  C  CD1 . TYR   A 1 64  ? 9.533   -9.528  -1.013  1.00 16.11  ? 64  TYR   A CD1 1 
ATOM   469  C  CD2 . TYR   A 1 64  ? 7.213   -9.422  -1.577  1.00 15.83  ? 64  TYR   A CD2 1 
ATOM   470  C  CE1 . TYR   A 1 64  ? 9.645   -10.749 -1.658  1.00 18.77  ? 64  TYR   A CE1 1 
ATOM   471  C  CE2 . TYR   A 1 64  ? 7.312   -10.636 -2.247  1.00 18.31  ? 64  TYR   A CE2 1 
ATOM   472  C  CZ  . TYR   A 1 64  ? 8.528   -11.301 -2.271  1.00 19.68  ? 64  TYR   A CZ  1 
ATOM   473  O  OH  . TYR   A 1 64  ? 8.625   -12.498 -2.942  1.00 20.20  ? 64  TYR   A OH  1 
ATOM   474  N  N   . CYS   A 1 65  ? 9.492   -6.915  -3.341  1.00 11.87  ? 65  CYS   A N   1 
ATOM   475  C  CA  . CYS   A 1 65  ? 9.301   -6.915  -4.802  1.00 13.08  ? 65  CYS   A CA  1 
ATOM   476  C  C   . CYS   A 1 65  ? 9.103   -8.371  -5.256  1.00 12.91  ? 65  CYS   A C   1 
ATOM   477  O  O   . CYS   A 1 65  ? 10.129  -9.102  -5.452  1.00 14.27  ? 65  CYS   A O   1 
ATOM   478  C  CB  . CYS   A 1 65  ? 10.457  -6.233  -5.501  1.00 12.53  ? 65  CYS   A CB  1 
ATOM   479  S  SG  . CYS   A 1 65  ? 10.345  -6.334  -7.290  1.00 13.55  ? 65  CYS   A SG  1 
ATOM   480  N  N   . SER   A 1 66  ? 7.857   -8.812  -5.446  1.00 13.97  ? 66  SER   A N   1 
ATOM   481  C  CA  . SER   A 1 66  ? 7.541   -10.203 -5.874  1.00 15.82  ? 66  SER   A CA  1 
ATOM   482  C  C   . SER   A 1 66  ? 8.186   -10.537 -7.220  1.00 13.96  ? 66  SER   A C   1 
ATOM   483  O  O   . SER   A 1 66  ? 8.632   -11.696 -7.364  1.00 17.10  ? 66  SER   A O   1 
ATOM   484  C  CB  . SER   A 1 66  ? 6.049   -10.492 -5.904  1.00 18.23  ? 66  SER   A CB  1 
ATOM   485  O  OG  . SER   A 1 66  ? 5.389   -9.822  -6.973  1.00 23.60  ? 66  SER   A OG  1 
ATOM   486  N  N   . SER   A 1 67  ? 8.298   -9.600  -8.131  1.00 13.56  ? 67  SER   A N   1 
ATOM   487  C  CA  . SER   A 1 67  ? 8.828   -9.883  -9.493  1.00 14.00  ? 67  SER   A CA  1 
ATOM   488  C  C   . SER   A 1 67  ? 10.353  -10.058 -9.448  1.00 15.92  ? 67  SER   A C   1 
ATOM   489  O  O   . SER   A 1 67  ? 10.954  -10.358 -10.529 1.00 16.22  ? 67  SER   A O   1 
ATOM   490  C  CB  . SER   A 1 67  ? 8.418   -8.860  -10.458 1.00 14.37  ? 67  SER   A CB  1 
ATOM   491  O  OG  . SER   A 1 67  ? 8.976   -7.567  -10.181 1.00 14.66  ? 67  SER   A OG  1 
ATOM   492  N  N   . ARG   A 1 68  ? 10.980  -9.934  -8.266  1.00 14.10  ? 68  ARG   A N   1 
ATOM   493  C  CA  . ARG   A 1 68  ? 12.422  -10.222 -8.021  1.00 13.07  ? 68  ARG   A CA  1 
ATOM   494  C  C   . ARG   A 1 68  ? 12.637  -11.201 -6.873  1.00 14.58  ? 68  ARG   A C   1 
ATOM   495  O  O   . ARG   A 1 68  ? 13.788  -11.544 -6.616  1.00 16.07  ? 68  ARG   A O   1 
ATOM   496  C  CB  . ARG   A 1 68  ? 13.204  -8.926  -7.785  1.00 13.36  ? 68  ARG   A CB  1 
ATOM   497  C  CG  . ARG   A 1 68  ? 13.161  -7.905  -8.902  1.00 13.83  ? 68  ARG   A CG  1 
ATOM   498  C  CD  . ARG   A 1 68  ? 14.124  -8.396  -9.996  1.00 15.54  ? 68  ARG   A CD  1 
ATOM   499  N  NE  . ARG   A 1 68  ? 14.139  -7.507  -11.116 1.00 16.53  ? 68  ARG   A NE  1 
ATOM   500  C  CZ  . ARG   A 1 68  ? 13.334  -7.565  -12.175 1.00 16.76  ? 68  ARG   A CZ  1 
ATOM   501  N  NH1 . ARG   A 1 68  ? 12.433  -8.524  -12.271 1.00 16.88  ? 68  ARG   A NH1 1 
ATOM   502  N  NH2 . ARG   A 1 68  ? 13.420  -6.648  -13.115 1.00 16.58  ? 68  ARG   A NH2 1 
ATOM   503  N  N   . ARG   A 1 69  ? 11.581  -11.599 -6.155  0.30 15.52  ? 69  ARG   A N   1 
ATOM   504  C  CA  . ARG   A 1 69  ? 11.673  -12.418 -4.915  0.30 16.50  ? 69  ARG   A CA  1 
ATOM   505  C  C   . ARG   A 1 69  ? 12.627  -11.746 -3.913  0.30 17.01  ? 69  ARG   A C   1 
ATOM   506  O  O   . ARG   A 1 69  ? 13.274  -12.493 -3.136  0.30 16.75  ? 69  ARG   A O   1 
ATOM   507  C  CB  . ARG   A 1 69  ? 12.158  -13.841 -5.230  0.30 17.39  ? 69  ARG   A CB  1 
ATOM   508  C  CG  . ARG   A 1 69  ? 11.203  -14.682 -6.068  0.30 18.22  ? 69  ARG   A CG  1 
ATOM   509  C  CD  . ARG   A 1 69  ? 9.930   -15.043 -5.325  0.30 18.99  ? 69  ARG   A CD  1 
ATOM   510  N  NE  . ARG   A 1 69  ? 8.790   -14.349 -5.901  0.30 19.60  ? 69  ARG   A NE  1 
ATOM   511  C  CZ  . ARG   A 1 69  ? 7.743   -14.920 -6.496  0.30 19.52  ? 69  ARG   A CZ  1 
ATOM   512  N  NH1 . ARG   A 1 69  ? 6.791   -14.152 -6.996  0.30 19.91  ? 69  ARG   A NH1 1 
ATOM   513  N  NH2 . ARG   A 1 69  ? 7.632   -16.233 -6.581  0.30 19.59  ? 69  ARG   A NH2 1 
ATOM   514  N  N   . LYS   A 1 70  ? 12.676  -10.404 -3.892  1.00 17.46  ? 70  LYS   A N   1 
ATOM   515  C  CA  . LYS   A 1 70  ? 13.714  -9.651  -3.128  1.00 17.44  ? 70  LYS   A CA  1 
ATOM   516  C  C   . LYS   A 1 70  ? 13.071  -8.533  -2.326  1.00 15.32  ? 70  LYS   A C   1 
ATOM   517  O  O   . LYS   A 1 70  ? 12.113  -7.928  -2.816  1.00 16.31  ? 70  LYS   A O   1 
ATOM   518  C  CB  . LYS   A 1 70  ? 14.802  -9.079  -4.048  1.00 20.34  ? 70  LYS   A CB  1 
ATOM   519  C  CG  . LYS   A 1 70  ? 15.824  -10.117 -4.507  1.00 25.96  ? 70  LYS   A CG  1 
ATOM   520  C  CD  . LYS   A 1 70  ? 17.167  -9.527  -4.839  1.00 33.70  ? 70  LYS   A CD  1 
ATOM   521  C  CE  . LYS   A 1 70  ? 18.145  -10.546 -5.386  1.00 38.42  ? 70  LYS   A CE  1 
ATOM   522  N  NZ  . LYS   A 1 70  ? 17.595  -11.300 -6.538  1.00 45.52  ? 70  LYS   A NZ  1 
ATOM   523  N  N   . HIS   A 1 71  ? 13.664  -8.273  -1.185  1.00 14.98  ? 71  HIS   A N   1 
ATOM   524  C  CA  . HIS   A 1 71  ? 13.394  -7.055  -0.387  1.00 13.81  ? 71  HIS   A CA  1 
ATOM   525  C  C   . HIS   A 1 71  ? 14.470  -6.041  -0.714  1.00 13.48  ? 71  HIS   A C   1 
ATOM   526  O  O   . HIS   A 1 71  ? 15.670  -6.431  -0.711  1.00 17.28  ? 71  HIS   A O   1 
ATOM   527  C  CB  . HIS   A 1 71  ? 13.349  -7.374  1.082   1.00 13.86  ? 71  HIS   A CB  1 
ATOM   528  C  CG  . HIS   A 1 71  ? 12.225  -8.253  1.480   1.00 15.07  ? 71  HIS   A CG  1 
ATOM   529  N  ND1 . HIS   A 1 71  ? 11.062  -7.805  2.109   1.00 15.61  ? 71  HIS   A ND1 1 
ATOM   530  C  CD2 . HIS   A 1 71  ? 12.094  -9.577  1.339   1.00 17.17  ? 71  HIS   A CD2 1 
ATOM   531  C  CE1 . HIS   A 1 71  ? 10.285  -8.832  2.350   1.00 14.07  ? 71  HIS   A CE1 1 
ATOM   532  N  NE2 . HIS   A 1 71  ? 10.896  -9.912  1.923   1.00 19.43  ? 71  HIS   A NE2 1 
ATOM   533  N  N   . TYR   A 1 72  ? 14.118  -4.811  -1.054  1.00 11.93  ? 72  TYR   A N   1 
ATOM   534  C  CA  . TYR   A 1 72  ? 15.067  -3.732  -1.385  1.00 11.64  ? 72  TYR   A CA  1 
ATOM   535  C  C   . TYR   A 1 72  ? 14.967  -2.601  -0.384  1.00 11.93  ? 72  TYR   A C   1 
ATOM   536  O  O   . TYR   A 1 72  ? 13.870  -2.125  -0.098  1.00 12.14  ? 72  TYR   A O   1 
ATOM   537  C  CB  . TYR   A 1 72  ? 14.791  -3.126  -2.764  1.00 12.81  ? 72  TYR   A CB  1 
ATOM   538  C  CG  . TYR   A 1 72  ? 15.013  -4.089  -3.904  1.00 13.60  ? 72  TYR   A CG  1 
ATOM   539  C  CD1 . TYR   A 1 72  ? 16.306  -4.404  -4.348  1.00 15.80  ? 72  TYR   A CD1 1 
ATOM   540  C  CD2 . TYR   A 1 72  ? 13.951  -4.715  -4.518  1.00 14.47  ? 72  TYR   A CD2 1 
ATOM   541  C  CE1 . TYR   A 1 72  ? 16.527  -5.282  -5.402  1.00 15.44  ? 72  TYR   A CE1 1 
ATOM   542  C  CE2 . TYR   A 1 72  ? 14.151  -5.574  -5.598  1.00 14.33  ? 72  TYR   A CE2 1 
ATOM   543  C  CZ  . TYR   A 1 72  ? 15.439  -5.871  -6.007  1.00 16.01  ? 72  TYR   A CZ  1 
ATOM   544  O  OH  . TYR   A 1 72  ? 15.592  -6.685  -7.097  1.00 17.23  ? 72  TYR   A OH  1 
ATOM   545  N  N   . PRO   A 1 73  ? 16.105  -2.086  0.116   1.00 11.99  ? 73  PRO   A N   1 
ATOM   546  C  CA  . PRO   A 1 73  ? 16.096  -0.880  0.929   1.00 11.79  ? 73  PRO   A CA  1 
ATOM   547  C  C   . PRO   A 1 73  ? 15.912  0.289   -0.028  1.00 12.38  ? 73  PRO   A C   1 
ATOM   548  O  O   . PRO   A 1 73  ? 16.615  0.385   -1.037  1.00 14.01  ? 73  PRO   A O   1 
ATOM   549  C  CB  . PRO   A 1 73  ? 17.505  -0.845  1.595   1.00 12.05  ? 73  PRO   A CB  1 
ATOM   550  C  CG  . PRO   A 1 73  ? 18.370  -1.685  0.686   1.00 14.95  ? 73  PRO   A CG  1 
ATOM   551  C  CD  . PRO   A 1 73  ? 17.449  -2.692  0.020   1.00 14.17  ? 73  PRO   A CD  1 
ATOM   552  N  N   . VAL   A 1 74  ? 15.054  1.235   0.348   1.00 10.60  ? 74  VAL   A N   1 
ATOM   553  C  CA  . VAL   A 1 74  ? 14.740  2.418   -0.479  1.00 11.79  ? 74  VAL   A CA  1 
ATOM   554  C  C   . VAL   A 1 74  ? 14.590  3.647   0.388   1.00 11.95  ? 74  VAL   A C   1 
ATOM   555  O  O   . VAL   A 1 74  ? 14.159  3.599   1.547   1.00 11.35  ? 74  VAL   A O   1 
ATOM   556  C  CB  . VAL   A 1 74  ? 13.458  2.215   -1.291  1.00 13.71  ? 74  VAL   A CB  1 
ATOM   557  C  CG1 . VAL   A 1 74  ? 13.655  1.226   -2.421  1.00 14.52  ? 74  VAL   A CG1 1 
ATOM   558  C  CG2 . VAL   A 1 74  ? 12.264  1.863   -0.449  1.00 14.00  ? 74  VAL   A CG2 1 
ATOM   559  N  N   . SER   A 1 75  ? 14.888  4.782   -0.244  1.00 11.55  ? 75  SER   A N   1 
ATOM   560  C  CA  . SER   A 1 75  ? 14.452  6.121   0.196   1.00 12.39  ? 75  SER   A CA  1 
ATOM   561  C  C   . SER   A 1 75  ? 13.181  6.455   -0.589  1.00 11.86  ? 75  SER   A C   1 
ATOM   562  O  O   . SER   A 1 75  ? 13.076  6.116   -1.739  1.00 12.02  ? 75  SER   A O   1 
ATOM   563  C  CB  . SER   A 1 75  ? 15.479  7.140   -0.049  1.00 15.01  ? 75  SER   A CB  1 
ATOM   564  O  OG  . SER   A 1 75  ? 16.691  6.826   0.570   1.00 19.55  ? 75  SER   A OG  1 
ATOM   565  N  N   . PHE   A 1 76  ? 12.227  7.082   0.068   1.00 12.30  ? 76  PHE   A N   1 
ATOM   566  C  CA  . PHE   A 1 76  ? 10.941  7.381   -0.591  1.00 11.86  ? 76  PHE   A CA  1 
ATOM   567  C  C   . PHE   A 1 76  ? 10.449  8.759   -0.206  1.00 12.78  ? 76  PHE   A C   1 
ATOM   568  O  O   . PHE   A 1 76  ? 10.780  9.293   0.868   1.00 14.84  ? 76  PHE   A O   1 
ATOM   569  C  CB  . PHE   A 1 76  ? 9.899   6.290   -0.302  1.00 11.69  ? 76  PHE   A CB  1 
ATOM   570  C  CG  . PHE   A 1 76  ? 9.674   5.977   1.158   1.00 10.35  ? 76  PHE   A CG  1 
ATOM   571  C  CD1 . PHE   A 1 76  ? 10.405  5.030   1.808   1.00 10.97  ? 76  PHE   A CD1 1 
ATOM   572  C  CD2 . PHE   A 1 76  ? 8.690   6.618   1.896   1.00 11.12  ? 76  PHE   A CD2 1 
ATOM   573  C  CE1 . PHE   A 1 76  ? 10.236  4.739   3.145   1.00 10.74  ? 76  PHE   A CE1 1 
ATOM   574  C  CE2 . PHE   A 1 76  ? 8.495   6.304   3.228   1.00 11.22  ? 76  PHE   A CE2 1 
ATOM   575  C  CZ  . PHE   A 1 76  ? 9.244   5.340   3.842   1.00 11.50  ? 76  PHE   A CZ  1 
ATOM   576  N  N   . SER   A 1 77  ? 9.665   9.326   -1.117  1.00 13.06  ? 77  SER   A N   1 
ATOM   577  C  CA  . SER   A 1 77  ? 9.066   10.677  -0.903  1.00 14.65  ? 77  SER   A CA  1 
ATOM   578  C  C   . SER   A 1 77  ? 7.944   10.623  0.135   1.00 15.70  ? 77  SER   A C   1 
ATOM   579  O  O   . SER   A 1 77  ? 7.392   9.616   0.319   1.00 15.23  ? 77  SER   A O   1 
ATOM   580  C  CB  . SER   A 1 77  ? 8.593   11.255  -2.189  1.00 14.98  ? 77  SER   A CB  1 
ATOM   581  O  OG  . SER   A 1 77  ? 7.595   10.460  -2.815  1.00 15.92  ? 77  SER   A OG  1 
ATOM   582  N  N   . LYS   A 1 78  ? 7.568   11.739  0.771   1.00 16.37  ? 78  LYS   A N   1 
ATOM   583  C  CA  . LYS   A 1 78  ? 6.416   11.789  1.712   1.00 16.39  ? 78  LYS   A CA  1 
ATOM   584  C  C   . LYS   A 1 78  ? 5.134   11.658  0.881   1.00 17.43  ? 78  LYS   A C   1 
ATOM   585  O  O   . LYS   A 1 78  ? 5.094   11.996  -0.298  1.00 16.90  ? 78  LYS   A O   1 
ATOM   586  C  CB  . LYS   A 1 78  ? 6.487   13.071  2.555   1.00 18.15  ? 78  LYS   A CB  1 
ATOM   587  C  CG  . LYS   A 1 78  ? 7.731   13.201  3.422   1.00 19.52  ? 78  LYS   A CG  1 
ATOM   588  C  CD  . LYS   A 1 78  ? 7.724   14.406  4.358   1.00 22.64  ? 78  LYS   A CD  1 
ATOM   589  C  CE  . LYS   A 1 78  ? 8.803   14.336  5.420   1.00 26.49  ? 78  LYS   A CE  1 
ATOM   590  N  NZ  . LYS   A 1 78  ? 8.687   15.438  6.413   1.00 31.62  ? 78  LYS   A NZ  1 
ATOM   591  N  N   . PRO   A 1 79  ? 4.062   11.099  1.492   1.00 17.32  ? 79  PRO   A N   1 
ATOM   592  C  CA  . PRO   A 1 79  ? 2.799   10.864  0.779   1.00 17.17  ? 79  PRO   A CA  1 
ATOM   593  C  C   . PRO   A 1 79  ? 2.300   12.163  0.124   1.00 17.51  ? 79  PRO   A C   1 
ATOM   594  O  O   . PRO   A 1 79  ? 2.209   13.176  0.848   1.00 21.07  ? 79  PRO   A O   1 
ATOM   595  C  CB  . PRO   A 1 79  ? 1.852   10.383  1.903   1.00 18.12  ? 79  PRO   A CB  1 
ATOM   596  C  CG  . PRO   A 1 79  ? 2.756   9.835   2.957   1.00 19.25  ? 79  PRO   A CG  1 
ATOM   597  C  CD  . PRO   A 1 79  ? 4.046   10.616  2.868   1.00 16.79  ? 79  PRO   A CD  1 
ATOM   598  N  N   A SER   A 1 80  ? 2.087   12.137  -1.204  0.25 18.45  ? 80  SER   A N   1 
ATOM   599  N  N   B SER   A 1 80  ? 1.902   12.093  -1.145  0.25 18.83  ? 80  SER   A N   1 
ATOM   600  C  CA  A SER   A 1 80  ? 1.718   13.302  -2.067  0.25 19.59  ? 80  SER   A CA  1 
ATOM   601  C  CA  B SER   A 1 80  ? 1.433   13.284  -1.893  0.25 19.95  ? 80  SER   A CA  1 
ATOM   602  C  C   A SER   A 1 80  ? 0.546   12.949  -2.995  0.25 20.58  ? 80  SER   A C   1 
ATOM   603  C  C   B SER   A 1 80  ? 0.602   12.917  -3.122  0.25 20.86  ? 80  SER   A C   1 
ATOM   604  O  O   A SER   A 1 80  ? 0.153   11.769  -3.020  0.25 18.55  ? 80  SER   A O   1 
ATOM   605  O  O   B SER   A 1 80  ? 0.496   11.723  -3.509  0.25 18.19  ? 80  SER   A O   1 
ATOM   606  C  CB  A SER   A 1 80  ? 2.891   13.767  -2.906  0.25 19.36  ? 80  SER   A CB  1 
ATOM   607  C  CB  B SER   A 1 80  ? 2.613   14.121  -2.271  0.25 20.47  ? 80  SER   A CB  1 
ATOM   608  O  OG  A SER   A 1 80  ? 4.090   13.829  -2.154  0.25 20.79  ? 80  SER   A OG  1 
ATOM   609  O  OG  B SER   A 1 80  ? 3.391   14.378  -1.118  0.25 22.66  ? 80  SER   A OG  1 
ATOM   610  N  N   . LEU   A 1 81  ? 0.027   13.953  -3.729  1.00 21.06  ? 81  LEU   A N   1 
ATOM   611  C  CA  . LEU   A 1 81  ? -0.883  13.791  -4.877  1.00 23.44  ? 81  LEU   A CA  1 
ATOM   612  C  C   . LEU   A 1 81  ? -0.007  13.802  -6.116  1.00 24.87  ? 81  LEU   A C   1 
ATOM   613  O  O   . LEU   A 1 81  ? 0.607   14.860  -6.394  1.00 25.84  ? 81  LEU   A O   1 
ATOM   614  C  CB  . LEU   A 1 81  ? -1.890  14.946  -4.859  1.00 24.98  ? 81  LEU   A CB  1 
ATOM   615  C  CG  . LEU   A 1 81  ? -2.913  14.977  -5.991  1.00 27.64  ? 81  LEU   A CG  1 
ATOM   616  C  CD1 . LEU   A 1 81  ? -3.739  13.702  -6.043  1.00 28.63  ? 81  LEU   A CD1 1 
ATOM   617  C  CD2 . LEU   A 1 81  ? -3.847  16.179  -5.841  1.00 30.06  ? 81  LEU   A CD2 1 
ATOM   618  N  N   . ILE   A 1 82  ? 0.042   12.697  -6.852  1.00 22.41  ? 82  ILE   A N   1 
ATOM   619  C  CA  . ILE   A 1 82  ? 0.988   12.473  -7.968  1.00 22.02  ? 82  ILE   A CA  1 
ATOM   620  C  C   . ILE   A 1 82  ? 0.198   12.009  -9.168  1.00 23.08  ? 82  ILE   A C   1 
ATOM   621  O  O   . ILE   A 1 82  ? -0.646  11.112  -8.992  1.00 22.51  ? 82  ILE   A O   1 
ATOM   622  C  CB  . ILE   A 1 82  ? 2.018   11.384  -7.595  1.00 25.31  ? 82  ILE   A CB  1 
ATOM   623  C  CG1 . ILE   A 1 82  ? 2.733   11.719  -6.289  1.00 28.20  ? 82  ILE   A CG1 1 
ATOM   624  C  CG2 . ILE   A 1 82  ? 2.959   11.119  -8.745  1.00 27.17  ? 82  ILE   A CG2 1 
ATOM   625  C  CD1 . ILE   A 1 82  ? 3.574   12.969  -6.355  1.00 32.54  ? 82  ILE   A CD1 1 
ATOM   626  N  N   . PHE   A 1 83  ? 0.615   12.452  -10.327 1.00 19.68  ? 83  PHE   A N   1 
ATOM   627  C  CA  . PHE   A 1 83  ? 0.144   11.942  -11.625 1.00 21.79  ? 83  PHE   A CA  1 
ATOM   628  C  C   . PHE   A 1 83  ? 0.836   10.609  -11.891 1.00 22.75  ? 83  PHE   A C   1 
ATOM   629  O  O   . PHE   A 1 83  ? 2.071   10.505  -11.668 1.00 22.43  ? 83  PHE   A O   1 
ATOM   630  C  CB  . PHE   A 1 83  ? 0.337   12.962  -12.754 1.00 23.00  ? 83  PHE   A CB  1 
ATOM   631  C  CG  . PHE   A 1 83  ? -0.358  12.510  -14.017 1.00 21.37  ? 83  PHE   A CG  1 
ATOM   632  C  CD1 . PHE   A 1 83  ? -1.736  12.610  -14.115 1.00 24.68  ? 83  PHE   A CD1 1 
ATOM   633  C  CD2 . PHE   A 1 83  ? 0.334   11.915  -15.059 1.00 24.12  ? 83  PHE   A CD2 1 
ATOM   634  C  CE1 . PHE   A 1 83  ? -2.408  12.163  -15.246 1.00 22.27  ? 83  PHE   A CE1 1 
ATOM   635  C  CE2 . PHE   A 1 83  ? -0.333  11.489  -16.199 1.00 24.48  ? 83  PHE   A CE2 1 
ATOM   636  C  CZ  . PHE   A 1 83  ? -1.708  11.584  -16.274 1.00 23.92  ? 83  PHE   A CZ  1 
ATOM   637  N  N   . VAL   A 1 84  ? 0.042   9.587   -12.240 1.00 20.35  ? 84  VAL   A N   1 
ATOM   638  C  CA  . VAL   A 1 84  ? 0.531   8.221   -12.542 1.00 20.46  ? 84  VAL   A CA  1 
ATOM   639  C  C   . VAL   A 1 84  ? 0.154   7.886   -13.995 1.00 18.48  ? 84  VAL   A C   1 
ATOM   640  O  O   . VAL   A 1 84  ? -1.020  7.964   -14.335 1.00 24.67  ? 84  VAL   A O   1 
ATOM   641  C  CB  . VAL   A 1 84  ? -0.064  7.222   -11.517 1.00 20.03  ? 84  VAL   A CB  1 
ATOM   642  C  CG1 . VAL   A 1 84  ? 0.479   5.829   -11.732 1.00 18.56  ? 84  VAL   A CG1 1 
ATOM   643  C  CG2 . VAL   A 1 84  ? 0.207   7.679   -10.091 1.00 19.23  ? 84  VAL   A CG2 1 
ATOM   644  N  N   . GLU   A 1 85  ? 1.082   7.406   -14.804 1.00 21.02  ? 85  GLU   A N   1 
ATOM   645  C  CA  . GLU   A 1 85  ? 0.789   6.959   -16.186 1.00 22.14  ? 85  GLU   A CA  1 
ATOM   646  C  C   . GLU   A 1 85  ? -0.077  5.690   -16.149 1.00 22.41  ? 85  GLU   A C   1 
ATOM   647  O  O   . GLU   A 1 85  ? -0.217  5.035   -15.054 1.00 21.68  ? 85  GLU   A O   1 
ATOM   648  C  CB  . GLU   A 1 85  ? 2.067   6.670   -16.965 1.00 25.28  ? 85  GLU   A CB  1 
ATOM   649  C  CG  . GLU   A 1 85  ? 2.898   7.926   -17.236 1.00 27.67  ? 85  GLU   A CG  1 
ATOM   650  C  CD  . GLU   A 1 85  ? 2.189   9.065   -17.955 1.00 28.57  ? 85  GLU   A CD  1 
ATOM   651  O  OE1 . GLU   A 1 85  ? 1.243   8.809   -18.757 1.00 28.35  ? 85  GLU   A OE1 1 
ATOM   652  O  OE2 . GLU   A 1 85  ? 2.584   10.218  -17.717 1.00 28.34  ? 85  GLU   A OE2 1 
ATOM   653  N  N   . ALA   A 1 86  ? -0.639  5.340   -17.295 1.00 23.44  ? 86  ALA   A N   1 
ATOM   654  C  CA  . ALA   A 1 86  ? -1.573  4.207   -17.420 1.00 22.46  ? 86  ALA   A CA  1 
ATOM   655  C  C   . ALA   A 1 86  ? -0.823  2.941   -17.066 1.00 23.04  ? 86  ALA   A C   1 
ATOM   656  O  O   . ALA   A 1 86  ? 0.361   2.805   -17.431 1.00 23.87  ? 86  ALA   A O   1 
ATOM   657  C  CB  . ALA   A 1 86  ? -2.123  4.157   -18.830 1.00 23.75  ? 86  ALA   A CB  1 
ATOM   658  N  N   . SER   A 1 87  ? -1.509  2.007   -16.399 1.00 24.95  ? 87  SER   A N   1 
ATOM   659  C  CA  . SER   A 1 87  ? -0.996  0.656   -16.083 1.00 23.27  ? 87  SER   A CA  1 
ATOM   660  C  C   . SER   A 1 87  ? -2.013  -0.353  -16.593 1.00 25.86  ? 87  SER   A C   1 
ATOM   661  O  O   . SER   A 1 87  ? -3.078  0.074   -17.096 1.00 27.29  ? 87  SER   A O   1 
ATOM   662  C  CB  . SER   A 1 87  ? -0.815  0.479   -14.605 1.00 22.74  ? 87  SER   A CB  1 
ATOM   663  O  OG  . SER   A 1 87  ? -2.096  0.528   -13.981 1.00 21.45  ? 87  SER   A OG  1 
ATOM   664  N  N   . GLU   A 1 88  ? -1.733  -1.635  -16.389 1.00 26.94  ? 88  GLU   A N   1 
ATOM   665  C  CA  . GLU   A 1 88  ? -2.661  -2.721  -16.798 1.00 27.09  ? 88  GLU   A CA  1 
ATOM   666  C  C   . GLU   A 1 88  ? -3.970  -2.626  -15.996 1.00 27.40  ? 88  GLU   A C   1 
ATOM   667  O  O   . GLU   A 1 88  ? -4.976  -3.092  -16.515 1.00 25.04  ? 88  GLU   A O   1 
ATOM   668  C  CB  . GLU   A 1 88  ? -1.937  -4.071  -16.722 1.00 27.51  ? 88  GLU   A CB  1 
ATOM   669  C  CG  . GLU   A 1 88  ? -1.925  -4.709  -15.359 1.00 32.18  ? 88  GLU   A CG  1 
ATOM   670  C  CD  . GLU   A 1 88  ? -1.520  -6.176  -15.323 1.00 36.81  ? 88  GLU   A CD  1 
ATOM   671  O  OE1 . GLU   A 1 88  ? -0.715  -6.597  -16.187 1.00 40.05  ? 88  GLU   A OE1 1 
ATOM   672  O  OE2 . GLU   A 1 88  ? -1.995  -6.884  -14.394 1.00 42.87  ? 88  GLU   A OE2 1 
ATOM   673  N  N   . TYR   A 1 89  ? -3.998  -1.986  -14.821 1.00 22.15  ? 89  TYR   A N   1 
ATOM   674  C  CA  . TYR   A 1 89  ? -5.178  -1.993  -13.914 1.00 21.82  ? 89  TYR   A CA  1 
ATOM   675  C  C   . TYR   A 1 89  ? -5.765  -0.595  -13.701 1.00 22.78  ? 89  TYR   A C   1 
ATOM   676  O  O   . TYR   A 1 89  ? -6.883  -0.470  -13.077 1.00 22.44  ? 89  TYR   A O   1 
ATOM   677  C  CB  . TYR   A 1 89  ? -4.815  -2.679  -12.592 1.00 19.16  ? 89  TYR   A CB  1 
ATOM   678  C  CG  . TYR   A 1 89  ? -3.562  -2.129  -11.950 1.00 18.60  ? 89  TYR   A CG  1 
ATOM   679  C  CD1 . TYR   A 1 89  ? -2.325  -2.663  -12.277 1.00 18.25  ? 89  TYR   A CD1 1 
ATOM   680  C  CD2 . TYR   A 1 89  ? -3.596  -1.081  -11.048 1.00 20.14  ? 89  TYR   A CD2 1 
ATOM   681  C  CE1 . TYR   A 1 89  ? -1.160  -2.165  -11.727 1.00 18.46  ? 89  TYR   A CE1 1 
ATOM   682  C  CE2 . TYR   A 1 89  ? -2.428  -0.556  -10.512 1.00 20.13  ? 89  TYR   A CE2 1 
ATOM   683  C  CZ  . TYR   A 1 89  ? -1.208  -1.141  -10.800 1.00 18.51  ? 89  TYR   A CZ  1 
ATOM   684  O  OH  . TYR   A 1 89  ? -0.011  -0.706  -10.289 1.00 18.35  ? 89  TYR   A OH  1 
ATOM   685  N  N   . TYR   A 1 90  ? -5.109  0.469   -14.170 1.00 21.79  ? 90  TYR   A N   1 
ATOM   686  C  CA  . TYR   A 1 90  ? -5.672  1.843   -14.062 1.00 20.49  ? 90  TYR   A CA  1 
ATOM   687  C  C   . TYR   A 1 90  ? -5.285  2.706   -15.258 1.00 21.50  ? 90  TYR   A C   1 
ATOM   688  O  O   . TYR   A 1 90  ? -4.219  2.556   -15.841 1.00 21.77  ? 90  TYR   A O   1 
ATOM   689  C  CB  . TYR   A 1 90  ? -5.160  2.607   -12.829 1.00 22.26  ? 90  TYR   A CB  1 
ATOM   690  C  CG  . TYR   A 1 90  ? -5.801  2.260   -11.501 1.00 22.22  ? 90  TYR   A CG  1 
ATOM   691  C  CD1 . TYR   A 1 90  ? -7.179  2.199   -11.310 1.00 23.55  ? 90  TYR   A CD1 1 
ATOM   692  C  CD2 . TYR   A 1 90  ? -5.025  2.072   -10.372 1.00 20.63  ? 90  TYR   A CD2 1 
ATOM   693  C  CE1 . TYR   A 1 90  ? -7.740  1.938   -10.064 1.00 23.55  ? 90  TYR   A CE1 1 
ATOM   694  C  CE2 . TYR   A 1 90  ? -5.576  1.799   -9.124  1.00 20.26  ? 90  TYR   A CE2 1 
ATOM   695  C  CZ  . TYR   A 1 90  ? -6.937  1.706   -8.953  1.00 20.65  ? 90  TYR   A CZ  1 
ATOM   696  O  OH  . TYR   A 1 90  ? -7.466  1.429   -7.699  1.00 20.64  ? 90  TYR   A OH  1 
ATOM   697  N  N   . PRO   A 1 91  ? -6.143  3.685   -15.623 1.00 21.92  ? 91  PRO   A N   1 
ATOM   698  C  CA  . PRO   A 1 91  ? -5.783  4.648   -16.669 1.00 23.20  ? 91  PRO   A CA  1 
ATOM   699  C  C   . PRO   A 1 91  ? -4.698  5.588   -16.118 1.00 24.08  ? 91  PRO   A C   1 
ATOM   700  O  O   . PRO   A 1 91  ? -4.489  5.586   -14.918 1.00 24.16  ? 91  PRO   A O   1 
ATOM   701  C  CB  . PRO   A 1 91  ? -7.097  5.409   -16.876 1.00 21.69  ? 91  PRO   A CB  1 
ATOM   702  C  CG  . PRO   A 1 91  ? -7.775  5.366   -15.520 1.00 23.39  ? 91  PRO   A CG  1 
ATOM   703  C  CD  . PRO   A 1 91  ? -7.451  3.975   -15.005 1.00 21.05  ? 91  PRO   A CD  1 
ATOM   704  N  N   . ALA   A 1 92  ? -4.084  6.419   -16.964 1.00 26.89  ? 92  ALA   A N   1 
ATOM   705  C  CA  . ALA   A 1 92  ? -3.333  7.601   -16.484 1.00 27.70  ? 92  ALA   A CA  1 
ATOM   706  C  C   . ALA   A 1 92  ? -4.248  8.445   -15.572 1.00 24.84  ? 92  ALA   A C   1 
ATOM   707  O  O   . ALA   A 1 92  ? -5.370  8.766   -15.983 1.00 29.14  ? 92  ALA   A O   1 
ATOM   708  C  CB  . ALA   A 1 92  ? -2.849  8.413   -17.660 1.00 27.70  ? 92  ALA   A CB  1 
ATOM   709  N  N   . ARG   A 1 93  ? -3.845  8.768   -14.347 1.00 23.35  ? 93  ARG   A N   1 
ATOM   710  C  CA  . ARG   A 1 93  ? -4.681  9.549   -13.404 1.00 23.70  ? 93  ARG   A CA  1 
ATOM   711  C  C   . ARG   A 1 93  ? -3.807  10.091  -12.261 1.00 26.63  ? 93  ARG   A C   1 
ATOM   712  O  O   . ARG   A 1 93  ? -2.619  9.668   -12.147 1.00 23.50  ? 93  ARG   A O   1 
ATOM   713  C  CB  . ARG   A 1 93  ? -5.805  8.641   -12.885 1.00 24.00  ? 93  ARG   A CB  1 
ATOM   714  C  CG  . ARG   A 1 93  ? -5.298  7.580   -11.916 1.00 24.37  ? 93  ARG   A CG  1 
ATOM   715  C  CD  . ARG   A 1 93  ? -6.209  6.414   -11.596 1.00 25.03  ? 93  ARG   A CD  1 
ATOM   716  N  NE  . ARG   A 1 93  ? -5.700  5.886   -10.331 1.00 23.66  ? 93  ARG   A NE  1 
ATOM   717  C  CZ  . ARG   A 1 93  ? -6.408  5.636   -9.219  1.00 25.20  ? 93  ARG   A CZ  1 
ATOM   718  N  NH1 . ARG   A 1 93  ? -7.724  5.818   -9.152  1.00 24.57  ? 93  ARG   A NH1 1 
ATOM   719  N  NH2 . ARG   A 1 93  ? -5.761  5.217   -8.147  1.00 24.05  ? 93  ARG   A NH2 1 
ATOM   720  N  N   . TYR   A 1 94  ? -4.399  10.951  -11.433 1.00 22.88  ? 94  TYR   A N   1 
ATOM   721  C  CA  . TYR   A 1 94  ? -3.849  11.444  -10.153 1.00 25.49  ? 94  TYR   A CA  1 
ATOM   722  C  C   . TYR   A 1 94  ? -4.186  10.451  -9.054  1.00 24.45  ? 94  TYR   A C   1 
ATOM   723  O  O   . TYR   A 1 94  ? -5.361  9.992   -8.948  1.00 26.15  ? 94  TYR   A O   1 
ATOM   724  C  CB  . TYR   A 1 94  ? -4.403  12.827  -9.838  1.00 27.44  ? 94  TYR   A CB  1 
ATOM   725  C  CG  . TYR   A 1 94  ? -3.621  13.906  -10.550 1.00 29.68  ? 94  TYR   A CG  1 
ATOM   726  C  CD1 . TYR   A 1 94  ? -2.476  14.438  -9.972  1.00 30.23  ? 94  TYR   A CD1 1 
ATOM   727  C  CD2 . TYR   A 1 94  ? -3.947  14.299  -11.841 1.00 32.73  ? 94  TYR   A CD2 1 
ATOM   728  C  CE1 . TYR   A 1 94  ? -1.717  15.400  -10.619 1.00 32.08  ? 94  TYR   A CE1 1 
ATOM   729  C  CE2 . TYR   A 1 94  ? -3.190  15.258  -12.508 1.00 32.74  ? 94  TYR   A CE2 1 
ATOM   730  C  CZ  . TYR   A 1 94  ? -2.078  15.813  -11.889 1.00 33.15  ? 94  TYR   A CZ  1 
ATOM   731  O  OH  . TYR   A 1 94  ? -1.314  16.760  -12.508 1.00 34.89  ? 94  TYR   A OH  1 
ATOM   732  N  N   . GLN   A 1 95  ? -3.171  10.053  -8.285  1.00 20.63  ? 95  GLN   A N   1 
ATOM   733  C  CA  . GLN   A 1 95  ? -3.349  9.181   -7.104  1.00 19.30  ? 95  GLN   A CA  1 
ATOM   734  C  C   . GLN   A 1 95  ? -2.889  9.959   -5.879  1.00 17.73  ? 95  GLN   A C   1 
ATOM   735  O  O   . GLN   A 1 95  ? -1.769  10.570  -5.989  1.00 21.14  ? 95  GLN   A O   1 
ATOM   736  C  CB  . GLN   A 1 95  ? -2.508  7.927   -7.294  1.00 18.96  ? 95  GLN   A CB  1 
ATOM   737  C  CG  . GLN   A 1 95  ? -2.702  6.913   -6.198  1.00 19.07  ? 95  GLN   A CG  1 
ATOM   738  C  CD  . GLN   A 1 95  ? -2.395  5.485   -6.586  1.00 17.07  ? 95  GLN   A CD  1 
ATOM   739  O  OE1 . GLN   A 1 95  ? -2.640  5.039   -7.693  1.00 19.22  ? 95  GLN   A OE1 1 
ATOM   740  N  NE2 . GLN   A 1 95  ? -1.883  4.768   -5.607  1.00 17.65  ? 95  GLN   A NE2 1 
ATOM   741  N  N   . SER   A 1 96  ? -3.612  9.928   -4.764  1.00 17.20  ? 96  SER   A N   1 
ATOM   742  C  CA  . SER   A 1 96  ? -3.328  10.645  -3.503  1.00 18.90  ? 96  SER   A CA  1 
ATOM   743  C  C   . SER   A 1 96  ? -2.589  9.730   -2.512  1.00 19.85  ? 96  SER   A C   1 
ATOM   744  O  O   . SER   A 1 96  ? -2.630  8.477   -2.666  1.00 16.67  ? 96  SER   A O   1 
ATOM   745  C  CB  . SER   A 1 96  ? -4.594  11.201  -2.900  1.00 20.19  ? 96  SER   A CB  1 
ATOM   746  O  OG  . SER   A 1 96  ? -5.449  10.156  -2.421  1.00 21.05  ? 96  SER   A OG  1 
ATOM   747  N  N   . HIS   A 1 97  ? -1.973  10.332  -1.499  1.00 17.12  ? 97  HIS   A N   1 
ATOM   748  C  CA  . HIS   A 1 97  ? -1.237  9.613   -0.427  1.00 16.94  ? 97  HIS   A CA  1 
ATOM   749  C  C   . HIS   A 1 97  ? -0.215  8.614   -1.024  1.00 14.91  ? 97  HIS   A C   1 
ATOM   750  O  O   . HIS   A 1 97  ? -0.047  7.543   -0.436  1.00 15.75  ? 97  HIS   A O   1 
ATOM   751  C  CB  . HIS   A 1 97  ? -2.273  8.953   0.456   1.00 19.14  ? 97  HIS   A CB  1 
ATOM   752  C  CG  . HIS   A 1 97  ? -3.195  9.920   1.109   1.00 19.77  ? 97  HIS   A CG  1 
ATOM   753  N  ND1 . HIS   A 1 97  ? -2.998  10.353  2.408   1.00 18.81  ? 97  HIS   A ND1 1 
ATOM   754  C  CD2 . HIS   A 1 97  ? -4.334  10.507  0.662   1.00 21.04  ? 97  HIS   A CD2 1 
ATOM   755  C  CE1 . HIS   A 1 97  ? -4.026  11.129  2.756   1.00 19.99  ? 97  HIS   A CE1 1 
ATOM   756  N  NE2 . HIS   A 1 97  ? -4.808  11.281  1.699   1.00 23.44  ? 97  HIS   A NE2 1 
ATOM   757  N  N   . LEU   A 1 98  ? 0.408   8.985   -2.112  1.00 14.46  ? 98  LEU   A N   1 
ATOM   758  C  CA  . LEU   A 1 98  ? 1.383   8.139   -2.804  1.00 13.80  ? 98  LEU   A CA  1 
ATOM   759  C  C   . LEU   A 1 98  ? 2.814   8.571   -2.453  1.00 14.56  ? 98  LEU   A C   1 
ATOM   760  O  O   . LEU   A 1 98  ? 3.118   9.767   -2.532  1.00 16.53  ? 98  LEU   A O   1 
ATOM   761  C  CB  . LEU   A 1 98  ? 1.159   8.205   -4.311  1.00 15.00  ? 98  LEU   A CB  1 
ATOM   762  C  CG  . LEU   A 1 98  ? 1.967   7.229   -5.153  1.00 16.17  ? 98  LEU   A CG  1 
ATOM   763  C  CD1 . LEU   A 1 98  ? 1.563   5.809   -4.847  1.00 14.36  ? 98  LEU   A CD1 1 
ATOM   764  C  CD2 . LEU   A 1 98  ? 1.871   7.496   -6.640  1.00 16.08  ? 98  LEU   A CD2 1 
ATOM   765  N  N   . MET   A 1 99  ? 3.682   7.576   -2.233  1.00 12.86  ? 99  MET   A N   1 
ATOM   766  C  CA  . MET   A 1 99  ? 5.147   7.763   -1.957  1.00 13.82  ? 99  MET   A CA  1 
ATOM   767  C  C   . MET   A 1 99  ? 5.907   7.135   -3.102  1.00 14.35  ? 99  MET   A C   1 
ATOM   768  O  O   . MET   A 1 99  ? 5.532   6.055   -3.525  1.00 15.04  ? 99  MET   A O   1 
ATOM   769  C  CB  . MET   A 1 99  ? 5.532   7.113   -0.626  1.00 12.66  ? 99  MET   A CB  1 
ATOM   770  C  CG  . MET   A 1 99  ? 4.807   7.735   0.585   1.00 14.55  ? 99  MET   A CG  1 
ATOM   771  S  SD  . MET   A 1 99  ? 4.954   6.769   2.063   1.00 15.40  ? 99  MET   A SD  1 
ATOM   772  C  CE  . MET   A 1 99  ? 4.018   5.282   1.714   1.00 14.73  ? 99  MET   A CE  1 
ATOM   773  N  N   . LEU   A 1 100 ? 6.950   7.798   -3.617  1.00 12.93  ? 100 LEU   A N   1 
ATOM   774  C  CA  . LEU   A 1 100 ? 7.694   7.220   -4.752  1.00 13.12  ? 100 LEU   A CA  1 
ATOM   775  C  C   . LEU   A 1 100 ? 9.117   6.914   -4.279  1.00 12.98  ? 100 LEU   A C   1 
ATOM   776  O  O   . LEU   A 1 100 ? 9.684   7.650   -3.492  1.00 13.46  ? 100 LEU   A O   1 
ATOM   777  C  CB  . LEU   A 1 100 ? 7.787   8.224   -5.910  1.00 17.10  ? 100 LEU   A CB  1 
ATOM   778  C  CG  . LEU   A 1 100 ? 6.498   8.467   -6.688  1.00 18.09  ? 100 LEU   A CG  1 
ATOM   779  C  CD1 . LEU   A 1 100 ? 6.662   9.595   -7.713  1.00 19.91  ? 100 LEU   A CD1 1 
ATOM   780  C  CD2 . LEU   A 1 100 ? 6.023   7.166   -7.314  1.00 18.21  ? 100 LEU   A CD2 1 
ATOM   781  N  N   . ALA   A 1 101 ? 9.669   5.843   -4.795  1.00 10.95  ? 101 ALA   A N   1 
ATOM   782  C  CA  . ALA   A 1 101 ? 11.085  5.470   -4.673  1.00 11.68  ? 101 ALA   A CA  1 
ATOM   783  C  C   . ALA   A 1 101 ? 11.627  5.032   -6.020  1.00 11.93  ? 101 ALA   A C   1 
ATOM   784  O  O   . ALA   A 1 101 ? 10.862  4.612   -6.914  1.00 11.97  ? 101 ALA   A O   1 
ATOM   785  C  CB  . ALA   A 1 101 ? 11.275  4.372   -3.641  1.00 12.09  ? 101 ALA   A CB  1 
ATOM   786  N  N   . VAL   A 1 102 ? 12.946  5.006   -6.111  1.00 12.40  ? 102 VAL   A N   1 
ATOM   787  C  CA  . VAL   A 1 102 ? 13.607  4.401   -7.283  1.00 12.17  ? 102 VAL   A CA  1 
ATOM   788  C  C   . VAL   A 1 102 ? 13.700  2.907   -7.042  1.00 11.86  ? 102 VAL   A C   1 
ATOM   789  O  O   . VAL   A 1 102 ? 14.331  2.467   -6.061  1.00 13.52  ? 102 VAL   A O   1 
ATOM   790  C  CB  . VAL   A 1 102 ? 14.983  5.038   -7.552  1.00 12.34  ? 102 VAL   A CB  1 
ATOM   791  C  CG1 . VAL   A 1 102 ? 15.663  4.373   -8.748  1.00 12.43  ? 102 VAL   A CG1 1 
ATOM   792  C  CG2 . VAL   A 1 102 ? 14.792  6.529   -7.744  1.00 11.58  ? 102 VAL   A CG2 1 
ATOM   793  N  N   . GLY   A 1 103 ? 13.068  2.137   -7.920  1.00 12.99  ? 103 GLY   A N   1 
ATOM   794  C  CA  . GLY   A 1 103 ? 13.058  0.687   -7.748  1.00 12.93  ? 103 GLY   A CA  1 
ATOM   795  C  C   . GLY   A 1 103 ? 12.173  0.021   -8.791  1.00 13.11  ? 103 GLY   A C   1 
ATOM   796  O  O   . GLY   A 1 103 ? 11.474  0.697   -9.546  1.00 15.49  ? 103 GLY   A O   1 
ATOM   797  N  N   . HIS   A 1 104 ? 12.190  -1.288  -8.740  1.00 13.56  ? 104 HIS   A N   1 
ATOM   798  C  CA  . HIS   A 1 104 ? 11.441  -2.126  -9.689  1.00 14.55  ? 104 HIS   A CA  1 
ATOM   799  C  C   . HIS   A 1 104 ? 10.017  -2.383  -9.180  1.00 14.05  ? 104 HIS   A C   1 
ATOM   800  O  O   . HIS   A 1 104 ? 9.848   -2.883  -8.067  1.00 13.61  ? 104 HIS   A O   1 
ATOM   801  C  CB  . HIS   A 1 104 ? 12.201  -3.430  -9.983  1.00 13.52  ? 104 HIS   A CB  1 
ATOM   802  C  CG  . HIS   A 1 104 ? 11.530  -4.222  -11.049 1.00 16.94  ? 104 HIS   A CG  1 
ATOM   803  N  ND1 . HIS   A 1 104 ? 11.471  -3.753  -12.333 1.00 18.25  ? 104 HIS   A ND1 1 
ATOM   804  C  CD2 . HIS   A 1 104 ? 10.806  -5.350  -10.995 1.00 16.65  ? 104 HIS   A CD2 1 
ATOM   805  C  CE1 . HIS   A 1 104 ? 10.733  -4.602  -13.038 1.00 15.91  ? 104 HIS   A CE1 1 
ATOM   806  N  NE2 . HIS   A 1 104 ? 10.392  -5.594  -12.276 1.00 16.39  ? 104 HIS   A NE2 1 
ATOM   807  N  N   . SER   A 1 105 ? 9.033   -2.179  -10.057 1.00 14.43  ? 105 SER   A N   1 
ATOM   808  C  CA  . SER   A 1 105 ? 7.618   -2.449  -9.748  1.00 13.78  ? 105 SER   A CA  1 
ATOM   809  C  C   . SER   A 1 105 ? 6.897   -2.781  -11.047 1.00 15.71  ? 105 SER   A C   1 
ATOM   810  O  O   . SER   A 1 105 ? 6.763   -1.869  -11.898 1.00 19.05  ? 105 SER   A O   1 
ATOM   811  C  CB  . SER   A 1 105 ? 6.989   -1.266  -9.018  1.00 14.34  ? 105 SER   A CB  1 
ATOM   812  O  OG  . SER   A 1 105 ? 5.616   -1.543  -8.731  1.00 15.33  ? 105 SER   A OG  1 
ATOM   813  N  N   . GLU   A 1 106 ? 6.376   -3.978  -11.081 1.00 13.90  ? 106 GLU   A N   1 
ATOM   814  C  CA  . GLU   A 1 106 ? 5.410   -4.417  -12.116 1.00 16.35  ? 106 GLU   A CA  1 
ATOM   815  C  C   . GLU   A 1 106 ? 4.027   -4.525  -11.487 1.00 17.86  ? 106 GLU   A C   1 
ATOM   816  O  O   . GLU   A 1 106 ? 3.874   -4.645  -10.260 1.00 16.50  ? 106 GLU   A O   1 
ATOM   817  C  CB  . GLU   A 1 106 ? 5.848   -5.785  -12.638 1.00 18.48  ? 106 GLU   A CB  1 
ATOM   818  C  CG  . GLU   A 1 106 ? 7.223   -5.760  -13.294 1.00 21.41  ? 106 GLU   A CG  1 
ATOM   819  C  CD  . GLU   A 1 106 ? 7.795   -7.092  -13.779 1.00 20.89  ? 106 GLU   A CD  1 
ATOM   820  O  OE1 . GLU   A 1 106 ? 7.019   -8.005  -14.050 1.00 26.42  ? 106 GLU   A OE1 1 
ATOM   821  O  OE2 . GLU   A 1 106 ? 9.008   -7.210  -13.856 1.00 23.96  ? 106 GLU   A OE2 1 
ATOM   822  N  N   . PRO   A 1 107 ? 2.956   -4.606  -12.301 1.00 18.72  ? 107 PRO   A N   1 
ATOM   823  C  CA  . PRO   A 1 107 ? 1.605   -4.651  -11.735 1.00 17.87  ? 107 PRO   A CA  1 
ATOM   824  C  C   . PRO   A 1 107 ? 1.401   -5.715  -10.642 1.00 17.58  ? 107 PRO   A C   1 
ATOM   825  O  O   . PRO   A 1 107 ? 0.759   -5.479  -9.626  1.00 17.72  ? 107 PRO   A O   1 
ATOM   826  C  CB  . PRO   A 1 107 ? 0.815   -4.956  -13.030 1.00 18.80  ? 107 PRO   A CB  1 
ATOM   827  C  CG  . PRO   A 1 107 ? 1.547   -4.147  -14.058 1.00 20.75  ? 107 PRO   A CG  1 
ATOM   828  C  CD  . PRO   A 1 107 ? 2.965   -4.619  -13.783 1.00 19.71  ? 107 PRO   A CD  1 
ATOM   829  N  N   . GLY   A 1 108 ? 1.939   -6.911  -10.808 1.00 16.60  ? 108 GLY   A N   1 
ATOM   830  C  CA  . GLY   A 1 108 ? 1.745   -8.006  -9.858  1.00 16.22  ? 108 GLY   A CA  1 
ATOM   831  C  C   . GLY   A 1 108 ? 2.484   -7.789  -8.538  1.00 13.86  ? 108 GLY   A C   1 
ATOM   832  O  O   . GLY   A 1 108 ? 2.336   -8.593  -7.619  1.00 14.55  ? 108 GLY   A O   1 
ATOM   833  N  N   . ASP   A 1 109 ? 3.385   -6.811  -8.509  1.00 14.54  ? 109 ASP   A N   1 
ATOM   834  C  CA  . ASP   A 1 109 ? 4.090   -6.458  -7.259  1.00 13.34  ? 109 ASP   A CA  1 
ATOM   835  C  C   . ASP   A 1 109 ? 3.177   -5.689  -6.324  1.00 12.54  ? 109 ASP   A C   1 
ATOM   836  O  O   . ASP   A 1 109 ? 3.548   -5.494  -5.146  1.00 12.02  ? 109 ASP   A O   1 
ATOM   837  C  CB  . ASP   A 1 109 ? 5.338   -5.643  -7.550  1.00 13.34  ? 109 ASP   A CB  1 
ATOM   838  C  CG  . ASP   A 1 109 ? 6.411   -6.478  -8.227  1.00 12.01  ? 109 ASP   A CG  1 
ATOM   839  O  OD1 . ASP   A 1 109 ? 6.551   -7.654  -7.820  1.00 14.39  ? 109 ASP   A OD1 1 
ATOM   840  O  OD2 . ASP   A 1 109 ? 7.088   -5.904  -9.118  1.00 14.26  ? 109 ASP   A OD2 1 
ATOM   841  N  N   . CYS   A 1 110 ? 2.027   -5.225  -6.789  1.00 12.40  ? 110 CYS   A N   1 
ATOM   842  C  CA  . CYS   A 1 110 ? 1.122   -4.481  -5.912  1.00 11.81  ? 110 CYS   A CA  1 
ATOM   843  C  C   . CYS   A 1 110 ? 0.816   -5.362  -4.712  1.00 11.49  ? 110 CYS   A C   1 
ATOM   844  O  O   . CYS   A 1 110 ? 0.558   -6.574  -4.860  1.00 13.47  ? 110 CYS   A O   1 
ATOM   845  C  CB  . CYS   A 1 110 ? -0.159  -4.124  -6.649  1.00 11.55  ? 110 CYS   A CB  1 
ATOM   846  S  SG  . CYS   A 1 110 ? 0.034   -2.730  -7.764  1.00 14.17  ? 110 CYS   A SG  1 
ATOM   847  N  N   . GLY   A 1 111 ? 0.782   -4.743  -3.523  1.00 10.52  ? 111 GLY   A N   1 
ATOM   848  C  CA  . GLY   A 1 111 ? 0.470   -5.401  -2.260  1.00 11.89  ? 111 GLY   A CA  1 
ATOM   849  C  C   . GLY   A 1 111 ? 1.726   -5.752  -1.490  1.00 11.29  ? 111 GLY   A C   1 
ATOM   850  O  O   . GLY   A 1 111 ? 1.618   -6.121  -0.341  1.00 12.44  ? 111 GLY   A O   1 
ATOM   851  N  N   . GLY   A 1 112 ? 2.912   -5.647  -2.081  1.00 11.56  ? 112 GLY   A N   1 
ATOM   852  C  CA  . GLY   A 1 112 ? 4.157   -5.843  -1.331  1.00 10.89  ? 112 GLY   A CA  1 
ATOM   853  C  C   . GLY   A 1 112 ? 4.270   -4.817  -0.228  1.00 10.60  ? 112 GLY   A C   1 
ATOM   854  O  O   . GLY   A 1 112 ? 4.002   -3.634  -0.506  1.00 9.91   ? 112 GLY   A O   1 
ATOM   855  N  N   . ILE   A 1 113 ? 4.754   -5.198  0.917   1.00 11.32  ? 113 ILE   A N   1 
ATOM   856  C  CA  . ILE   A 1 113 ? 4.859   -4.255  2.045   1.00 10.87  ? 113 ILE   A CA  1 
ATOM   857  C  C   . ILE   A 1 113 ? 6.107   -3.404  1.918   1.00 10.49  ? 113 ILE   A C   1 
ATOM   858  O  O   . ILE   A 1 113 ? 7.200   -3.950  1.670   1.00 10.67  ? 113 ILE   A O   1 
ATOM   859  C  CB  . ILE   A 1 113 ? 4.829   -5.060  3.342   1.00 12.51  ? 113 ILE   A CB  1 
ATOM   860  C  CG1 . ILE   A 1 113 ? 3.360   -5.410  3.592   1.00 14.90  ? 113 ILE   A CG1 1 
ATOM   861  C  CG2 . ILE   A 1 113 ? 5.438   -4.314  4.540   1.00 12.78  ? 113 ILE   A CG2 1 
ATOM   862  C  CD1 . ILE   A 1 113 ? 3.171   -6.383  4.723   1.00 16.86  ? 113 ILE   A CD1 1 
ATOM   863  N  N   . LEU   A 1 114 ? 5.957   -2.122  2.235   1.00 9.79   ? 114 LEU   A N   1 
ATOM   864  C  CA  . LEU   A 1 114 ? 7.078   -1.198  2.581   1.00 9.67   ? 114 LEU   A CA  1 
ATOM   865  C  C   . LEU   A 1 114 ? 7.070   -1.078  4.113   1.00 9.91   ? 114 LEU   A C   1 
ATOM   866  O  O   . LEU   A 1 114 ? 5.985   -0.790  4.682   1.00 11.04  ? 114 LEU   A O   1 
ATOM   867  C  CB  . LEU   A 1 114 ? 6.818   0.158   1.928   1.00 10.21  ? 114 LEU   A CB  1 
ATOM   868  C  CG  . LEU   A 1 114 ? 7.786   1.258   2.318   1.00 10.20  ? 114 LEU   A CG  1 
ATOM   869  C  CD1 . LEU   A 1 114 ? 9.206   1.004   1.844   1.00 10.54  ? 114 LEU   A CD1 1 
ATOM   870  C  CD2 . LEU   A 1 114 ? 7.265   2.549   1.739   1.00 11.09  ? 114 LEU   A CD2 1 
ATOM   871  N  N   . ARG   A 1 115 ? 8.211   -1.288  4.752   1.00 9.76   ? 115 ARG   A N   1 
ATOM   872  C  CA  . ARG   A 1 115 ? 8.333   -1.182  6.228   1.00 9.56   ? 115 ARG   A CA  1 
ATOM   873  C  C   . ARG   A 1 115 ? 9.539   -0.357  6.615   1.00 10.50  ? 115 ARG   A C   1 
ATOM   874  O  O   . ARG   A 1 115 ? 10.543  -0.312  5.893   1.00 10.83  ? 115 ARG   A O   1 
ATOM   875  C  CB  . ARG   A 1 115 ? 8.438   -2.554  6.863   1.00 11.20  ? 115 ARG   A CB  1 
ATOM   876  C  CG  . ARG   A 1 115 ? 9.672   -3.338  6.437   1.00 13.04  ? 115 ARG   A CG  1 
ATOM   877  C  CD  . ARG   A 1 115 ? 9.693   -4.775  6.933   1.00 16.23  ? 115 ARG   A CD  1 
ATOM   878  N  NE  . ARG   A 1 115 ? 8.802   -5.663  6.209   1.00 20.01  ? 115 ARG   A NE  1 
ATOM   879  C  CZ  . ARG   A 1 115 ? 7.775   -6.394  6.712   1.00 20.86  ? 115 ARG   A CZ  1 
ATOM   880  N  NH1 . ARG   A 1 115 ? 7.378   -6.300  7.978   1.00 24.18  ? 115 ARG   A NH1 1 
ATOM   881  N  NH2 . ARG   A 1 115 ? 7.109   -7.187  5.889   1.00 21.46  ? 115 ARG   A NH2 1 
ATOM   882  N  N   . CYS   A 1 116 ? 9.386   0.318   7.730   1.00 11.05  ? 116 CYS   A N   1 
ATOM   883  C  CA  . CYS   A 1 116 ? 10.450  1.109   8.395   1.00 12.55  ? 116 CYS   A CA  1 
ATOM   884  C  C   . CYS   A 1 116 ? 10.674  0.505   9.775   1.00 13.40  ? 116 CYS   A C   1 
ATOM   885  O  O   . CYS   A 1 116 ? 10.061  -0.498  10.149  1.00 14.23  ? 116 CYS   A O   1 
ATOM   886  C  CB  . CYS   A 1 116 ? 10.094  2.586   8.400   1.00 9.90   ? 116 CYS   A CB  1 
ATOM   887  S  SG  . CYS   A 1 116 ? 8.722   2.885   9.550   1.00 12.14  ? 116 CYS   A SG  1 
ATOM   888  N  N   . GLN   A 1 117 ? 11.554  1.132   10.544  1.00 15.26  ? 117 GLN   A N   1 
ATOM   889  C  CA  . GLN   A 1 117 ? 11.832  0.695   11.916  1.00 16.26  ? 117 GLN   A CA  1 
ATOM   890  C  C   . GLN   A 1 117 ? 10.567  0.735   12.771  1.00 16.44  ? 117 GLN   A C   1 
ATOM   891  O  O   . GLN   A 1 117 ? 10.566  0.046   13.773  1.00 20.09  ? 117 GLN   A O   1 
ATOM   892  C  CB  . GLN   A 1 117 ? 12.927  1.584   12.505  1.00 16.20  ? 117 GLN   A CB  1 
ATOM   893  C  CG  . GLN   A 1 117 ? 12.426  2.988   12.808  1.00 18.94  ? 117 GLN   A CG  1 
ATOM   894  C  CD  . GLN   A 1 117 ? 13.500  3.862   13.391  1.00 24.68  ? 117 GLN   A CD  1 
ATOM   895  O  OE1 . GLN   A 1 117 ? 14.239  4.516   12.660  1.00 29.87  ? 117 GLN   A OE1 1 
ATOM   896  N  NE2 . GLN   A 1 117 ? 13.556  3.876   14.716  1.00 26.42  ? 117 GLN   A NE2 1 
ATOM   897  N  N   . HIS   A 1 118 ? 9.519   1.464   12.409  1.00 15.59  ? 118 HIS   A N   1 
ATOM   898  C  CA  . HIS   A 1 118 ? 8.293   1.560   13.248  1.00 15.40  ? 118 HIS   A CA  1 
ATOM   899  C  C   . HIS   A 1 118 ? 7.218   0.528   12.851  1.00 17.30  ? 118 HIS   A C   1 
ATOM   900  O  O   . HIS   A 1 118 ? 6.192   0.480   13.556  1.00 19.69  ? 118 HIS   A O   1 
ATOM   901  C  CB  . HIS   A 1 118 ? 7.753   2.977   13.155  1.00 14.62  ? 118 HIS   A CB  1 
ATOM   902  C  CG  . HIS   A 1 118 ? 8.726   4.025   13.557  1.00 15.61  ? 118 HIS   A CG  1 
ATOM   903  N  ND1 . HIS   A 1 118 ? 9.404   4.797   12.660  1.00 15.10  ? 118 HIS   A ND1 1 
ATOM   904  C  CD2 . HIS   A 1 118 ? 9.117   4.449   14.788  1.00 17.44  ? 118 HIS   A CD2 1 
ATOM   905  C  CE1 . HIS   A 1 118 ? 10.240  5.603   13.306  1.00 16.15  ? 118 HIS   A CE1 1 
ATOM   906  N  NE2 . HIS   A 1 118 ? 10.050  5.407   14.582  1.00 16.48  ? 118 HIS   A NE2 1 
ATOM   907  N  N   . GLY   A 1 119 ? 7.385   -0.223  11.741  1.00 15.53  ? 119 GLY   A N   1 
ATOM   908  C  CA  . GLY   A 1 119 ? 6.377   -1.159  11.232  1.00 14.61  ? 119 GLY   A CA  1 
ATOM   909  C  C   . GLY   A 1 119 ? 6.037   -0.928  9.777   1.00 13.88  ? 119 GLY   A C   1 
ATOM   910  O  O   . GLY   A 1 119 ? 6.855   -0.365  9.031   1.00 12.99  ? 119 GLY   A O   1 
ATOM   911  N  N   . VAL   A 1 120 ? 4.796   -1.236  9.410   1.00 12.74  ? 120 VAL   A N   1 
ATOM   912  C  CA  . VAL   A 1 120 ? 4.338   -1.223  7.997   1.00 13.30  ? 120 VAL   A CA  1 
ATOM   913  C  C   . VAL   A 1 120 ? 3.986   0.194   7.608   1.00 12.28  ? 120 VAL   A C   1 
ATOM   914  O  O   . VAL   A 1 120 ? 3.203   0.898   8.337   1.00 13.31  ? 120 VAL   A O   1 
ATOM   915  C  CB  . VAL   A 1 120 ? 3.138   -2.161  7.790   1.00 13.14  ? 120 VAL   A CB  1 
ATOM   916  C  CG1 . VAL   A 1 120 ? 2.526   -1.988  6.403   1.00 12.50  ? 120 VAL   A CG1 1 
ATOM   917  C  CG2 . VAL   A 1 120 ? 3.508   -3.578  8.058   1.00 14.50  ? 120 VAL   A CG2 1 
ATOM   918  N  N   . VAL   A 1 121 ? 4.588   0.730   6.574   1.00 11.59  ? 121 VAL   A N   1 
ATOM   919  C  CA  . VAL   A 1 121 ? 4.384   2.095   6.049   1.00 12.16  ? 121 VAL   A CA  1 
ATOM   920  C  C   . VAL   A 1 121 ? 3.263   2.102   5.023   1.00 11.35  ? 121 VAL   A C   1 
ATOM   921  O  O   . VAL   A 1 121 ? 2.534   3.080   4.966   1.00 12.48  ? 121 VAL   A O   1 
ATOM   922  C  CB  . VAL   A 1 121 ? 5.710   2.611   5.463   1.00 11.97  ? 121 VAL   A CB  1 
ATOM   923  C  CG1 . VAL   A 1 121 ? 5.563   3.928   4.769   1.00 11.97  ? 121 VAL   A CG1 1 
ATOM   924  C  CG2 . VAL   A 1 121 ? 6.771   2.684   6.543   1.00 12.88  ? 121 VAL   A CG2 1 
ATOM   925  N  N   . GLY   A 1 122 ? 3.231   1.114   4.136   1.00 11.31  ? 122 GLY   A N   1 
ATOM   926  C  CA  . GLY   A 1 122 ? 2.323   1.119   3.008   1.00 11.79  ? 122 GLY   A CA  1 
ATOM   927  C  C   . GLY   A 1 122 ? 2.521   -0.093  2.151   1.00 10.84  ? 122 GLY   A C   1 
ATOM   928  O  O   . GLY   A 1 122 ? 3.241   -1.046  2.524   1.00 10.42  ? 122 GLY   A O   1 
ATOM   929  N  N   . ILE   A 1 123 ? 1.812   -0.113  1.028   1.00 10.97  ? 123 ILE   A N   1 
ATOM   930  C  CA  . ILE   A 1 123 ? 1.883   -1.261  0.089   1.00 10.17  ? 123 ILE   A CA  1 
ATOM   931  C  C   . ILE   A 1 123 ? 2.171   -0.757  -1.326  1.00 9.90   ? 123 ILE   A C   1 
ATOM   932  O  O   . ILE   A 1 123 ? 1.743   0.350   -1.697  1.00 10.10  ? 123 ILE   A O   1 
ATOM   933  C  CB  . ILE   A 1 123 ? 0.630   -2.150  0.117   1.00 11.31  ? 123 ILE   A CB  1 
ATOM   934  C  CG1 . ILE   A 1 123 ? -0.666  -1.375  -0.098  1.00 12.14  ? 123 ILE   A CG1 1 
ATOM   935  C  CG2 . ILE   A 1 123 ? 0.624   -3.022  1.347   1.00 11.75  ? 123 ILE   A CG2 1 
ATOM   936  C  CD1 . ILE   A 1 123 ? -1.873  -2.253  -0.299  1.00 12.85  ? 123 ILE   A CD1 1 
ATOM   937  N  N   . VAL   A 1 124 ? 2.895   -1.545  -2.089  1.00 10.13  ? 124 VAL   A N   1 
ATOM   938  C  CA  . VAL   A 1 124 ? 3.153   -1.220  -3.508  1.00 11.32  ? 124 VAL   A CA  1 
ATOM   939  C  C   . VAL   A 1 124 ? 1.823   -0.981  -4.211  1.00 10.60  ? 124 VAL   A C   1 
ATOM   940  O  O   . VAL   A 1 124 ? 0.877   -1.790  -4.068  1.00 10.64  ? 124 VAL   A O   1 
ATOM   941  C  CB  . VAL   A 1 124 ? 3.943   -2.327  -4.200  1.00 10.59  ? 124 VAL   A CB  1 
ATOM   942  C  CG1 . VAL   A 1 124 ? 4.053   -2.057  -5.693  1.00 10.80  ? 124 VAL   A CG1 1 
ATOM   943  C  CG2 . VAL   A 1 124 ? 5.314   -2.487  -3.578  1.00 10.34  ? 124 VAL   A CG2 1 
ATOM   944  N  N   . SER   A 1 125 ? 1.744   0.099   -4.979  1.00 11.21  ? 125 SER   A N   1 
ATOM   945  C  CA  . SER   A 1 125 ? 0.528   0.487   -5.728  1.00 12.02  ? 125 SER   A CA  1 
ATOM   946  C  C   . SER   A 1 125 ? 0.827   0.910   -7.164  1.00 12.64  ? 125 SER   A C   1 
ATOM   947  O  O   . SER   A 1 125 ? -0.063  0.787   -8.036  1.00 13.63  ? 125 SER   A O   1 
ATOM   948  C  CB  . SER   A 1 125 ? -0.177  1.582   -5.030  1.00 12.16  ? 125 SER   A CB  1 
ATOM   949  O  OG  . SER   A 1 125 ? -1.364  2.020   -5.715  1.00 14.34  ? 125 SER   A OG  1 
ATOM   950  N  N   . THR   A 1 126 ? 2.032   1.417   -7.451  1.00 13.30  ? 126 THR   A N   1 
ATOM   951  C  CA  . THR   A 1 126 ? 2.351   1.898   -8.828  1.00 13.92  ? 126 THR   A CA  1 
ATOM   952  C  C   . THR   A 1 126 ? 3.740   1.425   -9.241  1.00 14.08  ? 126 THR   A C   1 
ATOM   953  O  O   . THR   A 1 126 ? 4.559   1.023   -8.393  1.00 14.12  ? 126 THR   A O   1 
ATOM   954  C  CB  . THR   A 1 126 ? 2.216   3.425   -8.984  1.00 14.34  ? 126 THR   A CB  1 
ATOM   955  O  OG1 . THR   A 1 126 ? 3.368   4.006   -8.356  1.00 15.71  ? 126 THR   A OG1 1 
ATOM   956  C  CG2 . THR   A 1 126 ? 0.927   3.985   -8.424  1.00 14.05  ? 126 THR   A CG2 1 
ATOM   957  N  N   . GLY   A 1 127 ? 4.011   1.452   -10.549 1.00 14.61  ? 127 GLY   A N   1 
ATOM   958  C  CA  . GLY   A 1 127 ? 5.295   1.013   -11.093 1.00 16.53  ? 127 GLY   A CA  1 
ATOM   959  C  C   . GLY   A 1 127 ? 5.523   1.668   -12.442 1.00 18.31  ? 127 GLY   A C   1 
ATOM   960  O  O   . GLY   A 1 127 ? 4.711   2.488   -12.848 1.00 21.47  ? 127 GLY   A O   1 
ATOM   961  N  N   . GLY   A 1 128 ? 6.612   1.290   -13.095 1.00 21.56  ? 128 GLY   A N   1 
ATOM   962  C  CA  . GLY   A 1 128 ? 7.028   1.813   -14.417 1.00 21.39  ? 128 GLY   A CA  1 
ATOM   963  C  C   . GLY   A 1 128 ? 8.132   2.856   -14.306 1.00 23.52  ? 128 GLY   A C   1 
ATOM   964  O  O   . GLY   A 1 128 ? 8.257   3.578   -13.282 1.00 21.84  ? 128 GLY   A O   1 
ATOM   965  N  N   . ASN   A 1 129 ? 8.889   2.988   -15.393 1.00 25.55  ? 129 ASN   A N   1 
ATOM   966  C  CA  . ASN   A 1 129 ? 9.933   4.033   -15.574 1.00 27.09  ? 129 ASN   A CA  1 
ATOM   967  C  C   . ASN   A 1 129 ? 10.902  3.993   -14.399 1.00 21.79  ? 129 ASN   A C   1 
ATOM   968  O  O   . ASN   A 1 129 ? 11.379  5.097   -13.963 1.00 25.25  ? 129 ASN   A O   1 
ATOM   969  C  CB  . ASN   A 1 129 ? 9.363   5.451   -15.650 1.00 28.64  ? 129 ASN   A CB  1 
ATOM   970  C  CG  . ASN   A 1 129 ? 8.728   5.784   -16.982 1.00 36.40  ? 129 ASN   A CG  1 
ATOM   971  O  OD1 . ASN   A 1 129 ? 8.986   5.122   -17.990 1.00 38.25  ? 129 ASN   A OD1 1 
ATOM   972  N  ND2 . ASN   A 1 129 ? 7.911   6.828   -16.991 1.00 37.89  ? 129 ASN   A ND2 1 
ATOM   973  N  N   . GLY   A 1 130 ? 11.194  2.797   -13.888 1.00 20.71  ? 130 GLY   A N   1 
ATOM   974  C  CA  . GLY   A 1 130 ? 12.188  2.668   -12.817 1.00 17.08  ? 130 GLY   A CA  1 
ATOM   975  C  C   . GLY   A 1 130 ? 11.755  3.212   -11.464 1.00 14.59  ? 130 GLY   A C   1 
ATOM   976  O  O   . GLY   A 1 130 ? 12.621  3.389   -10.668 1.00 13.80  ? 130 GLY   A O   1 
ATOM   977  N  N   . LEU   A 1 131 ? 10.481  3.545   -11.250 1.00 15.88  ? 131 LEU   A N   1 
ATOM   978  C  CA  . LEU   A 1 131 ? 10.011  3.963   -9.929  1.00 14.50  ? 131 LEU   A CA  1 
ATOM   979  C  C   . LEU   A 1 131 ? 9.057   2.895   -9.404  1.00 13.84  ? 131 LEU   A C   1 
ATOM   980  O  O   . LEU   A 1 131 ? 8.401   2.190   -10.178 1.00 16.12  ? 131 LEU   A O   1 
ATOM   981  C  CB  . LEU   A 1 131 ? 9.295   5.304   -9.971  1.00 17.21  ? 131 LEU   A CB  1 
ATOM   982  C  CG  . LEU   A 1 131 ? 10.080  6.481   -10.552 1.00 18.87  ? 131 LEU   A CG  1 
ATOM   983  C  CD1 . LEU   A 1 131 ? 9.266   7.757   -10.399 1.00 22.17  ? 131 LEU   A CD1 1 
ATOM   984  C  CD2 . LEU   A 1 131 ? 11.417  6.631   -9.857  1.00 18.21  ? 131 LEU   A CD2 1 
ATOM   985  N  N   . VAL   A 1 132 ? 8.906   2.911   -8.105  1.00 13.76  ? 132 VAL   A N   1 
ATOM   986  C  CA  . VAL   A 1 132 ? 7.884   2.107   -7.383  1.00 13.21  ? 132 VAL   A CA  1 
ATOM   987  C  C   . VAL   A 1 132 ? 7.127   3.120   -6.526  1.00 13.23  ? 132 VAL   A C   1 
ATOM   988  O  O   . VAL   A 1 132 ? 7.738   3.960   -5.836  1.00 13.81  ? 132 VAL   A O   1 
ATOM   989  C  CB  . VAL   A 1 132 ? 8.538   0.978   -6.587  1.00 13.01  ? 132 VAL   A CB  1 
ATOM   990  C  CG1 . VAL   A 1 132 ? 9.621   1.425   -5.624  1.00 14.61  ? 132 VAL   A CG1 1 
ATOM   991  C  CG2 . VAL   A 1 132 ? 7.443   0.181   -5.872  1.00 13.01  ? 132 VAL   A CG2 1 
ATOM   992  N  N   . GLY   A 1 133 ? 5.798   3.089   -6.564  1.00 12.31  ? 133 GLY   A N   1 
ATOM   993  C  CA  . GLY   A 1 133 ? 4.927   3.913   -5.741  1.00 10.90  ? 133 GLY   A CA  1 
ATOM   994  C  C   . GLY   A 1 133 ? 4.238   3.064   -4.691  1.00 10.84  ? 133 GLY   A C   1 
ATOM   995  O  O   . GLY   A 1 133 ? 3.800   1.954   -5.022  1.00 12.34  ? 133 GLY   A O   1 
ATOM   996  N  N   . PHE   A 1 134 ? 4.108   3.629   -3.506  1.00 11.20  ? 134 PHE   A N   1 
ATOM   997  C  CA  . PHE   A 1 134 ? 3.511   2.958   -2.342  1.00 10.86  ? 134 PHE   A CA  1 
ATOM   998  C  C   . PHE   A 1 134 ? 2.364   3.788   -1.833  1.00 11.20  ? 134 PHE   A C   1 
ATOM   999  O  O   . PHE   A 1 134 ? 2.474   5.006   -1.684  1.00 12.65  ? 134 PHE   A O   1 
ATOM   1000 C  CB  . PHE   A 1 134 ? 4.518   2.826   -1.218  1.00 10.70  ? 134 PHE   A CB  1 
ATOM   1001 C  CG  . PHE   A 1 134 ? 5.810   2.195   -1.633  1.00 9.82   ? 134 PHE   A CG  1 
ATOM   1002 C  CD1 . PHE   A 1 134 ? 5.987   0.831   -1.638  1.00 9.84   ? 134 PHE   A CD1 1 
ATOM   1003 C  CD2 . PHE   A 1 134 ? 6.902   3.011   -1.922  1.00 10.68  ? 134 PHE   A CD2 1 
ATOM   1004 C  CE1 . PHE   A 1 134 ? 7.209   0.283   -2.014  1.00 10.56  ? 134 PHE   A CE1 1 
ATOM   1005 C  CE2 . PHE   A 1 134 ? 8.114   2.441   -2.284  1.00 10.93  ? 134 PHE   A CE2 1 
ATOM   1006 C  CZ  . PHE   A 1 134 ? 8.265   1.070   -2.314  1.00 10.65  ? 134 PHE   A CZ  1 
ATOM   1007 N  N   . ALA   A 1 135 ? 1.252   3.105   -1.613  1.00 10.75  ? 135 ALA   A N   1 
ATOM   1008 C  CA  . ALA   A 1 135 ? 0.080   3.731   -0.958  1.00 10.79  ? 135 ALA   A CA  1 
ATOM   1009 C  C   . ALA   A 1 135 ? 0.351   3.784   0.541   1.00 11.09  ? 135 ALA   A C   1 
ATOM   1010 O  O   . ALA   A 1 135 ? 0.463   2.728   1.167   1.00 11.96  ? 135 ALA   A O   1 
ATOM   1011 C  CB  . ALA   A 1 135 ? -1.157  2.934   -1.295  1.00 10.96  ? 135 ALA   A CB  1 
ATOM   1012 N  N   . ASP   A 1 136 ? 0.436   4.990   1.109   1.00 11.74  ? 136 ASP   A N   1 
ATOM   1013 C  CA  . ASP   A 1 136 ? 0.691   5.164   2.536   1.00 12.75  ? 136 ASP   A CA  1 
ATOM   1014 C  C   . ASP   A 1 136 ? -0.501  4.688   3.378   1.00 11.39  ? 136 ASP   A C   1 
ATOM   1015 O  O   . ASP   A 1 136 ? -1.700  4.823   2.890   1.00 13.88  ? 136 ASP   A O   1 
ATOM   1016 C  CB  . ASP   A 1 136 ? 0.947   6.638   2.862   1.00 13.42  ? 136 ASP   A CB  1 
ATOM   1017 C  CG  . ASP   A 1 136 ? 1.298   6.885   4.305   1.00 15.30  ? 136 ASP   A CG  1 
ATOM   1018 O  OD1 . ASP   A 1 136 ? 2.183   6.239   4.816   1.00 15.12  ? 136 ASP   A OD1 1 
ATOM   1019 O  OD2 . ASP   A 1 136 ? 0.565   7.696   4.945   1.00 17.16  ? 136 ASP   A OD2 1 
ATOM   1020 N  N   . VAL   A 1 137 ? -0.253  4.095   4.525   1.00 12.57  ? 137 VAL   A N   1 
ATOM   1021 C  CA  . VAL   A 1 137 ? -1.356  3.762   5.482   1.00 13.70  ? 137 VAL   A CA  1 
ATOM   1022 C  C   . VAL   A 1 137 ? -1.101  4.421   6.843   1.00 14.24  ? 137 VAL   A C   1 
ATOM   1023 O  O   . VAL   A 1 137 ? -1.885  4.172   7.772   1.00 15.09  ? 137 VAL   A O   1 
ATOM   1024 C  CB  . VAL   A 1 137 ? -1.552  2.253   5.625   1.00 12.65  ? 137 VAL   A CB  1 
ATOM   1025 C  CG1 . VAL   A 1 137 ? -1.956  1.646   4.287   1.00 13.34  ? 137 VAL   A CG1 1 
ATOM   1026 C  CG2 . VAL   A 1 137 ? -0.330  1.557   6.157   1.00 12.13  ? 137 VAL   A CG2 1 
ATOM   1027 N  N   . ARG   A 1 138 ? 0.014   5.143   7.008   1.00 15.05  ? 138 ARG   A N   1 
ATOM   1028 C  CA  . ARG   A 1 138 ? 0.413   5.617   8.358   1.00 14.39  ? 138 ARG   A CA  1 
ATOM   1029 C  C   . ARG   A 1 138 ? -0.521  6.723   8.865   1.00 15.83  ? 138 ARG   A C   1 
ATOM   1030 O  O   . ARG   A 1 138 ? -0.511  6.926   10.082  1.00 17.68  ? 138 ARG   A O   1 
ATOM   1031 C  CB  . ARG   A 1 138 ? 1.824   6.193   8.368   1.00 13.76  ? 138 ARG   A CB  1 
ATOM   1032 C  CG  . ARG   A 1 138 ? 2.884   5.191   7.962   1.00 12.84  ? 138 ARG   A CG  1 
ATOM   1033 C  CD  . ARG   A 1 138 ? 4.261   5.814   7.891   1.00 13.75  ? 138 ARG   A CD  1 
ATOM   1034 N  NE  . ARG   A 1 138 ? 4.307   6.657   6.756   1.00 13.63  ? 138 ARG   A NE  1 
ATOM   1035 C  CZ  . ARG   A 1 138 ? 5.351   7.303   6.323   1.00 12.35  ? 138 ARG   A CZ  1 
ATOM   1036 N  NH1 . ARG   A 1 138 ? 6.434   7.364   7.080   1.00 11.81  ? 138 ARG   A NH1 1 
ATOM   1037 N  NH2 . ARG   A 1 138 ? 5.293   7.900   5.150   1.00 12.51  ? 138 ARG   A NH2 1 
ATOM   1038 N  N   . ASP   A 1 139 ? -1.269  7.388   8.012   1.00 15.35  ? 139 ASP   A N   1 
ATOM   1039 C  CA  . ASP   A 1 139 ? -2.274  8.398   8.469   1.00 16.57  ? 139 ASP   A CA  1 
ATOM   1040 C  C   . ASP   A 1 139 ? -3.545  7.689   8.977   1.00 20.53  ? 139 ASP   A C   1 
ATOM   1041 O  O   . ASP   A 1 139 ? -4.368  8.393   9.605   1.00 21.00  ? 139 ASP   A O   1 
ATOM   1042 C  CB  . ASP   A 1 139 ? -2.607  9.398   7.381   1.00 19.08  ? 139 ASP   A CB  1 
ATOM   1043 C  CG  . ASP   A 1 139 ? -3.230  8.811   6.123   1.00 22.31  ? 139 ASP   A CG  1 
ATOM   1044 O  OD1 . ASP   A 1 139 ? -2.836  7.692   5.762   1.00 19.99  ? 139 ASP   A OD1 1 
ATOM   1045 O  OD2 . ASP   A 1 139 ? -4.073  9.474   5.514   1.00 24.01  ? 139 ASP   A OD2 1 
ATOM   1046 N  N   . LEU   A 1 140 ? -3.727  6.385   8.755   1.00 18.03  ? 140 LEU   A N   1 
ATOM   1047 C  CA  . LEU   A 1 140 ? -5.007  5.680   9.059   1.00 17.74  ? 140 LEU   A CA  1 
ATOM   1048 C  C   . LEU   A 1 140 ? -4.944  5.179   10.490  1.00 15.92  ? 140 LEU   A C   1 
ATOM   1049 O  O   . LEU   A 1 140 ? -4.760  3.996   10.793  1.00 17.53  ? 140 LEU   A O   1 
ATOM   1050 C  CB  . LEU   A 1 140 ? -5.237  4.553   8.041   1.00 16.50  ? 140 LEU   A CB  1 
ATOM   1051 C  CG  . LEU   A 1 140 ? -5.310  4.999   6.587   1.00 18.22  ? 140 LEU   A CG  1 
ATOM   1052 C  CD1 . LEU   A 1 140 ? -5.447  3.791   5.652   1.00 18.35  ? 140 LEU   A CD1 1 
ATOM   1053 C  CD2 . LEU   A 1 140 ? -6.394  6.000   6.315   1.00 18.87  ? 140 LEU   A CD2 1 
ATOM   1054 N  N   . LEU   A 1 141 ? -5.111  6.145   11.423  1.00 19.54  ? 141 LEU   A N   1 
ATOM   1055 C  CA  . LEU   A 1 141 ? -4.911  5.873   12.864  1.00 21.62  ? 141 LEU   A CA  1 
ATOM   1056 C  C   . LEU   A 1 141 ? -5.967  4.899   13.372  1.00 19.07  ? 141 LEU   A C   1 
ATOM   1057 O  O   . LEU   A 1 141 ? -5.672  4.041   14.173  1.00 21.45  ? 141 LEU   A O   1 
ATOM   1058 C  CB  . LEU   A 1 141 ? -4.965  7.187   13.653  1.00 23.10  ? 141 LEU   A CB  1 
ATOM   1059 C  CG  . LEU   A 1 141 ? -4.042  8.304   13.166  1.00 24.27  ? 141 LEU   A CG  1 
ATOM   1060 C  CD1 . LEU   A 1 141 ? -4.079  9.463   14.137  1.00 27.10  ? 141 LEU   A CD1 1 
ATOM   1061 C  CD2 . LEU   A 1 141 ? -2.607  7.820   13.011  1.00 25.45  ? 141 LEU   A CD2 1 
ATOM   1062 N  N   . TRP   A 1 142 ? -7.144  4.951   12.741  1.00 20.54  ? 142 TRP   A N   1 
ATOM   1063 C  CA  . TRP   A 1 142 ? -8.288  4.100   13.118  1.00 20.93  ? 142 TRP   A CA  1 
ATOM   1064 C  C   . TRP   A 1 142 ? -7.958  2.635   12.873  1.00 20.03  ? 142 TRP   A C   1 
ATOM   1065 O  O   . TRP   A 1 142 ? -8.626  1.782   13.453  1.00 23.94  ? 142 TRP   A O   1 
ATOM   1066 C  CB  . TRP   A 1 142 ? -9.547  4.559   12.386  1.00 19.84  ? 142 TRP   A CB  1 
ATOM   1067 C  CG  . TRP   A 1 142 ? -9.458  4.556   10.889  1.00 18.73  ? 142 TRP   A CG  1 
ATOM   1068 C  CD1 . TRP   A 1 142 ? -9.287  5.654   10.103  1.00 19.58  ? 142 TRP   A CD1 1 
ATOM   1069 C  CD2 . TRP   A 1 142 ? -9.605  3.426   10.010  1.00 21.04  ? 142 TRP   A CD2 1 
ATOM   1070 N  NE1 . TRP   A 1 142 ? -9.302  5.295   8.781   1.00 20.75  ? 142 TRP   A NE1 1 
ATOM   1071 C  CE2 . TRP   A 1 142 ? -9.500  3.940   8.712   1.00 19.98  ? 142 TRP   A CE2 1 
ATOM   1072 C  CE3 . TRP   A 1 142 ? -9.843  2.064   10.211  1.00 20.15  ? 142 TRP   A CE3 1 
ATOM   1073 C  CZ2 . TRP   A 1 142 ? -9.633  3.093   7.602   1.00 20.69  ? 142 TRP   A CZ2 1 
ATOM   1074 C  CZ3 . TRP   A 1 142 ? -9.939  1.225   9.108   1.00 21.95  ? 142 TRP   A CZ3 1 
ATOM   1075 C  CH2 . TRP   A 1 142 ? -9.810  1.746   7.829   1.00 18.82  ? 142 TRP   A CH2 1 
ATOM   1076 N  N   . LEU   A 1 143 ? -6.963  2.304   12.020  1.00 20.16  ? 143 LEU   A N   1 
ATOM   1077 C  CA  . LEU   A 1 143 ? -6.544  0.901   11.839  1.00 21.33  ? 143 LEU   A CA  1 
ATOM   1078 C  C   . LEU   A 1 143 ? -6.084  0.288   13.169  1.00 26.01  ? 143 LEU   A C   1 
ATOM   1079 O  O   . LEU   A 1 143 ? -6.073  -0.937  13.261  1.00 25.71  ? 143 LEU   A O   1 
ATOM   1080 C  CB  . LEU   A 1 143 ? -5.398  0.794   10.835  1.00 20.13  ? 143 LEU   A CB  1 
ATOM   1081 C  CG  . LEU   A 1 143 ? -5.715  0.903   9.350   1.00 18.87  ? 143 LEU   A CG  1 
ATOM   1082 C  CD1 . LEU   A 1 143 ? -4.411  0.978   8.569   1.00 19.53  ? 143 LEU   A CD1 1 
ATOM   1083 C  CD2 . LEU   A 1 143 ? -6.531  -0.292  8.862   1.00 20.35  ? 143 LEU   A CD2 1 
ATOM   1084 N  N   . ASP   A 1 144 ? -5.644  1.113   14.132  1.00 31.49  ? 144 ASP   A N   1 
ATOM   1085 C  CA  . ASP   A 1 144 ? -5.025  0.643   15.403  1.00 37.29  ? 144 ASP   A CA  1 
ATOM   1086 C  C   . ASP   A 1 144 ? -6.062  0.356   16.491  1.00 40.56  ? 144 ASP   A C   1 
ATOM   1087 O  O   . ASP   A 1 144 ? -5.662  -0.249  17.495  1.00 45.90  ? 144 ASP   A O   1 
ATOM   1088 C  CB  . ASP   A 1 144 ? -4.068  1.690   15.976  1.00 39.21  ? 144 ASP   A CB  1 
ATOM   1089 C  CG  . ASP   A 1 144 ? -2.742  1.775   15.246  1.00 39.84  ? 144 ASP   A CG  1 
ATOM   1090 O  OD1 . ASP   A 1 144 ? -2.307  0.739   14.698  1.00 43.39  ? 144 ASP   A OD1 1 
ATOM   1091 O  OD2 . ASP   A 1 144 ? -2.162  2.897   15.227  1.00 39.17  ? 144 ASP   A OD2 1 
ATOM   1092 N  N   . GLU   A 1 145 ? -7.327  0.756   16.315  1.00 46.23  ? 145 GLU   A N   1 
ATOM   1093 C  CA  . GLU   A 1 145 ? -8.363  0.693   17.391  1.00 54.89  ? 145 GLU   A CA  1 
ATOM   1094 C  C   . GLU   A 1 145 ? -9.671  0.076   16.865  1.00 60.44  ? 145 GLU   A C   1 
ATOM   1095 O  O   . GLU   A 1 145 ? -9.734  -0.276  15.665  1.00 57.68  ? 145 GLU   A O   1 
ATOM   1096 C  CB  . GLU   A 1 145 ? -8.573  2.099   17.961  1.00 56.01  ? 145 GLU   A CB  1 
ATOM   1097 C  CG  . GLU   A 1 145 ? -9.061  3.115   16.939  1.00 55.02  ? 145 GLU   A CG  1 
ATOM   1098 C  CD  . GLU   A 1 145 ? -8.739  4.570   17.257  1.00 57.87  ? 145 GLU   A CD  1 
ATOM   1099 O  OE1 . GLU   A 1 145 ? -8.834  5.416   16.337  1.00 55.48  ? 145 GLU   A OE1 1 
ATOM   1100 O  OE2 . GLU   A 1 145 ? -8.402  4.867   18.424  1.00 61.72  ? 145 GLU   A OE2 1 
ATOM   1101 N  N   . GLU   A 1 146 ? -10.669 -0.073  17.747  1.00 68.70  ? 146 GLU   A N   1 
ATOM   1102 C  CA  . GLU   A 1 146 ? -12.059 -0.497  17.412  1.00 69.86  ? 146 GLU   A CA  1 
ATOM   1103 C  C   . GLU   A 1 146 ? -12.023 -1.512  16.261  1.00 74.72  ? 146 GLU   A C   1 
ATOM   1104 O  O   . GLU   A 1 146 ? -12.225 -2.711  16.452  1.00 78.58  ? 146 GLU   A O   1 
ATOM   1105 C  CB  . GLU   A 1 146 ? -12.899 0.747   17.101  1.00 72.13  ? 146 GLU   A CB  1 
ATOM   1106 C  CG  . GLU   A 1 146 ? -13.824 0.625   15.898  1.00 75.47  ? 146 GLU   A CG  1 
ATOM   1107 C  CD  . GLU   A 1 146 ? -14.992 -0.341  16.035  1.00 80.55  ? 146 GLU   A CD  1 
ATOM   1108 O  OE1 . GLU   A 1 146 ? -15.808 -0.408  15.090  1.00 76.88  ? 146 GLU   A OE1 1 
ATOM   1109 O  OE2 . GLU   A 1 146 ? -15.086 -1.023  17.076  1.00 82.02  ? 146 GLU   A OE2 1 
HETATM 1110 N  N1  . A1AM7 B 2 .   ? 13.748  -16.387 -8.922  0.30 13.64  ? 201 A1AM7 A N1  1 
HETATM 1111 C  C4  . A1AM7 B 2 .   ? 14.745  -16.044 -6.760  0.30 14.51  ? 201 A1AM7 A C4  1 
HETATM 1112 C  C5  . A1AM7 B 2 .   ? 14.108  -17.198 -6.207  0.30 14.83  ? 201 A1AM7 A C5  1 
HETATM 1113 N  N   . A1AM7 B 2 .   ? 13.319  -17.879 -7.122  0.30 14.63  ? 201 A1AM7 A N   1 
HETATM 1114 C  C   . A1AM7 B 2 .   ? 11.315  -18.912 -6.078  0.30 14.77  ? 201 A1AM7 A C   1 
HETATM 1115 O  O   . A1AM7 B 2 .   ? 10.551  -17.974 -6.821  0.30 14.88  ? 201 A1AM7 A O   1 
HETATM 1116 C  C1  . A1AM7 B 2 .   ? 12.683  -19.136 -6.692  0.30 14.74  ? 201 A1AM7 A C1  1 
HETATM 1117 C  C2  . A1AM7 B 2 .   ? 13.184  -17.439 -8.410  0.30 14.32  ? 201 A1AM7 A C2  1 
HETATM 1118 C  C3  . A1AM7 B 2 .   ? 14.546  -15.692 -8.050  0.30 14.42  ? 201 A1AM7 A C3  1 
HETATM 1119 O  O1  . A1AM7 B 2 .   ? 14.200  -17.593 -5.045  0.30 15.32  ? 201 A1AM7 A O1  1 
HETATM 1120 ZN ZN  . ZN    C 3 .   ? 9.098   4.872   10.584  1.00 13.28  ? 202 ZN    A ZN  1 
HETATM 1121 S  S   . DMS   D 4 .   ? 7.132   -3.800  13.974  1.00 37.39  ? 203 DMS   A S   1 
HETATM 1122 O  O   . DMS   D 4 .   ? 7.332   -4.985  14.909  1.00 47.52  ? 203 DMS   A O   1 
HETATM 1123 C  C1  . DMS   D 4 .   ? 8.737   -3.025  13.883  1.00 33.40  ? 203 DMS   A C1  1 
HETATM 1124 C  C2  . DMS   D 4 .   ? 7.074   -4.547  12.380  1.00 31.34  ? 203 DMS   A C2  1 
HETATM 1125 S  S   . DMS   E 4 .   ? -12.076 8.535   -3.457  1.00 33.88  ? 204 DMS   A S   1 
HETATM 1126 O  O   . DMS   E 4 .   ? -11.411 8.297   -4.777  1.00 27.79  ? 204 DMS   A O   1 
HETATM 1127 C  C1  . DMS   E 4 .   ? -11.636 10.203  -2.993  1.00 36.14  ? 204 DMS   A C1  1 
HETATM 1128 C  C2  . DMS   E 4 .   ? -13.813 8.824   -3.797  1.00 34.85  ? 204 DMS   A C2  1 
HETATM 1129 S  S   . DMS   F 4 .   ? 6.794   -12.998 0.771   1.00 71.77  ? 205 DMS   A S   1 
HETATM 1130 O  O   . DMS   F 4 .   ? 8.140   -13.621 0.517   1.00 66.28  ? 205 DMS   A O   1 
HETATM 1131 C  C1  . DMS   F 4 .   ? 6.251   -13.623 2.348   1.00 74.47  ? 205 DMS   A C1  1 
HETATM 1132 C  C2  . DMS   F 4 .   ? 7.105   -11.329 1.280   1.00 66.35  ? 205 DMS   A C2  1 
HETATM 1133 S  S   . DMS   G 4 .   ? 17.455  1.034   -8.072  1.00 41.61  ? 206 DMS   A S   1 
HETATM 1134 O  O   . DMS   G 4 .   ? 16.394  0.636   -9.056  1.00 37.34  ? 206 DMS   A O   1 
HETATM 1135 C  C1  . DMS   G 4 .   ? 18.085  -0.457  -7.361  1.00 39.63  ? 206 DMS   A C1  1 
HETATM 1136 C  C2  . DMS   G 4 .   ? 18.879  1.454   -9.041  1.00 39.71  ? 206 DMS   A C2  1 
HETATM 1137 S  S   . DMS   H 4 .   ? -7.924  -0.477  -16.274 1.00 46.51  ? 207 DMS   A S   1 
HETATM 1138 O  O   . DMS   H 4 .   ? -9.118  0.323   -15.808 1.00 61.38  ? 207 DMS   A O   1 
HETATM 1139 C  C1  . DMS   H 4 .   ? -8.501  -1.477  -17.630 1.00 50.68  ? 207 DMS   A C1  1 
HETATM 1140 C  C2  . DMS   H 4 .   ? -6.964  0.648   -17.234 1.00 50.52  ? 207 DMS   A C2  1 
HETATM 1141 S  S   . SO4   I 5 .   ? -2.543  16.411  -16.036 1.00 141.18 ? 208 SO4   A S   1 
HETATM 1142 O  O1  . SO4   I 5 .   ? -2.697  17.407  -15.008 1.00 139.96 ? 208 SO4   A O1  1 
HETATM 1143 O  O2  . SO4   I 5 .   ? -3.693  15.547  -16.049 1.00 140.83 ? 208 SO4   A O2  1 
HETATM 1144 O  O3  . SO4   I 5 .   ? -1.365  15.629  -15.773 1.00 139.68 ? 208 SO4   A O3  1 
HETATM 1145 O  O4  . SO4   I 5 .   ? -2.415  17.062  -17.312 1.00 119.46 ? 208 SO4   A O4  1 
HETATM 1146 O  O   . HOH   J 6 .   ? -13.163 -11.754 14.307  1.00 73.17  ? 301 HOH   A O   1 
HETATM 1147 O  O   . HOH   J 6 .   ? 5.394   -9.236  -13.010 1.00 35.87  ? 302 HOH   A O   1 
HETATM 1148 O  O   . HOH   J 6 .   ? -12.938 -5.686  11.550  1.00 41.54  ? 303 HOH   A O   1 
HETATM 1149 O  O   . HOH   J 6 .   ? 3.307   14.275  2.610   1.00 48.71  ? 304 HOH   A O   1 
HETATM 1150 O  O   . HOH   J 6 .   ? 10.147  -14.130 -2.198  1.00 47.72  ? 305 HOH   A O   1 
HETATM 1151 O  O   . HOH   J 6 .   ? -1.592  19.062  -13.015 1.00 62.81  ? 306 HOH   A O   1 
HETATM 1152 O  O   . HOH   J 6 .   ? 4.291   4.784   -13.330 1.00 21.12  ? 307 HOH   A O   1 
HETATM 1153 O  O   . HOH   J 6 .   ? -9.007  -4.773  14.421  1.00 33.39  ? 308 HOH   A O   1 
HETATM 1154 O  O   . HOH   J 6 .   ? -13.065 1.059   11.994  1.00 47.26  ? 309 HOH   A O   1 
HETATM 1155 O  O   . HOH   J 6 .   ? 6.029   15.027  -1.223  1.00 38.24  ? 310 HOH   A O   1 
HETATM 1156 O  O   . HOH   J 6 .   ? -11.006 1.505   14.477  1.00 35.35  ? 311 HOH   A O   1 
HETATM 1157 O  O   . HOH   J 6 .   ? 6.556   -13.563 -3.888  1.00 25.83  ? 312 HOH   A O   1 
HETATM 1158 O  O   . HOH   J 6 .   ? -11.366 -9.722  4.985   1.00 35.37  ? 313 HOH   A O   1 
HETATM 1159 O  O   . HOH   J 6 .   ? 4.475   -14.699 -7.867  1.00 38.71  ? 314 HOH   A O   1 
HETATM 1160 O  O   . HOH   J 6 .   ? -11.511 -11.058 2.199   1.00 29.89  ? 315 HOH   A O   1 
HETATM 1161 O  O   . HOH   J 6 .   ? -17.176 3.980   0.176   1.00 25.24  ? 316 HOH   A O   1 
HETATM 1162 O  O   . HOH   J 6 .   ? -1.733  -6.679  14.255  1.00 25.69  ? 317 HOH   A O   1 
HETATM 1163 O  O   . HOH   J 6 .   ? 0.466   -10.587 9.945   1.00 24.55  ? 318 HOH   A O   1 
HETATM 1164 O  O   . HOH   J 6 .   ? 15.404  -16.432 -3.096  0.30 20.15  ? 319 HOH   A O   1 
HETATM 1165 O  O   . HOH   J 6 .   ? -7.595  10.255  -10.199 1.00 35.29  ? 320 HOH   A O   1 
HETATM 1166 O  O   . HOH   J 6 .   ? -8.893  -6.253  16.671  1.00 47.98  ? 321 HOH   A O   1 
HETATM 1167 O  O   . HOH   J 6 .   ? -4.975  -3.707  -19.049 1.00 51.08  ? 322 HOH   A O   1 
HETATM 1168 O  O   . HOH   J 6 .   ? -0.873  9.641   3.963   1.00 20.35  ? 323 HOH   A O   1 
HETATM 1169 O  O   . HOH   J 6 .   ? -0.328  6.954   -19.712 1.00 29.82  ? 324 HOH   A O   1 
HETATM 1170 O  O   . HOH   J 6 .   ? -3.288  -5.929  -2.599  1.00 13.79  ? 325 HOH   A O   1 
HETATM 1171 O  O   . HOH   J 6 .   ? 12.038  11.406  7.927   1.00 42.29  ? 326 HOH   A O   1 
HETATM 1172 O  O   . HOH   J 6 .   ? 0.775   -9.088  5.897   1.00 25.37  ? 327 HOH   A O   1 
HETATM 1173 O  O   . HOH   J 6 .   ? 5.193   11.582  -2.922  1.00 22.54  ? 328 HOH   A O   1 
HETATM 1174 O  O   . HOH   J 6 .   ? -9.815  7.114   6.958   1.00 31.14  ? 329 HOH   A O   1 
HETATM 1175 O  O   . HOH   J 6 .   ? -3.475  12.024  5.750   1.00 34.12  ? 330 HOH   A O   1 
HETATM 1176 O  O   . HOH   J 6 .   ? 1.768   3.530   -19.532 1.00 41.55  ? 331 HOH   A O   1 
HETATM 1177 O  O   . HOH   J 6 .   ? 5.728   11.592  6.108   1.00 22.28  ? 332 HOH   A O   1 
HETATM 1178 O  O   . HOH   J 6 .   ? 17.990  -7.398  -7.969  1.00 24.38  ? 333 HOH   A O   1 
HETATM 1179 O  O   . HOH   J 6 .   ? -13.648 5.444   -3.893  1.00 22.83  ? 334 HOH   A O   1 
HETATM 1180 O  O   . HOH   J 6 .   ? -11.239 3.088   -9.354  1.00 31.53  ? 335 HOH   A O   1 
HETATM 1181 O  O   . HOH   J 6 .   ? -12.015 -3.957  14.121  1.00 47.45  ? 336 HOH   A O   1 
HETATM 1182 O  O   . HOH   J 6 .   ? -10.987 -6.080  -7.676  1.00 31.62  ? 337 HOH   A O   1 
HETATM 1183 O  O   . HOH   J 6 .   ? -2.694  -12.371 2.155   1.00 33.55  ? 338 HOH   A O   1 
HETATM 1184 O  O   . HOH   J 6 .   ? -0.603  -1.301  14.481  1.00 26.26  ? 339 HOH   A O   1 
HETATM 1185 O  O   . HOH   J 6 .   ? -19.794 -2.725  4.785   1.00 30.63  ? 340 HOH   A O   1 
HETATM 1186 O  O   . HOH   J 6 .   ? 4.055   10.180  7.597   1.00 17.93  ? 341 HOH   A O   1 
HETATM 1187 O  O   . HOH   J 6 .   ? 12.195  -2.043  14.212  1.00 30.92  ? 342 HOH   A O   1 
HETATM 1188 O  O   . HOH   J 6 .   ? -8.051  8.834   -15.771 1.00 34.32  ? 343 HOH   A O   1 
HETATM 1189 O  O   . HOH   J 6 .   ? 17.143  -0.519  -3.517  1.00 24.01  ? 344 HOH   A O   1 
HETATM 1190 O  O   . HOH   J 6 .   ? 3.739   -6.765  14.136  1.00 28.01  ? 345 HOH   A O   1 
HETATM 1191 O  O   . HOH   J 6 .   ? -8.038  7.864   15.526  1.00 38.27  ? 346 HOH   A O   1 
HETATM 1192 O  O   . HOH   J 6 .   ? 15.121  -4.547  -13.077 1.00 33.05  ? 347 HOH   A O   1 
HETATM 1193 O  O   . HOH   J 6 .   ? -8.635  -2.269  -12.058 1.00 22.37  ? 348 HOH   A O   1 
HETATM 1194 O  O   . HOH   J 6 .   ? 15.795  -11.609 -8.547  1.00 27.00  ? 349 HOH   A O   1 
HETATM 1195 O  O   . HOH   J 6 .   ? -4.829  1.112   -18.902 1.00 39.13  ? 350 HOH   A O   1 
HETATM 1196 O  O   . HOH   J 6 .   ? -7.061  -10.465 -5.112  1.00 34.98  ? 351 HOH   A O   1 
HETATM 1197 O  O   . HOH   J 6 .   ? -17.205 1.482   7.961   1.00 29.66  ? 352 HOH   A O   1 
HETATM 1198 O  O   . HOH   J 6 .   ? -6.699  -9.575  -3.118  1.00 31.25  ? 353 HOH   A O   1 
HETATM 1199 O  O   . HOH   J 6 .   ? 14.611  6.082   -3.998  1.00 12.98  ? 354 HOH   A O   1 
HETATM 1200 O  O   . HOH   J 6 .   ? -2.003  -5.348  -9.652  1.00 19.75  ? 355 HOH   A O   1 
HETATM 1201 O  O   . HOH   J 6 .   ? -18.762 -7.995  -5.167  1.00 21.77  ? 356 HOH   A O   1 
HETATM 1202 O  O   . HOH   J 6 .   ? -9.198  -14.095 9.565   1.00 39.62  ? 357 HOH   A O   1 
HETATM 1203 O  O   . HOH   J 6 .   ? -10.029 0.109   -7.731  1.00 18.00  ? 358 HOH   A O   1 
HETATM 1204 O  O   . HOH   J 6 .   ? 16.795  2.757   -4.901  1.00 21.16  ? 359 HOH   A O   1 
HETATM 1205 O  O   . HOH   J 6 .   ? 5.689   -7.075  -4.291  1.00 11.74  ? 360 HOH   A O   1 
HETATM 1206 O  O   . HOH   J 6 .   ? -8.408  10.777  -0.839  1.00 45.71  ? 361 HOH   A O   1 
HETATM 1207 O  O   . HOH   J 6 .   ? 10.264  -11.328 -13.008 1.00 17.24  ? 362 HOH   A O   1 
HETATM 1208 O  O   . HOH   J 6 .   ? -6.403  10.243  6.761   1.00 34.48  ? 363 HOH   A O   1 
HETATM 1209 O  O   . HOH   J 6 .   ? -2.702  5.593   0.442   1.00 14.62  ? 364 HOH   A O   1 
HETATM 1210 O  O   . HOH   J 6 .   ? 14.985  2.046   -11.121 1.00 20.92  ? 365 HOH   A O   1 
HETATM 1211 O  O   . HOH   J 6 .   ? -20.170 -4.627  2.463   1.00 23.60  ? 366 HOH   A O   1 
HETATM 1212 O  O   . HOH   J 6 .   ? -1.998  5.754   -2.568  1.00 18.41  ? 367 HOH   A O   1 
HETATM 1213 O  O   . HOH   J 6 .   ? 8.960   10.117  12.619  1.00 19.99  ? 368 HOH   A O   1 
HETATM 1214 O  O   . HOH   J 6 .   ? 6.150   8.243   -15.392 1.00 31.87  ? 369 HOH   A O   1 
HETATM 1215 O  O   . HOH   J 6 .   ? 1.633   9.547   6.712   1.00 16.43  ? 370 HOH   A O   1 
HETATM 1216 O  O   . HOH   J 6 .   ? -6.920  10.139  -17.827 1.00 60.36  ? 371 HOH   A O   1 
HETATM 1217 O  O   . HOH   J 6 .   ? -2.877  -9.171  16.561  1.00 52.43  ? 372 HOH   A O   1 
HETATM 1218 O  O   . HOH   J 6 .   ? -11.002 6.685   15.159  1.00 37.66  ? 373 HOH   A O   1 
HETATM 1219 O  O   . HOH   J 6 .   ? -13.831 -7.585  -6.694  1.00 23.71  ? 374 HOH   A O   1 
HETATM 1220 O  O   . HOH   J 6 .   ? 17.789  -10.137 -9.057  1.00 23.50  ? 375 HOH   A O   1 
HETATM 1221 O  O   . HOH   J 6 .   ? 7.212   9.852   4.635   1.00 17.46  ? 376 HOH   A O   1 
HETATM 1222 O  O   . HOH   J 6 .   ? 15.617  -9.947  -0.110  1.00 22.21  ? 377 HOH   A O   1 
HETATM 1223 O  O   . HOH   J 6 .   ? 2.037   3.633   -14.189 1.00 26.05  ? 378 HOH   A O   1 
HETATM 1224 O  O   . HOH   J 6 .   ? 11.429  7.332   16.066  1.00 36.59  ? 379 HOH   A O   1 
HETATM 1225 O  O   . HOH   J 6 .   ? -0.068  16.425  -2.427  1.00 36.63  ? 380 HOH   A O   1 
HETATM 1226 O  O   . HOH   J 6 .   ? -2.340  4.569   -13.295 1.00 20.29  ? 381 HOH   A O   1 
HETATM 1227 O  O   . HOH   J 6 .   ? 4.072   -9.049  -3.102  1.00 17.98  ? 382 HOH   A O   1 
HETATM 1228 O  O   . HOH   J 6 .   ? -12.137 -3.925  -6.549  1.00 25.98  ? 383 HOH   A O   1 
HETATM 1229 O  O   . HOH   J 6 .   ? -5.812  -8.808  10.332  1.00 26.54  ? 384 HOH   A O   1 
HETATM 1230 O  O   . HOH   J 6 .   ? -10.659 -12.321 0.050   1.00 27.23  ? 385 HOH   A O   1 
HETATM 1231 O  O   . HOH   J 6 .   ? -14.328 -13.307 -2.640  1.00 23.36  ? 386 HOH   A O   1 
HETATM 1232 O  O   . HOH   J 6 .   ? 11.500  -7.477  -15.111 1.00 20.69  ? 387 HOH   A O   1 
HETATM 1233 O  O   . HOH   J 6 .   ? 9.413   0.102   -11.755 1.00 19.80  ? 388 HOH   A O   1 
HETATM 1234 O  O   . HOH   J 6 .   ? -21.105 -5.797  4.840   0.50 30.77  ? 389 HOH   A O   1 
HETATM 1235 O  O   . HOH   J 6 .   ? -7.011  -14.029 16.297  1.00 32.46  ? 390 HOH   A O   1 
HETATM 1236 O  O   . HOH   J 6 .   ? 14.892  -0.576  -11.099 1.00 31.22  ? 391 HOH   A O   1 
HETATM 1237 O  O   . HOH   J 6 .   ? -1.148  -9.433  -8.037  1.00 23.88  ? 392 HOH   A O   1 
HETATM 1238 O  O   . HOH   J 6 .   ? -2.117  2.498   -8.915  1.00 17.13  ? 393 HOH   A O   1 
HETATM 1239 O  O   . HOH   J 6 .   ? 4.076   8.583   -11.212 1.00 26.38  ? 394 HOH   A O   1 
HETATM 1240 O  O   . HOH   J 6 .   ? 1.071   -1.869  -16.222 1.00 33.79  ? 395 HOH   A O   1 
HETATM 1241 O  O   . HOH   J 6 .   ? -5.863  -11.656 10.015  1.00 29.60  ? 396 HOH   A O   1 
HETATM 1242 O  O   . HOH   J 6 .   ? 4.640   -5.145  11.483  1.00 27.29  ? 397 HOH   A O   1 
HETATM 1243 O  O   . HOH   J 6 .   ? 4.696   10.889  -15.942 1.00 27.54  ? 398 HOH   A O   1 
HETATM 1244 O  O   . HOH   J 6 .   ? 11.875  -2.608  9.591   1.00 30.45  ? 399 HOH   A O   1 
HETATM 1245 O  O   . HOH   J 6 .   ? 2.600   -8.166  -13.267 1.00 24.72  ? 400 HOH   A O   1 
HETATM 1246 O  O   . HOH   J 6 .   ? 7.993   -1.801  -14.457 1.00 35.04  ? 401 HOH   A O   1 
HETATM 1247 O  O   . HOH   J 6 .   ? -7.997  9.648   2.999   1.00 33.45  ? 402 HOH   A O   1 
HETATM 1248 O  O   . HOH   J 6 .   ? 8.244   1.306   -17.600 1.00 32.62  ? 403 HOH   A O   1 
HETATM 1249 O  O   . HOH   J 6 .   ? -21.206 -10.091 4.223   1.00 27.06  ? 404 HOH   A O   1 
HETATM 1250 O  O   . HOH   J 6 .   ? -3.998  -11.029 18.866  1.00 52.77  ? 405 HOH   A O   1 
HETATM 1251 O  O   . HOH   J 6 .   ? 11.450  15.630  2.783   1.00 37.95  ? 406 HOH   A O   1 
HETATM 1252 O  O   . HOH   J 6 .   ? 9.003   -5.417  3.370   1.00 20.30  ? 407 HOH   A O   1 
HETATM 1253 O  O   . HOH   J 6 .   ? 16.435  1.971   3.521   1.00 29.59  ? 408 HOH   A O   1 
HETATM 1254 O  O   . HOH   J 6 .   ? 3.021   -1.726  -9.935  1.00 21.83  ? 409 HOH   A O   1 
HETATM 1255 O  O   . HOH   J 6 .   ? -1.926  13.124  -0.850  1.00 23.45  ? 410 HOH   A O   1 
HETATM 1256 O  O   . HOH   J 6 .   ? 18.312  -5.906  -1.704  1.00 24.20  ? 411 HOH   A O   1 
HETATM 1257 O  O   . HOH   J 6 .   ? 12.594  -1.226  -13.106 1.00 36.37  ? 412 HOH   A O   1 
HETATM 1258 O  O   . HOH   J 6 .   ? -6.962  11.838  -12.381 1.00 32.36  ? 413 HOH   A O   1 
HETATM 1259 O  O   . HOH   J 6 .   ? 2.651   -10.984 -6.055  1.00 33.69  ? 414 HOH   A O   1 
HETATM 1260 O  O   . HOH   J 6 .   ? 6.696   -0.115  16.323  1.00 30.75  ? 415 HOH   A O   1 
HETATM 1261 O  O   . HOH   J 6 .   ? -16.592 3.344   -4.619  1.00 23.87  ? 416 HOH   A O   1 
HETATM 1262 O  O   . HOH   J 6 .   ? 8.948   14.242  0.418   1.00 22.33  ? 417 HOH   A O   1 
HETATM 1263 O  O   . HOH   J 6 .   ? 4.403   5.693   -10.453 1.00 30.80  ? 418 HOH   A O   1 
HETATM 1264 O  O   . HOH   J 6 .   ? -3.045  -6.403  -11.751 1.00 32.72  ? 419 HOH   A O   1 
HETATM 1265 O  O   . HOH   J 6 .   ? 14.948  -0.253  -5.312  1.00 17.59  ? 420 HOH   A O   1 
HETATM 1266 O  O   . HOH   J 6 .   ? -7.815  -2.391  15.236  1.00 44.10  ? 421 HOH   A O   1 
HETATM 1267 O  O   . HOH   J 6 .   ? -0.238  -12.566 -1.828  1.00 39.77  ? 422 HOH   A O   1 
HETATM 1268 O  O   . HOH   J 6 .   ? 1.966   -8.031  1.810   1.00 20.53  ? 423 HOH   A O   1 
HETATM 1269 O  O   . HOH   J 6 .   ? -2.882  5.323   -10.797 1.00 25.43  ? 424 HOH   A O   1 
HETATM 1270 O  O   . HOH   J 6 .   ? -5.952  -5.277  -14.854 1.00 41.41  ? 425 HOH   A O   1 
HETATM 1271 O  O   . HOH   J 6 .   ? -4.451  -7.207  17.268  1.00 38.30  ? 426 HOH   A O   1 
HETATM 1272 O  O   . HOH   J 6 .   ? 13.734  8.565   7.389   1.00 25.50  ? 427 HOH   A O   1 
HETATM 1273 O  O   . HOH   J 6 .   ? 4.943   -8.908  6.810   1.00 24.79  ? 428 HOH   A O   1 
HETATM 1274 O  O   . HOH   J 6 .   ? -6.998  -5.500  -11.083 1.00 43.79  ? 429 HOH   A O   1 
HETATM 1275 O  O   . HOH   J 6 .   ? 4.315   11.103  -13.435 1.00 33.66  ? 430 HOH   A O   1 
HETATM 1276 O  O   . HOH   J 6 .   ? 6.465   5.641   -12.252 1.00 28.98  ? 431 HOH   A O   1 
HETATM 1277 O  O   . HOH   J 6 .   ? 9.236   -9.842  -15.102 1.00 21.21  ? 432 HOH   A O   1 
HETATM 1278 O  O   . HOH   J 6 .   ? 10.359  0.011   -14.200 1.00 26.37  ? 433 HOH   A O   1 
HETATM 1279 O  O   . HOH   J 6 .   ? 19.003  2.045   -1.372  1.00 30.90  ? 434 HOH   A O   1 
HETATM 1280 O  O   . HOH   J 6 .   ? 9.467   12.801  13.182  1.00 27.91  ? 435 HOH   A O   1 
HETATM 1281 O  O   . HOH   J 6 .   ? -14.722 -3.863  11.078  1.00 53.43  ? 436 HOH   A O   1 
HETATM 1282 O  O   . HOH   J 6 .   ? -11.046 7.271   -9.603  1.00 34.18  ? 437 HOH   A O   1 
HETATM 1283 O  O   . HOH   J 6 .   ? 14.236  -2.407  -6.937  1.00 15.22  ? 438 HOH   A O   1 
HETATM 1284 O  O   . HOH   J 6 .   ? 16.383  4.434   -2.763  1.00 18.46  ? 439 HOH   A O   1 
HETATM 1285 O  O   . HOH   J 6 .   ? 15.794  -5.117  -10.611 1.00 30.86  ? 440 HOH   A O   1 
HETATM 1286 O  O   . HOH   J 6 .   ? 5.225   -8.056  1.479   1.00 18.43  ? 441 HOH   A O   1 
HETATM 1287 O  O   . HOH   J 6 .   ? -14.337 6.686   -1.483  1.00 50.08  ? 442 HOH   A O   1 
HETATM 1288 O  O   . HOH   J 6 .   ? 15.664  -13.970 -4.086  1.00 38.68  ? 443 HOH   A O   1 
HETATM 1289 O  O   . HOH   J 6 .   ? -5.129  6.588   -19.742 1.00 26.14  ? 444 HOH   A O   1 
HETATM 1290 O  O   . HOH   J 6 .   ? 7.572   -19.205 -6.356  1.00 35.69  ? 445 HOH   A O   1 
HETATM 1291 O  O   . HOH   J 6 .   ? -1.384  2.349   -11.731 1.00 19.45  ? 446 HOH   A O   1 
HETATM 1292 O  O   . HOH   J 6 .   ? 5.392   -7.838  9.583   1.00 25.57  ? 447 HOH   A O   1 
HETATM 1293 O  O   . HOH   J 6 .   ? 3.850   7.279   -13.668 1.00 26.70  ? 448 HOH   A O   1 
HETATM 1294 O  O   . HOH   J 6 .   ? -4.142  -10.377 -0.902  1.00 24.63  ? 449 HOH   A O   1 
HETATM 1295 O  O   . HOH   J 6 .   ? -7.224  -13.174 3.510   1.00 37.53  ? 450 HOH   A O   1 
HETATM 1296 O  O   . HOH   J 6 .   ? 4.950   -3.956  17.299  1.00 39.52  ? 451 HOH   A O   1 
HETATM 1297 O  O   . HOH   J 6 .   ? 2.133   -7.526  -15.768 1.00 31.56  ? 452 HOH   A O   1 
HETATM 1298 O  O   . HOH   J 6 .   ? -0.809  13.066  1.092   1.00 36.39  ? 453 HOH   A O   1 
HETATM 1299 O  O   . HOH   J 6 .   ? -3.719  -8.640  -3.157  1.00 17.74  ? 454 HOH   A O   1 
HETATM 1300 O  O   . HOH   J 6 .   ? 10.890  8.077   -13.646 1.00 32.90  ? 455 HOH   A O   1 
HETATM 1301 O  O   . HOH   J 6 .   ? 7.601   -8.611  3.251   1.00 23.10  ? 456 HOH   A O   1 
HETATM 1302 O  O   . HOH   J 6 .   ? 13.468  2.614   8.707   1.00 26.04  ? 457 HOH   A O   1 
HETATM 1303 O  O   . HOH   J 6 .   ? -11.362 -13.522 7.667   1.00 35.26  ? 458 HOH   A O   1 
HETATM 1304 O  O   . HOH   J 6 .   ? -15.379 4.160   2.418   1.00 25.40  ? 459 HOH   A O   1 
HETATM 1305 O  O   . HOH   J 6 .   ? 1.406   1.928   -12.094 1.00 16.41  ? 460 HOH   A O   1 
HETATM 1306 O  O   . HOH   J 6 .   ? -1.013  -12.091 9.598   1.00 29.20  ? 461 HOH   A O   1 
HETATM 1307 O  O   . HOH   J 6 .   ? 2.933   1.723   -16.070 1.00 33.95  ? 462 HOH   A O   1 
HETATM 1308 O  O   . HOH   J 6 .   ? -7.023  8.924   11.144  1.00 25.42  ? 463 HOH   A O   1 
HETATM 1309 O  O   . HOH   J 6 .   ? -0.244  -10.904 2.234   1.00 26.95  ? 464 HOH   A O   1 
HETATM 1310 O  O   . HOH   J 6 .   ? 17.821  4.119   1.676   1.00 33.35  ? 465 HOH   A O   1 
HETATM 1311 O  O   . HOH   J 6 .   ? -0.853  -8.962  -12.336 1.00 41.53  ? 466 HOH   A O   1 
HETATM 1312 O  O   . HOH   J 6 .   ? 16.342  2.668   11.236  1.00 46.72  ? 467 HOH   A O   1 
HETATM 1313 O  O   . HOH   J 6 .   ? -22.056 -12.118 -0.092  1.00 30.69  ? 468 HOH   A O   1 
HETATM 1314 O  O   . HOH   J 6 .   ? -13.222 -12.065 -6.219  1.00 31.09  ? 469 HOH   A O   1 
HETATM 1315 O  O   . HOH   J 6 .   ? -17.739 -4.906  7.532   1.00 38.87  ? 470 HOH   A O   1 
HETATM 1316 O  O   . HOH   J 6 .   ? -15.202 -11.285 7.915   1.00 50.25  ? 471 HOH   A O   1 
HETATM 1317 O  O   . HOH   J 6 .   ? -6.666  -11.962 -2.320  1.00 34.08  ? 472 HOH   A O   1 
HETATM 1318 O  O   . HOH   J 6 .   ? -2.109  20.615  -15.498 1.00 39.29  ? 473 HOH   A O   1 
HETATM 1319 O  O   . HOH   J 6 .   ? -10.230 -11.615 16.954  1.00 46.51  ? 474 HOH   A O   1 
HETATM 1320 O  O   . HOH   J 6 .   ? 2.359   -0.749  -12.601 1.00 27.28  ? 475 HOH   A O   1 
HETATM 1321 O  O   . HOH   J 6 .   ? 8.851   -4.410  10.281  1.00 41.86  ? 476 HOH   A O   1 
HETATM 1322 O  O   . HOH   J 6 .   ? -9.275  8.243   -11.014 1.00 28.16  ? 477 HOH   A O   1 
HETATM 1323 O  O   . HOH   J 6 .   ? 14.423  -12.436 0.102   1.00 34.87  ? 478 HOH   A O   1 
HETATM 1324 O  O   . HOH   J 6 .   ? -7.640  8.732   8.420   1.00 39.01  ? 479 HOH   A O   1 
HETATM 1325 O  O   . HOH   J 6 .   ? -2.514  -1.063  18.814  1.00 54.13  ? 480 HOH   A O   1 
HETATM 1326 O  O   . HOH   J 6 .   ? -7.298  12.389  -7.225  1.00 42.15  ? 481 HOH   A O   1 
HETATM 1327 O  O   . HOH   J 6 .   ? -8.354  -13.145 -0.758  1.00 39.34  ? 482 HOH   A O   1 
HETATM 1328 O  O   . HOH   J 6 .   ? -9.772  -8.712  -8.276  1.00 49.32  ? 483 HOH   A O   1 
HETATM 1329 O  O   . HOH   J 6 .   ? 4.911   -6.476  -16.484 1.00 32.41  ? 484 HOH   A O   1 
HETATM 1330 O  O   . HOH   J 6 .   ? 5.727   -1.902  -15.320 1.00 55.88  ? 485 HOH   A O   1 
HETATM 1331 O  O   . HOH   J 6 .   ? 11.232  8.850   11.524  1.00 23.83  ? 486 HOH   A O   1 
HETATM 1332 O  O   . HOH   J 6 .   ? 5.052   5.060   -15.351 1.00 41.81  ? 487 HOH   A O   1 
HETATM 1333 O  O   . HOH   J 6 .   ? -16.006 4.578   4.690   1.00 39.53  ? 488 HOH   A O   1 
HETATM 1334 O  O   . HOH   J 6 .   ? -12.126 7.161   7.462   1.00 42.61  ? 489 HOH   A O   1 
HETATM 1335 O  O   . HOH   J 6 .   ? 12.699  10.360  9.959   1.00 35.32  ? 490 HOH   A O   1 
HETATM 1336 O  O   . HOH   J 6 .   ? 8.890   -21.280 -6.866  1.00 52.81  ? 491 HOH   A O   1 
HETATM 1337 O  O   . HOH   J 6 .   ? 3.906   4.042   -17.272 1.00 49.41  ? 492 HOH   A O   1 
HETATM 1338 O  O   . HOH   J 6 .   ? -9.418  -13.886 16.962  1.00 32.04  ? 493 HOH   A O   1 
HETATM 1339 O  O   . HOH   J 6 .   ? -7.571  12.933  -4.602  1.00 36.87  ? 494 HOH   A O   1 
HETATM 1340 O  O   . HOH   J 6 .   ? -1.968  -8.102  -10.195 1.00 43.18  ? 495 HOH   A O   1 
HETATM 1341 O  O   . HOH   J 6 .   ? -3.765  17.264  -9.589  1.00 51.37  ? 496 HOH   A O   1 
HETATM 1342 O  O   . HOH   J 6 .   ? -3.347  -12.901 9.678   1.00 43.20  ? 497 HOH   A O   1 
HETATM 1343 O  O   . HOH   J 6 .   ? -8.863  8.402   12.855  1.00 30.19  ? 498 HOH   A O   1 
HETATM 1344 O  O   . HOH   J 6 .   ? 16.048  -3.233  -8.875  1.00 29.48  ? 499 HOH   A O   1 
HETATM 1345 O  O   . HOH   J 6 .   ? 5.519   -6.750  17.878  1.00 36.76  ? 500 HOH   A O   1 
HETATM 1346 O  O   . HOH   J 6 .   ? 13.928  2.260   -16.642 1.00 48.17  ? 501 HOH   A O   1 
HETATM 1347 O  O   . HOH   J 6 .   ? 0.475   5.299   -21.060 1.00 66.16  ? 502 HOH   A O   1 
HETATM 1348 O  O   . HOH   J 6 .   ? -8.139  11.246  -14.711 1.00 35.61  ? 503 HOH   A O   1 
HETATM 1349 O  O   . HOH   J 6 .   ? -7.409  -12.783 8.196   1.00 40.65  ? 504 HOH   A O   1 
HETATM 1350 O  O   . HOH   J 6 .   ? 3.010   -0.523  -14.794 1.00 35.78  ? 505 HOH   A O   1 
HETATM 1351 O  O   . HOH   J 6 .   ? 7.752   8.145   -13.233 1.00 32.79  ? 506 HOH   A O   1 
HETATM 1352 O  O   . HOH   J 6 .   ? -9.327  8.910   5.000   1.00 48.76  ? 507 HOH   A O   1 
HETATM 1353 O  O   . HOH   J 6 .   ? -10.486 -16.843 14.687  1.00 45.12  ? 508 HOH   A O   1 
HETATM 1354 O  O   . HOH   J 6 .   ? -8.351  -12.090 5.435   1.00 52.18  ? 509 HOH   A O   1 
HETATM 1355 O  O   . HOH   J 6 .   ? 12.800  8.312   13.690  1.00 46.43  ? 510 HOH   A O   1 
HETATM 1356 O  O   . HOH   J 6 .   ? 13.644  2.065   18.416  1.00 50.41  ? 511 HOH   A O   1 
HETATM 1357 O  O   . HOH   J 6 .   ? 0.941   11.773  5.479   1.00 27.10  ? 512 HOH   A O   1 
HETATM 1358 O  O   . HOH   J 6 .   ? 4.450   6.621   -20.188 1.00 52.37  ? 513 HOH   A O   1 
HETATM 1359 O  O   . HOH   J 6 .   ? -10.405 -1.384  -9.727  1.00 28.93  ? 514 HOH   A O   1 
HETATM 1360 O  O   . HOH   J 6 .   ? 6.330   10.125  -11.711 1.00 26.18  ? 515 HOH   A O   1 
HETATM 1361 O  O   . HOH   J 6 .   ? -3.376  -10.941 -14.201 1.00 43.44  ? 516 HOH   A O   1 
HETATM 1362 O  O   . HOH   J 6 .   ? -22.200 -11.320 2.725   1.00 34.39  ? 517 HOH   A O   1 
HETATM 1363 O  O   . HOH   J 6 .   ? 18.675  -3.734  -8.014  1.00 39.41  ? 518 HOH   A O   1 
HETATM 1364 O  O   . HOH   J 6 .   ? 3.540   13.762  4.996   1.00 38.16  ? 519 HOH   A O   1 
HETATM 1365 O  O   . HOH   J 6 .   ? -4.397  -10.234 -5.234  1.00 24.40  ? 520 HOH   A O   1 
HETATM 1366 O  O   . HOH   J 6 .   ? 19.283  -1.712  -3.972  1.00 36.46  ? 521 HOH   A O   1 
HETATM 1367 O  O   . HOH   J 6 .   ? -2.956  7.229   -21.280 1.00 40.41  ? 522 HOH   A O   1 
HETATM 1368 O  O   . HOH   J 6 .   ? 4.161   3.990   -19.730 1.00 40.94  ? 523 HOH   A O   1 
HETATM 1369 O  O   . HOH   J 6 .   ? -3.328  -10.623 -8.053  1.00 36.93  ? 524 HOH   A O   1 
HETATM 1370 O  O   . HOH   J 6 .   ? -6.076  -12.379 22.560  1.00 47.05  ? 525 HOH   A O   1 
HETATM 1371 O  O   . HOH   J 6 .   ? 6.097   0.285   -18.137 1.00 51.40  ? 526 HOH   A O   1 
HETATM 1372 O  O   . HOH   J 6 .   ? -8.566  -12.581 -6.365  1.00 42.38  ? 527 HOH   A O   1 
HETATM 1373 O  O   . HOH   J 6 .   ? 19.597  -3.901  -2.803  1.00 40.30  ? 528 HOH   A O   1 
HETATM 1374 O  O   . HOH   J 6 .   ? 19.604  -5.993  -4.239  1.00 30.86  ? 529 HOH   A O   1 
HETATM 1375 O  O   . HOH   J 6 .   ? -11.394 8.241   12.362  1.00 36.88  ? 530 HOH   A O   1 
HETATM 1376 O  O   . HOH   J 6 .   ? -12.844 5.815   13.228  1.00 44.42  ? 531 HOH   A O   1 
HETATM 1377 O  O   . HOH   J 6 .   ? -4.174  -9.600  -10.482 1.00 35.60  ? 532 HOH   A O   1 
HETATM 1378 O  O   . HOH   J 6 .   ? -6.691  15.246  -8.738  1.00 47.94  ? 533 HOH   A O   1 
HETATM 1379 O  O   . HOH   J 6 .   ? -6.038  18.698  -6.799  1.00 43.95  ? 534 HOH   A O   1 
# 
